data_2LVA
#
_entry.id   2LVA
#
_entity_poly.entity_id   1
_entity_poly.type   'polypeptide(L)'
_entity_poly.pdbx_seq_one_letter_code
;MHHHHHHSSGRENLYFQGQMLLNQLREITGIQDPSFLHEALKASNGDITQAVSLLTDERVKEPSQDTVATEPSEVEGSAA
NKEVLAKVIDLTHDNKDDLQAAIALSLLESPKIQADGRDLNRMHEATSA
;
_entity_poly.pdbx_strand_id   A
#
# COMPACT_ATOMS: atom_id res chain seq x y z
N GLN A 19 -13.07 -10.50 -25.54
CA GLN A 19 -13.05 -9.85 -24.21
C GLN A 19 -12.05 -10.59 -23.26
N MET A 20 -11.30 -11.57 -23.83
CA MET A 20 -10.51 -12.56 -23.07
C MET A 20 -9.53 -11.92 -22.07
N LEU A 21 -8.77 -10.89 -22.50
CA LEU A 21 -7.75 -10.23 -21.65
C LEU A 21 -8.38 -9.55 -20.40
N LEU A 22 -9.58 -8.93 -20.58
CA LEU A 22 -10.31 -8.30 -19.46
C LEU A 22 -10.80 -9.37 -18.48
N ASN A 23 -11.35 -10.46 -19.05
CA ASN A 23 -11.95 -11.57 -18.27
C ASN A 23 -10.89 -12.30 -17.45
N GLN A 24 -9.77 -12.62 -18.12
CA GLN A 24 -8.61 -13.32 -17.53
C GLN A 24 -8.04 -12.53 -16.37
N LEU A 25 -7.65 -11.25 -16.62
CA LEU A 25 -7.07 -10.37 -15.60
C LEU A 25 -8.01 -10.23 -14.39
N ARG A 26 -9.30 -9.95 -14.66
CA ARG A 26 -10.36 -9.79 -13.63
C ARG A 26 -10.44 -11.02 -12.72
N GLU A 27 -10.35 -12.20 -13.35
CA GLU A 27 -10.45 -13.50 -12.68
C GLU A 27 -9.25 -13.71 -11.73
N ILE A 28 -8.03 -13.37 -12.21
CA ILE A 28 -6.77 -13.66 -11.51
C ILE A 28 -6.22 -12.45 -10.70
N THR A 29 -6.96 -11.32 -10.66
CA THR A 29 -6.65 -10.18 -9.76
C THR A 29 -7.78 -10.00 -8.73
N GLY A 30 -9.02 -9.97 -9.24
CA GLY A 30 -10.21 -9.81 -8.42
C GLY A 30 -10.89 -8.46 -8.67
N ILE A 31 -10.20 -7.58 -9.40
CA ILE A 31 -10.68 -6.22 -9.72
C ILE A 31 -11.84 -6.29 -10.73
N GLN A 32 -13.00 -5.77 -10.31
CA GLN A 32 -14.25 -5.83 -11.08
C GLN A 32 -14.37 -4.64 -12.05
N ASP A 33 -13.61 -3.56 -11.80
CA ASP A 33 -13.63 -2.35 -12.62
C ASP A 33 -12.97 -2.61 -13.99
N PRO A 34 -13.75 -2.54 -15.12
CA PRO A 34 -13.23 -2.89 -16.47
C PRO A 34 -12.10 -1.94 -16.95
N SER A 35 -12.15 -0.67 -16.52
CA SER A 35 -11.15 0.34 -16.91
C SER A 35 -9.79 0.01 -16.30
N PHE A 36 -9.81 -0.39 -15.01
CA PHE A 36 -8.60 -0.74 -14.23
C PHE A 36 -7.85 -1.92 -14.87
N LEU A 37 -8.65 -2.80 -15.51
CA LEU A 37 -8.13 -3.97 -16.22
C LEU A 37 -7.40 -3.56 -17.50
N HIS A 38 -8.05 -2.68 -18.30
CA HIS A 38 -7.43 -2.07 -19.49
C HIS A 38 -6.12 -1.35 -19.12
N GLU A 39 -6.17 -0.55 -18.05
CA GLU A 39 -5.05 0.32 -17.64
C GLU A 39 -3.86 -0.49 -17.13
N ALA A 40 -4.13 -1.69 -16.58
CA ALA A 40 -3.07 -2.64 -16.21
C ALA A 40 -2.39 -3.21 -17.46
N LEU A 41 -3.21 -3.63 -18.45
CA LEU A 41 -2.74 -4.11 -19.77
C LEU A 41 -1.96 -2.99 -20.52
N LYS A 42 -2.37 -1.73 -20.28
CA LYS A 42 -1.72 -0.54 -20.85
C LYS A 42 -0.38 -0.25 -20.15
N ALA A 43 -0.35 -0.47 -18.83
CA ALA A 43 0.84 -0.23 -17.98
C ALA A 43 1.93 -1.27 -18.26
N SER A 44 1.50 -2.50 -18.59
CA SER A 44 2.38 -3.64 -18.86
C SER A 44 2.73 -3.72 -20.36
N ASN A 45 2.23 -2.75 -21.17
CA ASN A 45 2.47 -2.66 -22.62
C ASN A 45 1.88 -3.89 -23.38
N GLY A 46 0.97 -4.64 -22.72
CA GLY A 46 0.27 -5.78 -23.32
C GLY A 46 0.40 -7.07 -22.52
N ASP A 47 1.48 -7.19 -21.72
CA ASP A 47 1.81 -8.43 -20.98
C ASP A 47 0.86 -8.60 -19.76
N ILE A 48 -0.10 -9.55 -19.85
CA ILE A 48 -1.19 -9.69 -18.87
C ILE A 48 -0.67 -10.19 -17.49
N THR A 49 0.44 -10.95 -17.50
CA THR A 49 1.10 -11.45 -16.27
C THR A 49 1.69 -10.26 -15.45
N GLN A 50 2.39 -9.35 -16.16
CA GLN A 50 2.90 -8.10 -15.56
C GLN A 50 1.75 -7.22 -15.08
N ALA A 51 0.64 -7.22 -15.84
CA ALA A 51 -0.58 -6.47 -15.50
C ALA A 51 -1.15 -6.91 -14.13
N VAL A 52 -1.13 -8.25 -13.89
CA VAL A 52 -1.51 -8.82 -12.58
C VAL A 52 -0.58 -8.30 -11.48
N SER A 53 0.75 -8.41 -11.73
CA SER A 53 1.81 -8.01 -10.77
C SER A 53 1.65 -6.53 -10.33
N LEU A 54 1.27 -5.69 -11.30
CA LEU A 54 1.10 -4.24 -11.10
C LEU A 54 -0.17 -3.93 -10.30
N LEU A 55 -1.25 -4.70 -10.53
CA LEU A 55 -2.52 -4.55 -9.78
C LEU A 55 -2.40 -5.10 -8.36
N THR A 56 -1.60 -6.17 -8.20
CA THR A 56 -1.37 -6.82 -6.90
C THR A 56 -0.28 -6.10 -6.09
N ASP A 57 0.18 -4.92 -6.57
CA ASP A 57 1.11 -4.04 -5.83
C ASP A 57 0.51 -3.61 -4.47
N GLU A 58 -0.84 -3.66 -4.37
CA GLU A 58 -1.57 -3.43 -3.10
C GLU A 58 -1.12 -4.40 -1.96
N ARG A 59 -0.51 -5.54 -2.34
CA ARG A 59 0.02 -6.55 -1.39
C ARG A 59 1.49 -6.91 -1.71
N VAL A 60 2.09 -6.25 -2.73
CA VAL A 60 3.52 -6.46 -3.11
C VAL A 60 4.38 -5.23 -2.66
N LYS A 61 3.70 -4.12 -2.33
CA LYS A 61 4.34 -2.82 -1.94
C LYS A 61 5.27 -2.96 -0.70
N GLU A 62 4.92 -3.93 0.16
CA GLU A 62 5.59 -4.17 1.45
C GLU A 62 7.11 -4.47 1.27
N PRO A 63 8.05 -3.81 2.06
CA PRO A 63 7.73 -2.86 3.15
C PRO A 63 7.17 -1.51 2.64
N SER A 64 6.06 -1.07 3.25
CA SER A 64 5.31 0.13 2.83
C SER A 64 6.07 1.43 3.20
N GLN A 65 5.42 2.59 2.99
CA GLN A 65 5.98 3.92 3.29
C GLN A 65 6.03 4.16 4.81
N ASP A 66 6.45 5.39 5.21
CA ASP A 66 6.60 5.77 6.62
C ASP A 66 5.26 5.73 7.39
N THR A 67 4.99 4.57 8.01
CA THR A 67 3.90 4.39 8.97
C THR A 67 4.53 4.41 10.37
N VAL A 68 4.76 5.62 10.90
CA VAL A 68 5.53 5.83 12.13
C VAL A 68 4.88 5.12 13.33
N ALA A 69 5.57 4.08 13.84
CA ALA A 69 5.10 3.24 14.95
C ALA A 69 5.26 3.98 16.30
N THR A 70 4.41 5.00 16.49
CA THR A 70 4.48 5.88 17.66
C THR A 70 3.05 6.28 18.07
N GLU A 71 2.66 5.86 19.28
CA GLU A 71 1.37 6.18 19.89
C GLU A 71 1.47 7.57 20.56
N PRO A 72 0.58 8.55 20.21
CA PRO A 72 0.52 9.89 20.86
C PRO A 72 0.48 9.83 22.40
N SER A 73 1.44 10.52 23.04
CA SER A 73 1.53 10.61 24.50
C SER A 73 0.29 11.32 25.08
N GLU A 74 -0.47 10.58 25.92
CA GLU A 74 -1.67 11.11 26.61
C GLU A 74 -1.31 12.32 27.51
N VAL A 75 -0.06 12.37 28.02
CA VAL A 75 0.45 13.51 28.79
C VAL A 75 1.30 14.40 27.85
N GLU A 76 0.76 15.59 27.51
CA GLU A 76 1.45 16.58 26.66
C GLU A 76 1.79 17.83 27.50
N GLY A 77 3.04 17.88 27.99
CA GLY A 77 3.54 19.04 28.76
C GLY A 77 3.74 20.28 27.89
N SER A 78 3.99 20.04 26.59
CA SER A 78 4.14 21.09 25.58
C SER A 78 2.76 21.70 25.23
N ALA A 79 2.31 22.65 26.07
CA ALA A 79 1.03 23.35 25.91
C ALA A 79 1.18 24.50 24.92
N ALA A 80 2.37 25.13 24.93
CA ALA A 80 2.73 26.19 23.98
C ALA A 80 3.00 25.56 22.60
N ASN A 81 1.97 25.60 21.72
CA ASN A 81 2.06 25.13 20.33
C ASN A 81 3.08 25.99 19.53
N LYS A 82 3.22 27.26 19.97
CA LYS A 82 4.24 28.17 19.45
C LYS A 82 5.64 27.74 19.93
N GLU A 83 6.48 27.31 18.97
CA GLU A 83 7.89 26.96 19.22
C GLU A 83 8.79 28.09 18.68
N VAL A 84 9.34 28.91 19.57
CA VAL A 84 10.32 29.94 19.20
C VAL A 84 11.74 29.38 19.45
N LEU A 85 12.32 28.78 18.40
CA LEU A 85 13.68 28.28 18.43
C LEU A 85 14.60 29.44 18.02
N ALA A 86 15.09 30.18 19.04
CA ALA A 86 15.98 31.32 18.83
C ALA A 86 17.30 31.08 19.57
N LYS A 87 18.34 30.66 18.82
CA LYS A 87 19.67 30.33 19.39
C LYS A 87 20.36 31.58 19.99
N VAL A 88 21.33 31.33 20.87
CA VAL A 88 22.14 32.40 21.51
C VAL A 88 23.64 32.21 21.16
N ILE A 89 23.88 31.71 19.92
CA ILE A 89 25.23 31.41 19.40
C ILE A 89 25.82 32.65 18.66
N ASP A 90 25.39 33.85 19.08
CA ASP A 90 25.88 35.13 18.55
C ASP A 90 27.26 35.45 19.14
N LEU A 91 28.32 34.88 18.53
CA LEU A 91 29.72 35.14 18.93
C LEU A 91 30.23 36.43 18.27
N THR A 92 29.50 37.53 18.54
CA THR A 92 29.86 38.87 18.07
C THR A 92 31.00 39.42 18.94
N HIS A 93 32.21 38.91 18.65
CA HIS A 93 33.44 39.25 19.37
C HIS A 93 33.96 40.60 18.86
N ASP A 94 33.76 40.85 17.53
CA ASP A 94 34.04 42.13 16.82
C ASP A 94 35.37 42.82 17.19
N ASN A 95 36.37 42.02 17.60
CA ASN A 95 37.66 42.54 18.09
C ASN A 95 38.41 43.27 16.96
N LYS A 96 38.58 44.58 17.13
CA LYS A 96 39.28 45.46 16.18
C LYS A 96 40.78 45.15 16.16
N ASP A 97 41.45 45.47 15.04
CA ASP A 97 42.89 45.26 14.87
C ASP A 97 43.71 46.29 15.69
N ASP A 98 43.04 47.36 16.13
CA ASP A 98 43.68 48.47 16.85
C ASP A 98 44.27 47.99 18.20
N LEU A 99 43.43 47.48 19.13
CA LEU A 99 43.92 47.04 20.47
C LEU A 99 44.76 45.75 20.35
N GLN A 100 44.45 44.91 19.33
CA GLN A 100 45.18 43.66 19.07
C GLN A 100 46.62 43.96 18.70
N ALA A 101 46.81 44.83 17.70
CA ALA A 101 48.14 45.23 17.22
C ALA A 101 48.86 46.13 18.23
N ALA A 102 48.09 46.81 19.11
CA ALA A 102 48.66 47.64 20.19
C ALA A 102 49.34 46.77 21.27
N ILE A 103 48.58 45.79 21.79
CA ILE A 103 49.07 44.82 22.79
C ILE A 103 50.20 43.96 22.17
N ALA A 104 49.98 43.52 20.91
CA ALA A 104 50.93 42.69 20.15
C ALA A 104 52.28 43.43 19.96
N LEU A 105 52.21 44.73 19.66
CA LEU A 105 53.39 45.62 19.48
C LEU A 105 54.14 45.78 20.82
N SER A 106 53.37 46.01 21.88
CA SER A 106 53.90 46.21 23.24
C SER A 106 54.60 44.93 23.77
N LEU A 107 54.06 43.77 23.38
CA LEU A 107 54.62 42.46 23.76
C LEU A 107 55.83 42.09 22.86
N LEU A 108 55.85 42.61 21.60
CA LEU A 108 56.98 42.39 20.66
C LEU A 108 58.23 43.19 21.07
N GLU A 109 58.02 44.39 21.65
CA GLU A 109 59.13 45.25 22.12
C GLU A 109 59.59 44.88 23.54
N SER A 110 59.15 43.70 24.06
CA SER A 110 59.57 43.16 25.37
C SER A 110 61.12 43.12 25.47
N PRO A 111 61.75 43.85 26.46
CA PRO A 111 63.23 43.97 26.57
C PRO A 111 63.98 42.62 26.68
N LYS A 112 65.27 42.65 26.33
CA LYS A 112 66.17 41.48 26.46
C LYS A 112 66.56 41.25 27.94
N ILE A 113 66.12 42.16 28.83
CA ILE A 113 66.18 41.98 30.29
C ILE A 113 65.28 40.80 30.68
N GLN A 114 65.90 39.68 31.08
CA GLN A 114 65.17 38.44 31.44
C GLN A 114 65.04 38.29 32.97
N ALA A 115 65.39 39.34 33.73
CA ALA A 115 65.35 39.30 35.20
C ALA A 115 65.25 40.71 35.80
N ASP A 116 64.01 41.24 35.84
CA ASP A 116 63.62 42.50 36.56
C ASP A 116 64.30 43.77 35.98
N GLY A 117 65.62 43.92 36.20
CA GLY A 117 66.39 45.05 35.70
C GLY A 117 67.89 44.80 35.73
N ARG A 118 68.37 43.99 34.79
CA ARG A 118 69.82 43.64 34.66
C ARG A 118 70.54 44.55 33.65
N ASP A 119 69.99 45.76 33.45
CA ASP A 119 70.62 46.82 32.63
C ASP A 119 71.97 47.21 33.23
N LEU A 120 71.99 47.29 34.58
CA LEU A 120 73.14 47.70 35.38
C LEU A 120 74.07 46.50 35.67
N ASN A 121 74.21 45.59 34.68
CA ASN A 121 75.23 44.54 34.69
C ASN A 121 76.63 45.19 34.66
N ARG A 122 77.50 44.79 35.59
CA ARG A 122 78.87 45.33 35.74
C ARG A 122 78.83 46.84 36.12
N MET A 123 77.87 47.21 36.98
CA MET A 123 77.77 48.58 37.55
C MET A 123 78.88 48.83 38.58
N HIS A 124 79.10 50.11 38.91
CA HIS A 124 80.02 50.53 39.97
C HIS A 124 79.21 51.36 40.99
N GLU A 125 78.88 50.73 42.14
CA GLU A 125 78.02 51.34 43.18
C GLU A 125 78.68 52.58 43.83
N ALA A 126 80.02 52.60 43.84
CA ALA A 126 80.85 53.72 44.33
C ALA A 126 80.71 53.95 45.84
N THR A 127 80.45 52.85 46.59
CA THR A 127 80.41 52.90 48.06
C THR A 127 81.86 52.96 48.61
N SER A 128 82.35 54.20 48.81
CA SER A 128 83.72 54.47 49.30
C SER A 128 83.82 54.23 50.82
N ALA A 129 84.18 53.00 51.19
CA ALA A 129 84.32 52.56 52.59
C ALA A 129 85.70 51.86 52.77
N GLN A 19 -13.22 -9.95 -24.90
CA GLN A 19 -12.55 -9.33 -23.75
C GLN A 19 -11.73 -10.38 -22.98
N MET A 20 -11.13 -11.35 -23.72
CA MET A 20 -10.35 -12.45 -23.12
C MET A 20 -9.31 -11.95 -22.11
N LEU A 21 -8.61 -10.87 -22.48
CA LEU A 21 -7.54 -10.25 -21.65
C LEU A 21 -8.12 -9.54 -20.40
N LEU A 22 -9.30 -8.87 -20.55
CA LEU A 22 -9.99 -8.18 -19.44
C LEU A 22 -10.47 -9.19 -18.40
N ASN A 23 -11.21 -10.19 -18.90
CA ASN A 23 -11.85 -11.25 -18.08
C ASN A 23 -10.81 -12.14 -17.39
N GLN A 24 -9.74 -12.48 -18.13
CA GLN A 24 -8.59 -13.22 -17.56
C GLN A 24 -7.99 -12.44 -16.39
N LEU A 25 -7.68 -11.14 -16.63
CA LEU A 25 -7.10 -10.28 -15.59
C LEU A 25 -8.06 -10.11 -14.40
N ARG A 26 -9.36 -10.02 -14.73
CA ARG A 26 -10.45 -9.78 -13.75
C ARG A 26 -10.53 -10.94 -12.74
N GLU A 27 -10.35 -12.16 -13.29
CA GLU A 27 -10.44 -13.41 -12.52
C GLU A 27 -9.12 -13.75 -11.79
N ILE A 28 -7.97 -13.16 -12.23
CA ILE A 28 -6.66 -13.35 -11.53
C ILE A 28 -6.30 -12.17 -10.59
N THR A 29 -7.08 -11.06 -10.63
CA THR A 29 -6.91 -9.90 -9.71
C THR A 29 -8.06 -9.84 -8.69
N GLY A 30 -9.29 -9.95 -9.23
CA GLY A 30 -10.52 -9.81 -8.45
C GLY A 30 -11.28 -8.53 -8.81
N ILE A 31 -10.58 -7.58 -9.49
CA ILE A 31 -11.11 -6.25 -9.83
C ILE A 31 -12.16 -6.37 -10.95
N GLN A 32 -13.44 -6.19 -10.59
CA GLN A 32 -14.59 -6.29 -11.52
C GLN A 32 -14.75 -5.02 -12.38
N ASP A 33 -13.88 -4.02 -12.15
CA ASP A 33 -13.83 -2.78 -12.93
C ASP A 33 -12.91 -2.96 -14.15
N PRO A 34 -13.48 -3.12 -15.41
CA PRO A 34 -12.68 -3.38 -16.64
C PRO A 34 -11.73 -2.22 -16.99
N SER A 35 -12.08 -0.98 -16.54
CA SER A 35 -11.25 0.23 -16.75
C SER A 35 -9.86 0.09 -16.12
N PHE A 36 -9.82 -0.44 -14.87
CA PHE A 36 -8.57 -0.61 -14.11
C PHE A 36 -7.71 -1.72 -14.71
N LEU A 37 -8.40 -2.69 -15.33
CA LEU A 37 -7.78 -3.81 -16.03
C LEU A 37 -7.13 -3.32 -17.35
N HIS A 38 -7.81 -2.37 -18.03
CA HIS A 38 -7.26 -1.69 -19.22
C HIS A 38 -5.99 -0.90 -18.88
N GLU A 39 -6.01 -0.17 -17.74
CA GLU A 39 -4.87 0.61 -17.25
C GLU A 39 -3.65 -0.28 -16.97
N ALA A 40 -3.90 -1.46 -16.39
CA ALA A 40 -2.86 -2.46 -16.12
C ALA A 40 -2.29 -3.04 -17.43
N LEU A 41 -3.19 -3.37 -18.37
CA LEU A 41 -2.84 -3.95 -19.71
C LEU A 41 -2.13 -2.90 -20.60
N LYS A 42 -2.42 -1.61 -20.33
CA LYS A 42 -1.79 -0.47 -21.03
C LYS A 42 -0.36 -0.26 -20.50
N ALA A 43 -0.21 -0.34 -19.15
CA ALA A 43 1.06 -0.13 -18.45
C ALA A 43 2.04 -1.27 -18.76
N SER A 44 1.49 -2.50 -18.88
CA SER A 44 2.26 -3.71 -19.18
C SER A 44 2.40 -3.93 -20.70
N ASN A 45 1.74 -3.07 -21.49
CA ASN A 45 1.80 -3.06 -22.98
C ASN A 45 1.22 -4.35 -23.59
N GLY A 46 0.33 -5.01 -22.83
CA GLY A 46 -0.38 -6.22 -23.28
C GLY A 46 0.08 -7.47 -22.57
N ASP A 47 1.09 -7.35 -21.68
CA ASP A 47 1.62 -8.49 -20.91
C ASP A 47 0.76 -8.67 -19.63
N ILE A 48 -0.17 -9.63 -19.68
CA ILE A 48 -1.17 -9.83 -18.62
C ILE A 48 -0.52 -10.29 -17.28
N THR A 49 0.66 -10.92 -17.37
CA THR A 49 1.44 -11.36 -16.20
C THR A 49 1.97 -10.13 -15.43
N GLN A 50 2.53 -9.16 -16.16
CA GLN A 50 3.01 -7.89 -15.59
C GLN A 50 1.83 -7.01 -15.11
N ALA A 51 0.67 -7.16 -15.79
CA ALA A 51 -0.55 -6.39 -15.47
C ALA A 51 -1.09 -6.76 -14.07
N VAL A 52 -1.27 -8.08 -13.83
CA VAL A 52 -1.73 -8.60 -12.51
C VAL A 52 -0.68 -8.30 -11.44
N SER A 53 0.61 -8.44 -11.82
CA SER A 53 1.74 -8.14 -10.93
C SER A 53 1.63 -6.73 -10.38
N LEU A 54 1.36 -5.74 -11.26
CA LEU A 54 1.21 -4.31 -10.87
C LEU A 54 0.01 -4.12 -9.93
N LEU A 55 -1.13 -4.75 -10.29
CA LEU A 55 -2.38 -4.64 -9.50
C LEU A 55 -2.30 -5.39 -8.15
N THR A 56 -1.29 -6.28 -7.98
CA THR A 56 -1.07 -7.01 -6.70
C THR A 56 0.30 -6.65 -6.06
N ASP A 57 1.07 -5.75 -6.70
CA ASP A 57 2.34 -5.23 -6.13
C ASP A 57 2.05 -4.14 -5.09
N GLU A 58 0.97 -3.39 -5.35
CA GLU A 58 0.54 -2.25 -4.51
C GLU A 58 -0.01 -2.71 -3.13
N ARG A 59 -0.26 -4.03 -2.96
CA ARG A 59 -0.70 -4.61 -1.66
C ARG A 59 0.51 -5.14 -0.86
N VAL A 60 1.54 -5.64 -1.58
CA VAL A 60 2.78 -6.20 -0.99
C VAL A 60 3.90 -5.15 -1.02
N LYS A 61 3.50 -3.88 -1.17
CA LYS A 61 4.38 -2.71 -1.11
C LYS A 61 5.11 -2.64 0.25
N GLU A 62 6.43 -2.85 0.22
CA GLU A 62 7.33 -2.55 1.35
C GLU A 62 7.20 -1.06 1.80
N PRO A 63 7.05 -0.75 3.12
CA PRO A 63 7.00 -1.75 4.22
C PRO A 63 5.61 -2.44 4.36
N SER A 64 5.63 -3.78 4.38
CA SER A 64 4.45 -4.62 4.60
C SER A 64 4.87 -5.96 5.20
N GLN A 65 3.94 -6.63 5.88
CA GLN A 65 4.17 -7.96 6.47
C GLN A 65 2.87 -8.77 6.44
N ASP A 66 2.85 -9.83 5.61
CA ASP A 66 1.76 -10.82 5.58
C ASP A 66 2.28 -12.10 4.90
N THR A 67 1.62 -13.23 5.16
CA THR A 67 2.07 -14.54 4.68
C THR A 67 1.42 -14.91 3.33
N VAL A 68 1.97 -15.95 2.66
CA VAL A 68 1.50 -16.41 1.35
C VAL A 68 0.31 -17.39 1.53
N ALA A 69 -0.90 -16.93 1.19
CA ALA A 69 -2.13 -17.77 1.20
C ALA A 69 -2.42 -18.32 -0.21
N THR A 70 -1.65 -17.88 -1.21
CA THR A 70 -1.75 -18.37 -2.58
C THR A 70 -0.82 -19.59 -2.76
N GLU A 71 -1.40 -20.80 -2.73
CA GLU A 71 -0.65 -22.07 -2.91
C GLU A 71 -0.41 -22.34 -4.40
N PRO A 72 0.90 -22.47 -4.85
CA PRO A 72 1.25 -22.93 -6.21
C PRO A 72 1.06 -24.46 -6.35
N SER A 73 -0.22 -24.89 -6.36
CA SER A 73 -0.61 -26.30 -6.44
C SER A 73 -0.40 -26.84 -7.87
N GLU A 74 0.85 -27.22 -8.15
CA GLU A 74 1.25 -27.77 -9.46
C GLU A 74 1.36 -29.29 -9.33
N VAL A 75 0.21 -29.97 -9.46
CA VAL A 75 0.08 -31.43 -9.23
C VAL A 75 -0.59 -32.10 -10.45
N GLU A 76 -0.09 -33.29 -10.80
CA GLU A 76 -0.62 -34.10 -11.92
C GLU A 76 -1.72 -35.04 -11.38
N GLY A 77 -2.72 -35.31 -12.23
CA GLY A 77 -3.80 -36.27 -11.91
C GLY A 77 -3.63 -37.60 -12.64
N SER A 78 -2.38 -37.94 -12.99
CA SER A 78 -2.03 -39.17 -13.72
C SER A 78 -1.88 -40.35 -12.72
N ALA A 79 -2.96 -41.11 -12.54
CA ALA A 79 -3.02 -42.26 -11.64
C ALA A 79 -3.82 -43.40 -12.29
N ALA A 80 -3.62 -43.58 -13.61
CA ALA A 80 -4.28 -44.63 -14.41
C ALA A 80 -3.62 -45.99 -14.13
N ASN A 81 -4.27 -46.81 -13.29
CA ASN A 81 -3.83 -48.16 -12.94
C ASN A 81 -5.05 -49.11 -12.92
N LYS A 82 -5.21 -49.88 -14.01
CA LYS A 82 -6.32 -50.84 -14.15
C LYS A 82 -6.00 -52.12 -13.35
N GLU A 83 -6.21 -52.03 -12.03
CA GLU A 83 -5.91 -53.12 -11.09
C GLU A 83 -7.18 -53.51 -10.32
N VAL A 84 -7.20 -54.75 -9.83
CA VAL A 84 -8.31 -55.27 -9.00
C VAL A 84 -7.99 -55.03 -7.50
N LEU A 85 -8.99 -54.63 -6.72
CA LEU A 85 -8.85 -54.34 -5.27
C LEU A 85 -9.05 -55.65 -4.45
N ALA A 86 -8.48 -56.76 -4.95
CA ALA A 86 -8.56 -58.07 -4.30
C ALA A 86 -7.39 -58.24 -3.31
N LYS A 87 -7.67 -58.85 -2.16
CA LYS A 87 -6.67 -59.11 -1.11
C LYS A 87 -7.22 -60.15 -0.12
N VAL A 88 -6.30 -60.89 0.51
CA VAL A 88 -6.64 -61.87 1.55
C VAL A 88 -5.77 -61.55 2.79
N ILE A 89 -6.10 -60.42 3.41
CA ILE A 89 -5.48 -59.95 4.66
C ILE A 89 -6.57 -59.92 5.75
N ASP A 90 -6.93 -61.11 6.24
CA ASP A 90 -7.96 -61.27 7.30
C ASP A 90 -7.34 -60.97 8.67
N LEU A 91 -7.17 -59.66 8.95
CA LEU A 91 -6.59 -59.14 10.20
C LEU A 91 -7.72 -58.91 11.24
N THR A 92 -8.99 -58.92 10.74
CA THR A 92 -10.18 -58.73 11.56
C THR A 92 -10.35 -59.90 12.58
N HIS A 93 -9.83 -59.70 13.79
CA HIS A 93 -9.96 -60.66 14.90
C HIS A 93 -11.22 -60.32 15.71
N ASP A 94 -12.08 -61.33 15.92
CA ASP A 94 -13.35 -61.16 16.67
C ASP A 94 -13.17 -61.64 18.11
N ASN A 95 -13.45 -60.73 19.06
CA ASN A 95 -13.40 -61.05 20.50
C ASN A 95 -14.66 -61.83 20.87
N LYS A 96 -14.57 -63.17 20.80
CA LYS A 96 -15.67 -64.10 21.08
C LYS A 96 -16.18 -63.95 22.55
N ASP A 97 -17.49 -64.21 22.74
CA ASP A 97 -18.24 -64.03 24.01
C ASP A 97 -17.67 -64.82 25.21
N ASP A 98 -16.76 -65.78 24.96
CA ASP A 98 -16.15 -66.63 26.00
C ASP A 98 -15.56 -65.82 27.17
N LEU A 99 -14.55 -64.95 26.89
CA LEU A 99 -13.88 -64.18 27.98
C LEU A 99 -14.79 -63.05 28.50
N GLN A 100 -15.73 -62.54 27.66
CA GLN A 100 -16.79 -61.60 28.10
C GLN A 100 -17.64 -62.26 29.22
N ALA A 101 -17.96 -63.55 29.01
CA ALA A 101 -18.79 -64.34 29.94
C ALA A 101 -18.03 -64.62 31.24
N ALA A 102 -16.71 -64.90 31.10
CA ALA A 102 -15.81 -65.16 32.23
C ALA A 102 -15.70 -63.94 33.17
N ILE A 103 -15.49 -62.74 32.57
CA ILE A 103 -15.37 -61.46 33.30
C ILE A 103 -16.71 -61.09 33.97
N ALA A 104 -17.81 -61.20 33.19
CA ALA A 104 -19.18 -60.91 33.66
C ALA A 104 -19.54 -61.76 34.89
N LEU A 105 -19.18 -63.06 34.82
CA LEU A 105 -19.43 -64.02 35.89
C LEU A 105 -18.61 -63.66 37.15
N SER A 106 -17.28 -63.49 36.97
CA SER A 106 -16.32 -63.28 38.09
C SER A 106 -16.51 -61.95 38.82
N LEU A 107 -17.05 -60.94 38.12
CA LEU A 107 -17.27 -59.60 38.69
C LEU A 107 -18.69 -59.48 39.30
N LEU A 108 -19.70 -60.12 38.66
CA LEU A 108 -21.12 -60.02 39.10
C LEU A 108 -21.52 -61.16 40.07
N GLU A 109 -20.58 -62.09 40.37
CA GLU A 109 -20.81 -63.15 41.39
C GLU A 109 -20.74 -62.56 42.83
N SER A 110 -20.61 -63.46 43.82
CA SER A 110 -20.55 -63.10 45.24
C SER A 110 -19.40 -63.87 45.92
N PRO A 111 -18.40 -63.17 46.55
CA PRO A 111 -17.37 -63.82 47.38
C PRO A 111 -18.01 -64.53 48.59
N LYS A 112 -17.92 -65.87 48.62
CA LYS A 112 -18.51 -66.69 49.70
C LYS A 112 -17.52 -66.84 50.89
N ILE A 113 -16.47 -65.98 50.94
CA ILE A 113 -15.47 -65.98 52.01
C ILE A 113 -16.16 -65.67 53.37
N GLN A 114 -16.29 -66.71 54.21
CA GLN A 114 -16.98 -66.61 55.52
C GLN A 114 -15.97 -66.52 56.67
N ALA A 115 -14.89 -67.31 56.55
CA ALA A 115 -13.91 -67.52 57.66
C ALA A 115 -12.88 -66.39 57.77
N ASP A 116 -13.04 -65.30 56.98
CA ASP A 116 -12.07 -64.19 56.85
C ASP A 116 -10.72 -64.72 56.31
N GLY A 117 -10.57 -64.67 54.98
CA GLY A 117 -9.49 -65.39 54.29
C GLY A 117 -9.86 -66.86 54.16
N ARG A 118 -10.27 -67.25 52.92
CA ARG A 118 -10.79 -68.59 52.56
C ARG A 118 -12.22 -68.80 53.11
N ASP A 119 -13.05 -69.48 52.31
CA ASP A 119 -14.46 -69.79 52.64
C ASP A 119 -14.56 -71.13 53.39
N LEU A 120 -13.88 -72.15 52.83
CA LEU A 120 -13.83 -73.51 53.40
C LEU A 120 -12.70 -74.27 52.69
N ASN A 121 -11.79 -74.84 53.49
CA ASN A 121 -10.65 -75.64 53.00
C ASN A 121 -10.37 -76.80 53.97
N ARG A 122 -9.94 -77.94 53.42
CA ARG A 122 -9.65 -79.17 54.18
C ARG A 122 -8.43 -79.88 53.59
N MET A 123 -7.57 -79.10 52.91
CA MET A 123 -6.35 -79.60 52.25
C MET A 123 -5.11 -78.98 52.92
N HIS A 124 -4.12 -79.83 53.28
CA HIS A 124 -2.85 -79.37 53.89
C HIS A 124 -1.75 -79.18 52.82
N GLU A 125 -2.18 -79.09 51.55
CA GLU A 125 -1.28 -78.78 50.43
C GLU A 125 -0.93 -77.27 50.45
N ALA A 126 0.36 -76.94 50.35
CA ALA A 126 0.85 -75.55 50.28
C ALA A 126 1.24 -75.23 48.82
N THR A 127 1.18 -73.93 48.44
CA THR A 127 1.51 -73.48 47.09
C THR A 127 3.00 -73.75 46.78
N SER A 128 3.27 -74.87 46.11
CA SER A 128 4.62 -75.30 45.70
C SER A 128 5.00 -74.68 44.34
N ALA A 129 3.96 -74.24 43.59
CA ALA A 129 4.12 -73.58 42.28
C ALA A 129 2.87 -72.69 42.01
N GLN A 19 -12.31 -8.77 -25.12
CA GLN A 19 -13.00 -9.28 -23.90
C GLN A 19 -12.08 -10.24 -23.12
N MET A 20 -11.15 -10.90 -23.84
CA MET A 20 -10.21 -11.90 -23.25
C MET A 20 -9.41 -11.28 -22.09
N LEU A 21 -8.69 -10.17 -22.38
CA LEU A 21 -7.85 -9.46 -21.38
C LEU A 21 -8.68 -9.02 -20.15
N LEU A 22 -9.95 -8.64 -20.39
CA LEU A 22 -10.89 -8.23 -19.31
C LEU A 22 -11.12 -9.39 -18.35
N ASN A 23 -11.69 -10.47 -18.91
CA ASN A 23 -12.17 -11.64 -18.15
C ASN A 23 -11.02 -12.38 -17.45
N GLN A 24 -9.92 -12.54 -18.19
CA GLN A 24 -8.72 -13.23 -17.74
C GLN A 24 -8.03 -12.50 -16.59
N LEU A 25 -7.73 -11.17 -16.76
CA LEU A 25 -7.09 -10.37 -15.69
C LEU A 25 -8.01 -10.31 -14.46
N ARG A 26 -9.31 -10.06 -14.71
CA ARG A 26 -10.37 -9.99 -13.67
C ARG A 26 -10.46 -11.30 -12.87
N GLU A 27 -10.14 -12.42 -13.53
CA GLU A 27 -10.10 -13.75 -12.90
C GLU A 27 -8.88 -13.86 -11.96
N ILE A 28 -7.68 -13.53 -12.49
CA ILE A 28 -6.40 -13.76 -11.78
C ILE A 28 -5.96 -12.54 -10.91
N THR A 29 -6.81 -11.50 -10.83
CA THR A 29 -6.66 -10.41 -9.83
C THR A 29 -7.85 -10.45 -8.86
N GLY A 30 -9.06 -10.47 -9.45
CA GLY A 30 -10.32 -10.42 -8.69
C GLY A 30 -11.01 -9.07 -8.84
N ILE A 31 -10.36 -8.14 -9.60
CA ILE A 31 -10.85 -6.77 -9.79
C ILE A 31 -11.91 -6.72 -10.90
N GLN A 32 -13.11 -6.26 -10.53
CA GLN A 32 -14.27 -6.19 -11.44
C GLN A 32 -14.20 -4.96 -12.35
N ASP A 33 -13.49 -3.92 -11.87
CA ASP A 33 -13.38 -2.60 -12.52
C ASP A 33 -12.66 -2.70 -13.87
N PRO A 34 -13.39 -2.50 -15.04
CA PRO A 34 -12.80 -2.65 -16.40
C PRO A 34 -11.71 -1.59 -16.67
N SER A 35 -11.81 -0.43 -15.99
CA SER A 35 -10.80 0.66 -16.06
C SER A 35 -9.42 0.13 -15.64
N PHE A 36 -9.39 -0.52 -14.45
CA PHE A 36 -8.17 -1.12 -13.87
C PHE A 36 -7.56 -2.15 -14.82
N LEU A 37 -8.44 -2.90 -15.50
CA LEU A 37 -8.04 -4.02 -16.37
C LEU A 37 -7.35 -3.52 -17.66
N HIS A 38 -7.96 -2.53 -18.33
CA HIS A 38 -7.41 -1.92 -19.56
C HIS A 38 -6.14 -1.11 -19.26
N GLU A 39 -6.13 -0.39 -18.12
CA GLU A 39 -4.99 0.45 -17.70
C GLU A 39 -3.77 -0.40 -17.32
N ALA A 40 -4.02 -1.57 -16.69
CA ALA A 40 -2.96 -2.50 -16.31
C ALA A 40 -2.34 -3.16 -17.54
N LEU A 41 -3.22 -3.58 -18.49
CA LEU A 41 -2.82 -4.18 -19.79
C LEU A 41 -2.01 -3.18 -20.64
N LYS A 42 -2.39 -1.90 -20.55
CA LYS A 42 -1.70 -0.79 -21.21
C LYS A 42 -0.30 -0.58 -20.59
N ALA A 43 -0.25 -0.55 -19.24
CA ALA A 43 0.97 -0.26 -18.46
C ALA A 43 1.96 -1.44 -18.50
N SER A 44 1.46 -2.65 -18.83
CA SER A 44 2.27 -3.86 -18.95
C SER A 44 2.65 -4.13 -20.43
N ASN A 45 2.19 -3.25 -21.34
CA ASN A 45 2.47 -3.31 -22.79
C ASN A 45 1.82 -4.59 -23.43
N GLY A 46 0.80 -5.14 -22.74
CA GLY A 46 0.05 -6.30 -23.22
C GLY A 46 0.27 -7.56 -22.39
N ASP A 47 1.34 -7.57 -21.56
CA ASP A 47 1.68 -8.75 -20.73
C ASP A 47 0.74 -8.80 -19.51
N ILE A 48 -0.24 -9.70 -19.59
CA ILE A 48 -1.28 -9.87 -18.56
C ILE A 48 -0.70 -10.26 -17.17
N THR A 49 0.49 -10.90 -17.16
CA THR A 49 1.19 -11.29 -15.93
C THR A 49 1.68 -10.03 -15.16
N GLN A 50 2.33 -9.09 -15.89
CA GLN A 50 2.77 -7.80 -15.32
C GLN A 50 1.56 -6.96 -14.92
N ALA A 51 0.46 -7.06 -15.70
CA ALA A 51 -0.80 -6.34 -15.43
C ALA A 51 -1.35 -6.72 -14.05
N VAL A 52 -1.30 -8.05 -13.73
CA VAL A 52 -1.60 -8.55 -12.38
C VAL A 52 -0.67 -7.92 -11.35
N SER A 53 0.66 -7.99 -11.62
CA SER A 53 1.72 -7.50 -10.70
C SER A 53 1.55 -6.01 -10.33
N LEU A 54 1.03 -5.22 -11.30
CA LEU A 54 0.83 -3.77 -11.15
C LEU A 54 -0.45 -3.47 -10.34
N LEU A 55 -1.50 -4.29 -10.54
CA LEU A 55 -2.76 -4.17 -9.75
C LEU A 55 -2.59 -4.74 -8.34
N THR A 56 -1.64 -5.68 -8.17
CA THR A 56 -1.35 -6.31 -6.87
C THR A 56 -0.22 -5.57 -6.13
N ASP A 57 0.16 -4.37 -6.64
CA ASP A 57 1.15 -3.48 -5.99
C ASP A 57 0.80 -3.22 -4.52
N GLU A 58 -0.50 -3.08 -4.26
CA GLU A 58 -1.06 -2.78 -2.92
C GLU A 58 -0.71 -3.86 -1.86
N ARG A 59 -0.47 -5.12 -2.28
CA ARG A 59 -0.17 -6.23 -1.35
C ARG A 59 1.34 -6.59 -1.39
N VAL A 60 2.00 -6.32 -2.53
CA VAL A 60 3.41 -6.70 -2.77
C VAL A 60 4.36 -5.48 -2.60
N LYS A 61 3.80 -4.36 -2.09
CA LYS A 61 4.57 -3.15 -1.79
C LYS A 61 5.55 -3.42 -0.61
N GLU A 62 6.82 -3.66 -0.96
CA GLU A 62 7.89 -3.92 0.01
C GLU A 62 8.35 -2.61 0.68
N PRO A 63 8.86 -2.64 1.96
CA PRO A 63 9.11 -3.87 2.76
C PRO A 63 7.82 -4.48 3.38
N SER A 64 7.88 -5.78 3.71
CA SER A 64 6.76 -6.54 4.28
C SER A 64 7.29 -7.69 5.15
N GLN A 65 6.85 -7.72 6.42
CA GLN A 65 7.24 -8.76 7.39
C GLN A 65 6.48 -10.07 7.07
N ASP A 66 7.12 -10.92 6.27
CA ASP A 66 6.55 -12.20 5.80
C ASP A 66 7.68 -13.16 5.40
N THR A 67 7.36 -14.47 5.37
CA THR A 67 8.32 -15.52 4.99
C THR A 67 8.82 -15.34 3.53
N VAL A 68 10.08 -14.90 3.41
CA VAL A 68 10.76 -14.68 2.13
C VAL A 68 11.63 -15.91 1.79
N ALA A 69 11.65 -16.28 0.50
CA ALA A 69 12.48 -17.40 0.01
C ALA A 69 13.95 -16.95 -0.12
N THR A 70 14.63 -16.89 1.03
CA THR A 70 16.05 -16.53 1.11
C THR A 70 16.88 -17.77 1.43
N GLU A 71 17.93 -17.99 0.64
CA GLU A 71 18.83 -19.13 0.81
C GLU A 71 19.94 -18.76 1.83
N PRO A 72 20.38 -19.73 2.72
CA PRO A 72 21.40 -19.47 3.78
C PRO A 72 22.75 -18.95 3.23
N SER A 73 23.45 -18.16 4.08
CA SER A 73 24.78 -17.61 3.77
C SER A 73 25.65 -17.65 5.04
N GLU A 74 26.94 -17.92 4.87
CA GLU A 74 27.91 -18.00 5.99
C GLU A 74 28.27 -16.59 6.52
N VAL A 75 27.86 -15.54 5.78
CA VAL A 75 28.06 -14.13 6.19
C VAL A 75 27.07 -13.77 7.31
N GLU A 76 27.42 -14.16 8.55
CA GLU A 76 26.62 -13.91 9.75
C GLU A 76 27.14 -12.68 10.51
N GLY A 77 26.36 -12.21 11.50
CA GLY A 77 26.70 -11.02 12.30
C GLY A 77 25.62 -9.95 12.21
N SER A 78 24.96 -9.89 11.04
CA SER A 78 23.89 -8.93 10.75
C SER A 78 22.52 -9.35 11.36
N ALA A 79 22.55 -10.44 12.17
CA ALA A 79 21.38 -10.92 12.92
C ALA A 79 21.04 -9.96 14.07
N ALA A 80 22.07 -9.22 14.55
CA ALA A 80 21.93 -8.28 15.67
C ALA A 80 21.19 -7.00 15.24
N ASN A 81 19.84 -7.08 15.27
CA ASN A 81 18.95 -5.94 15.02
C ASN A 81 18.49 -5.38 16.37
N LYS A 82 17.75 -6.24 17.11
CA LYS A 82 17.19 -5.96 18.45
C LYS A 82 16.26 -4.73 18.43
N GLU A 83 14.98 -4.98 18.10
CA GLU A 83 13.93 -3.95 17.98
C GLU A 83 13.02 -3.97 19.22
N VAL A 84 13.66 -3.98 20.41
CA VAL A 84 12.98 -4.02 21.71
C VAL A 84 12.10 -2.77 21.95
N LEU A 85 11.08 -2.93 22.82
CA LEU A 85 10.12 -1.87 23.19
C LEU A 85 10.63 -1.06 24.41
N ALA A 86 11.92 -1.25 24.76
CA ALA A 86 12.58 -0.61 25.90
C ALA A 86 13.29 0.69 25.47
N LYS A 87 12.84 1.83 26.02
CA LYS A 87 13.40 3.17 25.74
C LYS A 87 13.02 4.13 26.89
N VAL A 88 13.68 5.31 26.94
CA VAL A 88 13.53 6.29 28.05
C VAL A 88 12.56 7.45 27.65
N ILE A 89 11.59 7.13 26.79
CA ILE A 89 10.55 8.09 26.34
C ILE A 89 9.34 7.98 27.30
N ASP A 90 9.58 8.43 28.54
CA ASP A 90 8.57 8.36 29.62
C ASP A 90 7.68 9.62 29.60
N LEU A 91 6.69 9.61 28.69
CA LEU A 91 5.65 10.67 28.60
C LEU A 91 4.62 10.55 29.75
N THR A 92 4.68 9.42 30.47
CA THR A 92 3.77 9.07 31.58
C THR A 92 3.84 10.14 32.70
N HIS A 93 5.05 10.41 33.20
CA HIS A 93 5.30 11.49 34.16
C HIS A 93 6.03 12.64 33.44
N ASP A 94 5.23 13.56 32.88
CA ASP A 94 5.73 14.73 32.14
C ASP A 94 4.81 15.94 32.41
N ASN A 95 5.09 16.64 33.51
CA ASN A 95 4.32 17.83 33.94
C ASN A 95 4.60 19.03 33.03
N LYS A 96 3.53 19.72 32.60
CA LYS A 96 3.62 20.88 31.71
C LYS A 96 3.86 22.16 32.54
N ASP A 97 4.76 23.00 32.03
CA ASP A 97 5.20 24.25 32.70
C ASP A 97 4.26 25.44 32.37
N ASP A 98 3.04 25.14 31.87
CA ASP A 98 2.03 26.13 31.46
C ASP A 98 1.65 27.05 32.64
N LEU A 99 0.99 26.45 33.65
CA LEU A 99 0.50 27.19 34.84
C LEU A 99 1.68 27.61 35.75
N GLN A 100 2.84 26.91 35.67
CA GLN A 100 4.10 27.35 36.33
C GLN A 100 4.49 28.74 35.80
N ALA A 101 4.45 28.89 34.46
CA ALA A 101 4.80 30.12 33.76
C ALA A 101 3.76 31.22 34.00
N ALA A 102 2.47 30.81 34.12
CA ALA A 102 1.34 31.73 34.36
C ALA A 102 1.46 32.42 35.74
N ILE A 103 1.72 31.62 36.78
CA ILE A 103 1.83 32.09 38.17
C ILE A 103 3.14 32.88 38.38
N ALA A 104 4.24 32.37 37.79
CA ALA A 104 5.58 33.00 37.88
C ALA A 104 5.55 34.39 37.24
N LEU A 105 5.05 34.46 35.99
CA LEU A 105 4.94 35.72 35.22
C LEU A 105 4.02 36.70 35.95
N SER A 106 2.90 36.19 36.52
CA SER A 106 1.94 37.00 37.32
C SER A 106 2.64 37.65 38.54
N LEU A 107 3.53 36.89 39.19
CA LEU A 107 4.31 37.35 40.35
C LEU A 107 5.27 38.48 39.92
N LEU A 108 5.85 38.33 38.72
CA LEU A 108 6.81 39.29 38.15
C LEU A 108 6.12 40.55 37.57
N GLU A 109 4.83 40.41 37.20
CA GLU A 109 4.01 41.54 36.68
C GLU A 109 3.56 42.44 37.82
N SER A 110 3.06 41.81 38.89
CA SER A 110 2.67 42.50 40.13
C SER A 110 3.94 43.01 40.87
N PRO A 111 3.97 44.29 41.34
CA PRO A 111 5.10 44.81 42.13
C PRO A 111 5.17 44.14 43.53
N LYS A 112 6.39 43.94 44.05
CA LYS A 112 6.61 43.35 45.40
C LYS A 112 6.49 44.45 46.48
N ILE A 113 6.46 45.72 46.00
CA ILE A 113 6.26 46.94 46.81
C ILE A 113 5.14 46.76 47.87
N GLN A 114 5.50 46.90 49.16
CA GLN A 114 4.56 46.69 50.29
C GLN A 114 3.42 47.73 50.28
N ALA A 115 3.77 48.98 49.91
CA ALA A 115 2.83 50.10 49.80
C ALA A 115 3.55 51.33 49.22
N ASP A 116 2.75 52.32 48.75
CA ASP A 116 3.25 53.60 48.21
C ASP A 116 4.10 53.39 46.92
N GLY A 117 5.39 53.11 47.11
CA GLY A 117 6.34 52.89 46.02
C GLY A 117 7.68 52.43 46.57
N ARG A 118 7.61 51.68 47.69
CA ARG A 118 8.79 51.28 48.48
C ARG A 118 8.61 49.84 49.02
N ASP A 119 9.75 49.17 49.26
CA ASP A 119 9.79 47.75 49.67
C ASP A 119 10.65 47.63 50.95
N LEU A 120 9.97 47.52 52.11
CA LEU A 120 10.56 47.50 53.48
C LEU A 120 11.38 48.80 53.78
N ASN A 121 12.60 48.87 53.18
CA ASN A 121 13.55 50.03 53.16
C ASN A 121 13.43 51.06 54.33
N ARG A 122 12.35 51.89 54.34
CA ARG A 122 12.17 52.99 55.30
C ARG A 122 11.61 52.46 56.63
N MET A 123 12.50 51.85 57.42
CA MET A 123 12.20 51.40 58.78
C MET A 123 12.21 52.62 59.72
N HIS A 124 11.13 52.78 60.51
CA HIS A 124 11.02 53.87 61.51
C HIS A 124 12.03 53.66 62.64
N GLU A 125 12.45 54.75 63.30
CA GLU A 125 13.35 54.69 64.46
C GLU A 125 12.65 53.95 65.63
N ALA A 126 13.33 52.93 66.20
CA ALA A 126 12.78 52.13 67.28
C ALA A 126 13.46 52.53 68.60
N THR A 127 13.00 53.64 69.19
CA THR A 127 13.40 54.08 70.54
C THR A 127 12.20 53.92 71.50
N SER A 128 12.32 52.98 72.45
CA SER A 128 11.30 52.75 73.49
C SER A 128 11.41 53.84 74.58
N ALA A 129 10.36 54.69 74.67
CA ALA A 129 10.28 55.77 75.67
C ALA A 129 9.14 55.46 76.66
N GLN A 19 -12.96 -9.49 -25.37
CA GLN A 19 -12.74 -8.98 -24.00
C GLN A 19 -11.89 -9.99 -23.16
N MET A 20 -11.34 -11.03 -23.85
CA MET A 20 -10.63 -12.18 -23.19
C MET A 20 -9.56 -11.74 -22.18
N LEU A 21 -8.69 -10.79 -22.59
CA LEU A 21 -7.61 -10.24 -21.73
C LEU A 21 -8.16 -9.57 -20.43
N LEU A 22 -9.30 -8.84 -20.55
CA LEU A 22 -9.95 -8.20 -19.38
C LEU A 22 -10.57 -9.25 -18.46
N ASN A 23 -11.14 -10.30 -19.09
CA ASN A 23 -11.78 -11.42 -18.38
C ASN A 23 -10.75 -12.18 -17.54
N GLN A 24 -9.59 -12.45 -18.17
CA GLN A 24 -8.47 -13.16 -17.55
C GLN A 24 -7.94 -12.38 -16.34
N LEU A 25 -7.65 -11.08 -16.56
CA LEU A 25 -7.05 -10.23 -15.52
C LEU A 25 -8.01 -10.07 -14.34
N ARG A 26 -9.29 -9.84 -14.66
CA ARG A 26 -10.39 -9.74 -13.69
C ARG A 26 -10.45 -11.00 -12.81
N GLU A 27 -10.26 -12.16 -13.46
CA GLU A 27 -10.40 -13.48 -12.82
C GLU A 27 -9.19 -13.79 -11.90
N ILE A 28 -7.99 -13.34 -12.31
CA ILE A 28 -6.72 -13.62 -11.57
C ILE A 28 -6.35 -12.51 -10.56
N THR A 29 -7.07 -11.37 -10.60
CA THR A 29 -6.93 -10.31 -9.56
C THR A 29 -8.12 -10.38 -8.58
N GLY A 30 -9.32 -10.35 -9.15
CA GLY A 30 -10.58 -10.25 -8.40
C GLY A 30 -11.27 -8.92 -8.64
N ILE A 31 -10.53 -7.98 -9.29
CA ILE A 31 -11.02 -6.64 -9.62
C ILE A 31 -12.01 -6.70 -10.79
N GLN A 32 -13.24 -6.27 -10.53
CA GLN A 32 -14.33 -6.26 -11.51
C GLN A 32 -14.29 -4.98 -12.37
N ASP A 33 -13.65 -3.91 -11.85
CA ASP A 33 -13.54 -2.60 -12.52
C ASP A 33 -12.76 -2.73 -13.85
N PRO A 34 -13.44 -2.54 -15.04
CA PRO A 34 -12.79 -2.70 -16.37
C PRO A 34 -11.64 -1.68 -16.59
N SER A 35 -11.78 -0.46 -16.00
CA SER A 35 -10.78 0.62 -16.10
C SER A 35 -9.39 0.12 -15.63
N PHE A 36 -9.38 -0.50 -14.43
CA PHE A 36 -8.17 -1.05 -13.80
C PHE A 36 -7.48 -2.08 -14.70
N LEU A 37 -8.32 -2.87 -15.39
CA LEU A 37 -7.90 -4.00 -16.21
C LEU A 37 -7.21 -3.52 -17.51
N HIS A 38 -7.88 -2.61 -18.25
CA HIS A 38 -7.33 -1.99 -19.49
C HIS A 38 -6.03 -1.22 -19.20
N GLU A 39 -6.05 -0.43 -18.11
CA GLU A 39 -4.92 0.42 -17.69
C GLU A 39 -3.71 -0.41 -17.25
N ALA A 40 -3.95 -1.57 -16.60
CA ALA A 40 -2.88 -2.49 -16.19
C ALA A 40 -2.27 -3.18 -17.42
N LEU A 41 -3.15 -3.60 -18.36
CA LEU A 41 -2.77 -4.23 -19.64
C LEU A 41 -1.92 -3.26 -20.49
N LYS A 42 -2.33 -1.97 -20.54
CA LYS A 42 -1.67 -0.97 -21.41
C LYS A 42 -0.34 -0.50 -20.79
N ALA A 43 -0.27 -0.47 -19.44
CA ALA A 43 0.95 -0.09 -18.70
C ALA A 43 2.01 -1.20 -18.76
N SER A 44 1.55 -2.45 -18.96
CA SER A 44 2.42 -3.62 -19.14
C SER A 44 2.69 -3.89 -20.65
N ASN A 45 2.18 -3.00 -21.52
CA ASN A 45 2.34 -3.04 -23.00
C ASN A 45 1.52 -4.19 -23.65
N GLY A 46 0.69 -4.86 -22.83
CA GLY A 46 -0.20 -5.94 -23.30
C GLY A 46 0.13 -7.28 -22.64
N ASP A 47 0.81 -7.22 -21.48
CA ASP A 47 1.33 -8.41 -20.78
C ASP A 47 0.44 -8.71 -19.55
N ILE A 48 -0.23 -9.88 -19.56
CA ILE A 48 -1.20 -10.26 -18.51
C ILE A 48 -0.51 -10.44 -17.13
N THR A 49 0.75 -10.91 -17.14
CA THR A 49 1.52 -11.24 -15.92
C THR A 49 2.02 -9.96 -15.21
N GLN A 50 2.49 -8.99 -15.99
CA GLN A 50 2.92 -7.68 -15.45
C GLN A 50 1.70 -6.83 -15.08
N ALA A 51 0.56 -7.06 -15.77
CA ALA A 51 -0.70 -6.37 -15.49
C ALA A 51 -1.26 -6.77 -14.11
N VAL A 52 -1.30 -8.09 -13.83
CA VAL A 52 -1.74 -8.63 -12.52
C VAL A 52 -0.76 -8.21 -11.43
N SER A 53 0.55 -8.14 -11.79
CA SER A 53 1.61 -7.67 -10.87
C SER A 53 1.39 -6.19 -10.46
N LEU A 54 0.95 -5.35 -11.43
CA LEU A 54 0.68 -3.91 -11.20
C LEU A 54 -0.60 -3.70 -10.36
N LEU A 55 -1.57 -4.61 -10.52
CA LEU A 55 -2.82 -4.55 -9.73
C LEU A 55 -2.65 -5.17 -8.34
N THR A 56 -1.72 -6.12 -8.18
CA THR A 56 -1.41 -6.73 -6.85
C THR A 56 -0.25 -5.97 -6.17
N ASP A 57 0.27 -4.92 -6.84
CA ASP A 57 1.32 -4.01 -6.29
C ASP A 57 0.92 -3.46 -4.91
N GLU A 58 -0.37 -3.12 -4.79
CA GLU A 58 -0.96 -2.58 -3.55
C GLU A 58 -0.75 -3.51 -2.32
N ARG A 59 -0.91 -4.84 -2.52
CA ARG A 59 -0.83 -5.82 -1.41
C ARG A 59 0.62 -6.29 -1.20
N VAL A 60 1.40 -6.40 -2.29
CA VAL A 60 2.80 -6.87 -2.27
C VAL A 60 3.78 -5.65 -2.20
N LYS A 61 3.23 -4.50 -1.75
CA LYS A 61 3.95 -3.22 -1.67
C LYS A 61 5.10 -3.32 -0.65
N GLU A 62 6.29 -3.66 -1.16
CA GLU A 62 7.49 -3.88 -0.34
C GLU A 62 7.96 -2.57 0.36
N PRO A 63 8.45 -2.62 1.65
CA PRO A 63 8.54 -3.84 2.50
C PRO A 63 7.16 -4.29 3.05
N SER A 64 6.58 -5.31 2.39
CA SER A 64 5.26 -5.87 2.76
C SER A 64 5.46 -6.95 3.84
N GLN A 65 6.15 -8.03 3.44
CA GLN A 65 6.57 -9.09 4.37
C GLN A 65 7.86 -8.66 5.07
N ASP A 66 7.84 -8.62 6.42
CA ASP A 66 9.01 -8.22 7.23
C ASP A 66 10.05 -9.36 7.26
N THR A 67 9.56 -10.61 7.15
CA THR A 67 10.43 -11.78 7.01
C THR A 67 10.92 -11.90 5.55
N VAL A 68 12.15 -11.41 5.31
CA VAL A 68 12.82 -11.49 3.99
C VAL A 68 14.29 -11.89 4.18
N ALA A 69 14.84 -12.50 3.12
CA ALA A 69 16.28 -12.80 3.00
C ALA A 69 16.76 -12.50 1.57
N THR A 70 15.86 -11.85 0.78
CA THR A 70 16.08 -11.55 -0.63
C THR A 70 16.99 -10.31 -0.76
N GLU A 71 18.28 -10.55 -1.05
CA GLU A 71 19.31 -9.48 -1.20
C GLU A 71 19.52 -9.15 -2.70
N PRO A 72 19.37 -7.86 -3.12
CA PRO A 72 19.64 -7.44 -4.51
C PRO A 72 21.15 -7.33 -4.79
N SER A 73 21.61 -7.86 -5.94
CA SER A 73 23.03 -7.82 -6.33
C SER A 73 23.37 -6.42 -6.89
N GLU A 74 23.69 -5.51 -5.96
CA GLU A 74 23.97 -4.09 -6.25
C GLU A 74 25.26 -3.68 -5.52
N VAL A 75 26.13 -4.67 -5.24
CA VAL A 75 27.33 -4.50 -4.40
C VAL A 75 28.60 -4.52 -5.30
N GLU A 76 28.45 -3.97 -6.52
CA GLU A 76 29.53 -3.85 -7.51
C GLU A 76 30.40 -2.62 -7.17
N GLY A 77 31.72 -2.74 -7.46
CA GLY A 77 32.69 -1.68 -7.15
C GLY A 77 32.98 -1.54 -5.66
N SER A 78 32.55 -2.56 -4.87
CA SER A 78 32.71 -2.57 -3.39
C SER A 78 34.07 -3.18 -3.00
N ALA A 79 34.87 -3.59 -4.00
CA ALA A 79 36.21 -4.16 -3.80
C ALA A 79 37.25 -3.03 -3.69
N ALA A 80 36.95 -2.05 -2.81
CA ALA A 80 37.78 -0.86 -2.58
C ALA A 80 38.31 -0.87 -1.14
N ASN A 81 39.59 -0.51 -0.97
CA ASN A 81 40.22 -0.38 0.35
C ASN A 81 40.85 1.02 0.45
N LYS A 82 40.78 1.62 1.65
CA LYS A 82 41.44 2.88 1.96
C LYS A 82 41.49 3.09 3.47
N GLU A 83 42.69 3.00 4.03
CA GLU A 83 42.99 3.25 5.44
C GLU A 83 44.11 4.29 5.55
N VAL A 84 44.33 4.83 6.75
CA VAL A 84 45.47 5.73 7.02
C VAL A 84 46.67 4.94 7.54
N LEU A 85 47.83 5.59 7.57
CA LEU A 85 49.04 5.06 8.23
C LEU A 85 48.85 5.12 9.76
N ALA A 86 48.15 4.10 10.30
CA ALA A 86 47.74 4.04 11.71
C ALA A 86 48.92 3.75 12.66
N LYS A 87 49.73 4.80 12.88
CA LYS A 87 50.74 4.85 13.95
C LYS A 87 50.07 4.69 15.33
N VAL A 88 50.81 4.18 16.30
CA VAL A 88 50.30 3.92 17.67
C VAL A 88 50.98 4.84 18.70
N ILE A 89 51.40 6.03 18.20
CA ILE A 89 52.07 7.12 18.99
C ILE A 89 53.33 6.57 19.74
N ASP A 90 53.89 5.49 19.18
CA ASP A 90 54.97 4.69 19.80
C ASP A 90 56.27 5.49 19.94
N LEU A 91 56.45 6.09 21.15
CA LEU A 91 57.64 6.88 21.56
C LEU A 91 57.69 8.28 20.88
N THR A 92 57.12 8.42 19.67
CA THR A 92 57.24 9.64 18.87
C THR A 92 56.57 10.87 19.56
N HIS A 93 57.43 11.73 20.12
CA HIS A 93 57.03 13.00 20.74
C HIS A 93 58.06 14.07 20.35
N ASP A 94 57.61 15.16 19.71
CA ASP A 94 58.48 16.28 19.34
C ASP A 94 58.69 17.19 20.56
N ASN A 95 59.55 16.71 21.48
CA ASN A 95 59.97 17.48 22.66
C ASN A 95 61.02 18.53 22.23
N LYS A 96 60.99 19.69 22.89
CA LYS A 96 61.88 20.80 22.57
C LYS A 96 63.35 20.46 22.89
N ASP A 97 64.27 21.14 22.20
CA ASP A 97 65.73 21.00 22.38
C ASP A 97 66.24 21.62 23.71
N ASP A 98 65.30 22.14 24.54
CA ASP A 98 65.59 22.88 25.78
C ASP A 98 66.52 22.10 26.74
N LEU A 99 66.08 20.89 27.14
CA LEU A 99 66.85 20.02 28.06
C LEU A 99 68.15 19.51 27.41
N GLN A 100 68.10 19.27 26.08
CA GLN A 100 69.27 18.86 25.28
C GLN A 100 70.34 19.96 25.29
N ALA A 101 69.88 21.22 25.22
CA ALA A 101 70.74 22.41 25.12
C ALA A 101 71.45 22.67 26.46
N ALA A 102 70.69 22.53 27.57
CA ALA A 102 71.20 22.73 28.93
C ALA A 102 72.27 21.67 29.30
N ILE A 103 71.97 20.40 28.97
CA ILE A 103 72.89 19.27 29.21
C ILE A 103 74.16 19.42 28.33
N ALA A 104 73.95 19.73 27.03
CA ALA A 104 75.04 19.91 26.05
C ALA A 104 75.98 21.08 26.47
N LEU A 105 75.38 22.13 27.07
CA LEU A 105 76.11 23.29 27.60
C LEU A 105 76.99 22.83 28.78
N SER A 106 76.39 22.06 29.71
CA SER A 106 77.07 21.57 30.93
C SER A 106 78.16 20.52 30.63
N LEU A 107 78.05 19.82 29.48
CA LEU A 107 79.00 18.77 29.07
C LEU A 107 80.23 19.38 28.35
N LEU A 108 79.97 20.33 27.44
CA LEU A 108 81.05 21.02 26.70
C LEU A 108 81.73 22.07 27.59
N GLU A 109 80.91 22.98 28.13
CA GLU A 109 81.38 24.06 29.02
C GLU A 109 81.52 23.53 30.46
N SER A 110 82.72 23.69 31.02
CA SER A 110 83.02 23.31 32.41
C SER A 110 82.91 24.54 33.33
N PRO A 111 82.50 24.37 34.63
CA PRO A 111 82.44 25.50 35.59
C PRO A 111 83.84 26.11 35.86
N LYS A 112 83.91 27.45 36.00
CA LYS A 112 85.16 28.15 36.35
C LYS A 112 85.57 27.85 37.81
N ILE A 113 84.58 27.42 38.62
CA ILE A 113 84.80 26.89 39.98
C ILE A 113 84.34 25.41 40.01
N GLN A 114 84.98 24.59 39.17
CA GLN A 114 84.67 23.13 39.08
C GLN A 114 85.29 22.35 40.25
N ALA A 115 86.50 22.75 40.67
CA ALA A 115 87.21 22.13 41.80
C ALA A 115 88.24 23.12 42.35
N ASP A 116 87.80 23.95 43.33
CA ASP A 116 88.62 25.00 43.99
C ASP A 116 89.18 26.00 42.91
N GLY A 117 88.32 26.31 41.92
CA GLY A 117 88.69 27.16 40.80
C GLY A 117 88.79 28.64 41.19
N ARG A 118 87.80 29.45 40.76
CA ARG A 118 87.76 30.91 41.04
C ARG A 118 86.99 31.21 42.35
N ASP A 119 86.99 30.22 43.29
CA ASP A 119 86.18 30.26 44.54
C ASP A 119 86.64 31.40 45.46
N LEU A 120 87.96 31.56 45.57
CA LEU A 120 88.64 32.49 46.49
C LEU A 120 88.43 32.04 47.94
N ASN A 121 89.22 31.02 48.34
CA ASN A 121 89.28 30.54 49.71
C ASN A 121 90.62 30.98 50.32
N ARG A 122 90.61 32.16 50.95
CA ARG A 122 91.78 32.77 51.59
C ARG A 122 91.37 33.43 52.93
N MET A 123 92.33 34.09 53.58
CA MET A 123 92.12 34.79 54.87
C MET A 123 93.06 36.00 54.94
N HIS A 124 92.83 36.86 55.93
CA HIS A 124 93.70 38.01 56.22
C HIS A 124 93.63 38.34 57.71
N GLU A 125 94.76 38.75 58.29
CA GLU A 125 94.87 39.16 59.68
C GLU A 125 95.59 40.50 59.78
N ALA A 126 94.92 41.48 60.43
CA ALA A 126 95.44 42.81 60.73
C ALA A 126 94.45 43.53 61.66
N THR A 127 94.91 43.96 62.85
CA THR A 127 94.06 44.64 63.84
C THR A 127 93.83 46.12 63.44
N SER A 128 92.87 46.31 62.53
CA SER A 128 92.49 47.63 62.00
C SER A 128 91.70 48.41 63.06
N ALA A 129 92.34 49.44 63.64
CA ALA A 129 91.77 50.25 64.72
C ALA A 129 90.65 51.17 64.18
N GLN A 19 -12.59 -8.51 -24.95
CA GLN A 19 -13.18 -9.00 -23.69
C GLN A 19 -12.25 -10.03 -23.03
N MET A 20 -11.43 -10.74 -23.84
CA MET A 20 -10.51 -11.80 -23.38
C MET A 20 -9.58 -11.31 -22.25
N LEU A 21 -8.82 -10.24 -22.53
CA LEU A 21 -7.89 -9.61 -21.56
C LEU A 21 -8.62 -9.14 -20.27
N LEU A 22 -9.88 -8.68 -20.42
CA LEU A 22 -10.71 -8.25 -19.28
C LEU A 22 -11.01 -9.44 -18.36
N ASN A 23 -11.52 -10.52 -18.98
CA ASN A 23 -11.98 -11.74 -18.27
C ASN A 23 -10.82 -12.40 -17.51
N GLN A 24 -9.73 -12.58 -18.26
CA GLN A 24 -8.47 -13.16 -17.77
C GLN A 24 -7.93 -12.41 -16.54
N LEU A 25 -7.75 -11.08 -16.67
CA LEU A 25 -7.14 -10.28 -15.60
C LEU A 25 -8.09 -10.14 -14.40
N ARG A 26 -9.40 -9.94 -14.69
CA ARG A 26 -10.47 -9.86 -13.66
C ARG A 26 -10.49 -11.09 -12.77
N GLU A 27 -10.23 -12.25 -13.38
CA GLU A 27 -10.25 -13.53 -12.68
C GLU A 27 -8.98 -13.70 -11.81
N ILE A 28 -7.80 -13.32 -12.34
CA ILE A 28 -6.50 -13.52 -11.63
C ILE A 28 -6.16 -12.36 -10.66
N THR A 29 -6.92 -11.25 -10.70
CA THR A 29 -6.78 -10.14 -9.72
C THR A 29 -7.92 -10.19 -8.71
N GLY A 30 -9.14 -10.27 -9.24
CA GLY A 30 -10.38 -10.20 -8.46
C GLY A 30 -11.13 -8.88 -8.69
N ILE A 31 -10.49 -7.97 -9.46
CA ILE A 31 -11.01 -6.62 -9.75
C ILE A 31 -12.06 -6.68 -10.87
N GLN A 32 -13.30 -6.26 -10.54
CA GLN A 32 -14.43 -6.27 -11.48
C GLN A 32 -14.44 -5.01 -12.36
N ASP A 33 -13.71 -3.97 -11.91
CA ASP A 33 -13.64 -2.68 -12.60
C ASP A 33 -12.86 -2.82 -13.93
N PRO A 34 -13.51 -2.51 -15.11
CA PRO A 34 -12.89 -2.72 -16.44
C PRO A 34 -11.72 -1.75 -16.72
N SER A 35 -11.78 -0.53 -16.13
CA SER A 35 -10.77 0.52 -16.36
C SER A 35 -9.39 0.06 -15.87
N PHE A 36 -9.38 -0.46 -14.62
CA PHE A 36 -8.16 -1.01 -13.97
C PHE A 36 -7.52 -2.11 -14.83
N LEU A 37 -8.36 -2.93 -15.46
CA LEU A 37 -7.92 -4.07 -16.26
C LEU A 37 -7.24 -3.59 -17.55
N HIS A 38 -7.87 -2.63 -18.24
CA HIS A 38 -7.32 -2.00 -19.46
C HIS A 38 -6.01 -1.24 -19.15
N GLU A 39 -6.00 -0.49 -18.04
CA GLU A 39 -4.86 0.37 -17.65
C GLU A 39 -3.65 -0.45 -17.21
N ALA A 40 -3.90 -1.64 -16.63
CA ALA A 40 -2.84 -2.57 -16.26
C ALA A 40 -2.24 -3.24 -17.50
N LEU A 41 -3.13 -3.65 -18.43
CA LEU A 41 -2.76 -4.25 -19.73
C LEU A 41 -2.04 -3.20 -20.61
N LYS A 42 -2.40 -1.92 -20.41
CA LYS A 42 -1.79 -0.78 -21.11
C LYS A 42 -0.39 -0.48 -20.54
N ALA A 43 -0.27 -0.52 -19.21
CA ALA A 43 0.99 -0.24 -18.49
C ALA A 43 2.04 -1.32 -18.79
N SER A 44 1.56 -2.56 -18.96
CA SER A 44 2.40 -3.72 -19.31
C SER A 44 2.54 -3.85 -20.85
N ASN A 45 1.78 -3.03 -21.60
CA ASN A 45 1.79 -2.98 -23.08
C ASN A 45 1.22 -4.29 -23.71
N GLY A 46 0.58 -5.13 -22.87
CA GLY A 46 -0.05 -6.38 -23.31
C GLY A 46 0.32 -7.59 -22.46
N ASP A 47 1.38 -7.44 -21.62
CA ASP A 47 1.87 -8.55 -20.78
C ASP A 47 0.96 -8.71 -19.53
N ILE A 48 0.08 -9.72 -19.57
CA ILE A 48 -0.92 -9.93 -18.51
C ILE A 48 -0.29 -10.29 -17.13
N THR A 49 0.91 -10.88 -17.14
CA THR A 49 1.63 -11.27 -15.92
C THR A 49 2.10 -10.01 -15.14
N GLN A 50 2.58 -9.01 -15.89
CA GLN A 50 2.99 -7.72 -15.34
C GLN A 50 1.76 -6.90 -14.95
N ALA A 51 0.66 -7.07 -15.70
CA ALA A 51 -0.62 -6.37 -15.45
C ALA A 51 -1.19 -6.73 -14.06
N VAL A 52 -1.28 -8.05 -13.77
CA VAL A 52 -1.73 -8.54 -12.46
C VAL A 52 -0.75 -8.13 -11.36
N SER A 53 0.57 -8.18 -11.67
CA SER A 53 1.64 -7.78 -10.73
C SER A 53 1.51 -6.29 -10.31
N LEU A 54 1.02 -5.44 -11.23
CA LEU A 54 0.83 -4.00 -10.98
C LEU A 54 -0.45 -3.74 -10.15
N LEU A 55 -1.51 -4.54 -10.41
CA LEU A 55 -2.77 -4.43 -9.65
C LEU A 55 -2.68 -5.10 -8.27
N THR A 56 -1.69 -5.99 -8.08
CA THR A 56 -1.43 -6.67 -6.79
C THR A 56 -0.21 -6.06 -6.07
N ASP A 57 0.27 -4.92 -6.59
CA ASP A 57 1.40 -4.16 -6.00
C ASP A 57 1.06 -3.63 -4.59
N GLU A 58 -0.24 -3.40 -4.37
CA GLU A 58 -0.77 -2.85 -3.12
C GLU A 58 -0.76 -3.87 -1.96
N ARG A 59 -0.89 -5.17 -2.28
CA ARG A 59 -0.94 -6.26 -1.26
C ARG A 59 0.47 -6.81 -0.94
N VAL A 60 1.47 -6.40 -1.73
CA VAL A 60 2.88 -6.74 -1.49
C VAL A 60 3.72 -5.43 -1.39
N LYS A 61 3.64 -4.81 -0.19
CA LYS A 61 4.38 -3.59 0.15
C LYS A 61 4.32 -3.38 1.68
N GLU A 62 5.43 -3.70 2.35
CA GLU A 62 5.59 -3.52 3.82
C GLU A 62 5.67 -2.00 4.20
N PRO A 63 5.42 -1.60 5.50
CA PRO A 63 4.95 -2.49 6.60
C PRO A 63 3.41 -2.60 6.69
N SER A 64 2.88 -3.74 6.19
CA SER A 64 1.47 -4.11 6.38
C SER A 64 1.22 -4.42 7.87
N GLN A 65 2.12 -5.22 8.43
CA GLN A 65 2.10 -5.56 9.87
C GLN A 65 3.01 -4.61 10.64
N ASP A 66 2.41 -3.84 11.58
CA ASP A 66 3.16 -3.00 12.51
C ASP A 66 3.81 -3.89 13.60
N THR A 67 5.12 -3.68 13.82
CA THR A 67 5.94 -4.50 14.73
C THR A 67 7.26 -3.77 15.02
N VAL A 68 8.02 -4.28 16.01
CA VAL A 68 9.41 -3.86 16.24
C VAL A 68 10.32 -4.51 15.16
N ALA A 69 11.35 -3.78 14.73
CA ALA A 69 12.29 -4.22 13.67
C ALA A 69 13.57 -4.83 14.28
N THR A 70 13.47 -5.26 15.55
CA THR A 70 14.57 -5.85 16.34
C THR A 70 15.69 -4.79 16.62
N GLU A 71 15.26 -3.52 16.67
CA GLU A 71 16.11 -2.37 17.00
C GLU A 71 16.21 -2.22 18.54
N PRO A 72 17.31 -1.61 19.09
CA PRO A 72 17.46 -1.36 20.54
C PRO A 72 16.56 -0.19 21.04
N SER A 73 16.79 0.24 22.29
CA SER A 73 15.98 1.30 22.94
C SER A 73 16.24 2.68 22.28
N GLU A 74 15.39 3.00 21.30
CA GLU A 74 15.43 4.29 20.57
C GLU A 74 14.61 5.36 21.31
N VAL A 75 13.71 4.92 22.22
CA VAL A 75 12.97 5.81 23.12
C VAL A 75 13.93 6.32 24.22
N GLU A 76 14.04 7.64 24.33
CA GLU A 76 14.98 8.32 25.24
C GLU A 76 14.24 9.14 26.31
N GLY A 77 14.95 9.42 27.40
CA GLY A 77 14.48 10.31 28.46
C GLY A 77 15.35 11.54 28.56
N SER A 78 15.00 12.57 27.76
CA SER A 78 15.68 13.88 27.76
C SER A 78 15.73 14.50 29.18
N ALA A 79 16.87 15.14 29.49
CA ALA A 79 17.07 15.86 30.75
C ALA A 79 16.45 17.25 30.63
N ALA A 80 15.12 17.29 30.63
CA ALA A 80 14.32 18.52 30.59
C ALA A 80 14.58 19.40 31.83
N ASN A 81 14.88 18.70 32.95
CA ASN A 81 15.35 19.31 34.21
C ASN A 81 14.34 20.30 34.79
N LYS A 82 13.12 19.80 35.05
CA LYS A 82 12.07 20.54 35.77
C LYS A 82 11.99 20.01 37.21
N GLU A 83 12.01 20.95 38.18
CA GLU A 83 12.08 20.64 39.62
C GLU A 83 10.76 20.05 40.14
N VAL A 84 10.85 19.11 41.10
CA VAL A 84 9.67 18.56 41.79
C VAL A 84 9.21 19.51 42.91
N LEU A 85 7.89 19.50 43.20
CA LEU A 85 7.26 20.37 44.21
C LEU A 85 6.84 19.57 45.45
N ALA A 86 7.58 18.48 45.73
CA ALA A 86 7.30 17.56 46.85
C ALA A 86 7.95 18.08 48.15
N LYS A 87 7.36 17.71 49.29
CA LYS A 87 7.81 18.15 50.61
C LYS A 87 9.09 17.39 51.01
N VAL A 88 9.99 18.03 51.78
CA VAL A 88 11.28 17.42 52.17
C VAL A 88 11.43 17.37 53.72
N ILE A 89 10.26 17.35 54.41
CA ILE A 89 10.16 17.46 55.90
C ILE A 89 11.00 18.67 56.38
N ASP A 90 10.47 19.84 56.06
CA ASP A 90 11.12 21.14 56.26
C ASP A 90 10.28 22.02 57.17
N LEU A 91 9.54 21.36 58.06
CA LEU A 91 8.58 21.99 58.99
C LEU A 91 9.27 22.45 60.29
N THR A 92 10.42 23.12 60.13
CA THR A 92 11.22 23.63 61.24
C THR A 92 10.49 24.77 61.96
N HIS A 93 10.37 24.64 63.28
CA HIS A 93 9.63 25.59 64.13
C HIS A 93 10.54 26.70 64.65
N ASP A 94 9.97 27.89 64.79
CA ASP A 94 10.66 29.07 65.36
C ASP A 94 11.01 28.85 66.85
N ASN A 95 12.01 29.60 67.33
CA ASN A 95 12.47 29.56 68.73
C ASN A 95 11.38 30.16 69.66
N LYS A 96 10.87 29.31 70.58
CA LYS A 96 9.74 29.66 71.46
C LYS A 96 10.09 30.83 72.39
N ASP A 97 9.09 31.67 72.66
CA ASP A 97 9.22 32.90 73.49
C ASP A 97 9.34 32.60 74.99
N ASP A 98 9.32 31.31 75.35
CA ASP A 98 9.41 30.82 76.74
C ASP A 98 10.66 31.37 77.47
N LEU A 99 11.83 30.89 77.06
CA LEU A 99 13.12 31.25 77.69
C LEU A 99 13.49 32.72 77.44
N GLN A 100 13.06 33.26 76.29
CA GLN A 100 13.32 34.66 75.91
C GLN A 100 12.59 35.60 76.87
N ALA A 101 11.30 35.33 77.11
CA ALA A 101 10.46 36.13 78.02
C ALA A 101 10.89 35.94 79.48
N ALA A 102 11.39 34.74 79.82
CA ALA A 102 11.87 34.41 81.18
C ALA A 102 13.07 35.29 81.56
N ILE A 103 14.12 35.25 80.72
CA ILE A 103 15.39 35.95 80.97
C ILE A 103 15.22 37.48 80.78
N ALA A 104 14.49 37.87 79.70
CA ALA A 104 14.24 39.29 79.38
C ALA A 104 13.41 39.99 80.47
N LEU A 105 12.36 39.31 80.99
CA LEU A 105 11.56 39.87 82.10
C LEU A 105 12.43 39.99 83.34
N SER A 106 13.21 38.93 83.66
CA SER A 106 14.17 38.93 84.80
C SER A 106 15.24 40.04 84.66
N LEU A 107 15.51 40.47 83.43
CA LEU A 107 16.44 41.57 83.16
C LEU A 107 15.77 42.91 83.52
N LEU A 108 14.49 43.07 83.13
CA LEU A 108 13.71 44.28 83.45
C LEU A 108 13.15 44.24 84.90
N GLU A 109 13.28 43.08 85.59
CA GLU A 109 12.93 42.96 87.02
C GLU A 109 13.90 43.78 87.87
N SER A 110 13.38 44.29 88.99
CA SER A 110 14.07 45.25 89.87
C SER A 110 14.33 44.62 91.25
N PRO A 111 15.37 45.09 92.03
CA PRO A 111 15.57 44.64 93.43
C PRO A 111 14.36 44.99 94.30
N LYS A 112 13.86 44.01 95.08
CA LYS A 112 12.67 44.22 95.94
C LYS A 112 13.03 45.19 97.06
N ILE A 113 14.21 44.95 97.64
CA ILE A 113 14.86 45.88 98.56
C ILE A 113 15.68 46.85 97.69
N GLN A 114 15.29 48.14 97.70
CA GLN A 114 15.84 49.18 96.79
C GLN A 114 17.37 49.31 96.87
N ALA A 115 17.94 49.11 98.07
CA ALA A 115 19.40 49.11 98.28
C ALA A 115 20.00 47.74 97.89
N ASP A 116 20.27 47.58 96.59
CA ASP A 116 21.05 46.43 96.01
C ASP A 116 20.36 45.05 96.20
N GLY A 117 19.15 45.03 96.80
CA GLY A 117 18.48 43.78 97.16
C GLY A 117 19.08 43.11 98.38
N ARG A 118 18.99 43.79 99.55
CA ARG A 118 19.48 43.25 100.85
C ARG A 118 18.43 42.31 101.52
N ASP A 119 17.72 41.52 100.69
CA ASP A 119 16.72 40.51 101.16
C ASP A 119 17.32 39.52 102.18
N LEU A 120 18.57 39.14 101.95
CA LEU A 120 19.35 38.31 102.88
C LEU A 120 20.78 38.89 102.93
N ASN A 121 20.89 40.04 103.59
CA ASN A 121 22.16 40.76 103.81
C ASN A 121 21.95 41.81 104.92
N ARG A 122 23.07 42.34 105.49
CA ARG A 122 23.07 43.28 106.64
C ARG A 122 22.47 42.62 107.90
N MET A 123 22.60 41.29 108.00
CA MET A 123 22.07 40.49 109.13
C MET A 123 23.10 40.34 110.27
N HIS A 124 24.27 41.01 110.13
CA HIS A 124 25.33 41.04 111.16
C HIS A 124 26.13 42.35 111.08
N GLU A 125 26.72 42.76 112.21
CA GLU A 125 27.56 43.95 112.32
C GLU A 125 28.40 43.85 113.61
N ALA A 126 29.70 43.56 113.46
CA ALA A 126 30.62 43.38 114.59
C ALA A 126 31.12 44.75 115.12
N THR A 127 30.40 45.29 116.13
CA THR A 127 30.74 46.56 116.80
C THR A 127 29.85 46.76 118.05
N SER A 128 30.14 47.83 118.83
CA SER A 128 29.42 48.15 120.08
C SER A 128 28.43 49.30 119.87
N ALA A 129 27.27 49.23 120.51
CA ALA A 129 26.20 50.25 120.45
C ALA A 129 25.67 50.54 121.87
N GLN A 19 -12.06 -9.23 -25.53
CA GLN A 19 -12.66 -9.39 -24.20
C GLN A 19 -11.79 -10.30 -23.31
N MET A 20 -11.06 -11.25 -23.95
CA MET A 20 -10.30 -12.31 -23.26
C MET A 20 -9.30 -11.74 -22.23
N LEU A 21 -8.51 -10.73 -22.64
CA LEU A 21 -7.54 -10.04 -21.76
C LEU A 21 -8.21 -9.43 -20.49
N LEU A 22 -9.43 -8.87 -20.67
CA LEU A 22 -10.23 -8.31 -19.55
C LEU A 22 -10.63 -9.44 -18.59
N ASN A 23 -11.11 -10.54 -19.18
CA ASN A 23 -11.61 -11.73 -18.45
C ASN A 23 -10.49 -12.38 -17.63
N GLN A 24 -9.32 -12.53 -18.27
CA GLN A 24 -8.11 -13.12 -17.67
C GLN A 24 -7.71 -12.34 -16.42
N LEU A 25 -7.53 -11.02 -16.60
CA LEU A 25 -7.04 -10.16 -15.52
C LEU A 25 -8.06 -10.06 -14.38
N ARG A 26 -9.34 -9.86 -14.75
CA ARG A 26 -10.48 -9.76 -13.79
C ARG A 26 -10.59 -11.01 -12.90
N GLU A 27 -10.34 -12.18 -13.50
CA GLU A 27 -10.42 -13.47 -12.81
C GLU A 27 -9.26 -13.63 -11.81
N ILE A 28 -8.02 -13.38 -12.27
CA ILE A 28 -6.79 -13.61 -11.48
C ILE A 28 -6.57 -12.53 -10.39
N THR A 29 -7.04 -11.29 -10.64
CA THR A 29 -6.94 -10.19 -9.66
C THR A 29 -8.15 -10.21 -8.71
N GLY A 30 -9.34 -10.32 -9.31
CA GLY A 30 -10.61 -10.24 -8.58
C GLY A 30 -11.26 -8.87 -8.72
N ILE A 31 -10.64 -7.99 -9.54
CA ILE A 31 -11.09 -6.61 -9.76
C ILE A 31 -12.18 -6.56 -10.85
N GLN A 32 -13.33 -5.97 -10.48
CA GLN A 32 -14.50 -5.82 -11.36
C GLN A 32 -14.47 -4.50 -12.15
N ASP A 33 -13.57 -3.58 -11.77
CA ASP A 33 -13.40 -2.28 -12.43
C ASP A 33 -12.74 -2.48 -13.81
N PRO A 34 -13.49 -2.29 -14.96
CA PRO A 34 -12.97 -2.52 -16.33
C PRO A 34 -11.82 -1.55 -16.65
N SER A 35 -11.87 -0.36 -16.03
CA SER A 35 -10.83 0.67 -16.14
C SER A 35 -9.47 0.13 -15.70
N PHE A 36 -9.43 -0.46 -14.49
CA PHE A 36 -8.19 -1.02 -13.89
C PHE A 36 -7.58 -2.12 -14.77
N LEU A 37 -8.47 -2.88 -15.42
CA LEU A 37 -8.09 -4.02 -16.27
C LEU A 37 -7.39 -3.53 -17.54
N HIS A 38 -8.05 -2.60 -18.25
CA HIS A 38 -7.48 -1.92 -19.43
C HIS A 38 -6.15 -1.22 -19.06
N GLU A 39 -6.16 -0.43 -17.97
CA GLU A 39 -5.02 0.43 -17.57
C GLU A 39 -3.77 -0.40 -17.25
N ALA A 40 -3.96 -1.54 -16.58
CA ALA A 40 -2.86 -2.48 -16.27
C ALA A 40 -2.31 -3.12 -17.55
N LEU A 41 -3.23 -3.51 -18.47
CA LEU A 41 -2.89 -4.06 -19.80
C LEU A 41 -2.15 -3.02 -20.68
N LYS A 42 -2.47 -1.72 -20.51
CA LYS A 42 -1.80 -0.62 -21.27
C LYS A 42 -0.40 -0.36 -20.69
N ALA A 43 -0.32 -0.37 -19.35
CA ALA A 43 0.92 -0.12 -18.59
C ALA A 43 1.95 -1.25 -18.82
N SER A 44 1.42 -2.46 -19.11
CA SER A 44 2.23 -3.66 -19.37
C SER A 44 2.34 -3.96 -20.88
N ASN A 45 1.67 -3.12 -21.72
CA ASN A 45 1.67 -3.22 -23.21
C ASN A 45 1.00 -4.52 -23.71
N GLY A 46 0.23 -5.18 -22.83
CA GLY A 46 -0.51 -6.39 -23.15
C GLY A 46 -0.06 -7.60 -22.34
N ASP A 47 1.10 -7.47 -21.65
CA ASP A 47 1.66 -8.57 -20.83
C ASP A 47 0.79 -8.77 -19.55
N ILE A 48 0.05 -9.89 -19.51
CA ILE A 48 -0.95 -10.18 -18.45
C ILE A 48 -0.28 -10.38 -17.06
N THR A 49 0.97 -10.87 -17.11
CA THR A 49 1.77 -11.18 -15.92
C THR A 49 2.25 -9.90 -15.20
N GLN A 50 2.73 -8.92 -15.98
CA GLN A 50 3.11 -7.59 -15.47
C GLN A 50 1.85 -6.85 -14.97
N ALA A 51 0.74 -6.99 -15.72
CA ALA A 51 -0.55 -6.34 -15.42
C ALA A 51 -1.09 -6.75 -14.03
N VAL A 52 -1.12 -8.08 -13.79
CA VAL A 52 -1.58 -8.65 -12.52
C VAL A 52 -0.64 -8.23 -11.38
N SER A 53 0.69 -8.21 -11.65
CA SER A 53 1.72 -7.80 -10.66
C SER A 53 1.55 -6.32 -10.23
N LEU A 54 1.14 -5.47 -11.18
CA LEU A 54 0.91 -4.03 -10.93
C LEU A 54 -0.36 -3.81 -10.10
N LEU A 55 -1.38 -4.68 -10.29
CA LEU A 55 -2.63 -4.62 -9.52
C LEU A 55 -2.53 -5.37 -8.16
N THR A 56 -1.64 -6.37 -8.06
CA THR A 56 -1.42 -7.15 -6.82
C THR A 56 -0.22 -6.60 -6.03
N ASP A 57 0.23 -5.40 -6.44
CA ASP A 57 1.23 -4.59 -5.68
C ASP A 57 0.62 -4.12 -4.32
N GLU A 58 -0.73 -4.17 -4.25
CA GLU A 58 -1.51 -3.70 -3.08
C GLU A 58 -1.41 -4.68 -1.89
N ARG A 59 -1.16 -5.97 -2.17
CA ARG A 59 -0.94 -7.01 -1.11
C ARG A 59 0.32 -6.66 -0.26
N VAL A 60 1.30 -6.02 -0.94
CA VAL A 60 2.61 -5.68 -0.38
C VAL A 60 2.78 -4.14 -0.44
N LYS A 61 1.64 -3.42 -0.28
CA LYS A 61 1.57 -1.95 -0.32
C LYS A 61 2.45 -1.35 0.80
N GLU A 62 3.73 -1.12 0.48
CA GLU A 62 4.77 -0.69 1.43
C GLU A 62 4.41 0.69 2.05
N PRO A 63 4.42 0.83 3.43
CA PRO A 63 4.82 -0.23 4.40
C PRO A 63 3.66 -1.22 4.75
N SER A 64 3.76 -2.46 4.21
CA SER A 64 2.76 -3.53 4.47
C SER A 64 3.36 -4.56 5.45
N GLN A 65 2.50 -5.09 6.34
CA GLN A 65 2.86 -6.16 7.30
C GLN A 65 2.11 -7.47 7.00
N ASP A 66 1.09 -7.41 6.08
CA ASP A 66 0.34 -8.59 5.63
C ASP A 66 1.28 -9.60 4.97
N THR A 67 2.09 -9.09 4.04
CA THR A 67 3.25 -9.79 3.48
C THR A 67 4.51 -9.09 3.99
N VAL A 68 5.58 -9.87 4.29
CA VAL A 68 6.88 -9.32 4.69
C VAL A 68 7.50 -8.59 3.48
N ALA A 69 7.41 -7.25 3.51
CA ALA A 69 7.95 -6.37 2.47
C ALA A 69 9.48 -6.25 2.61
N THR A 70 10.15 -7.37 2.32
CA THR A 70 11.62 -7.52 2.42
C THR A 70 12.08 -8.50 1.34
N GLU A 71 12.54 -7.96 0.20
CA GLU A 71 13.12 -8.74 -0.90
C GLU A 71 14.63 -8.41 -1.00
N PRO A 72 15.46 -9.31 -1.65
CA PRO A 72 16.91 -9.06 -1.87
C PRO A 72 17.20 -7.65 -2.42
N SER A 73 17.76 -6.78 -1.56
CA SER A 73 18.11 -5.40 -1.92
C SER A 73 19.42 -5.40 -2.75
N GLU A 74 19.26 -5.64 -4.06
CA GLU A 74 20.35 -5.75 -5.03
C GLU A 74 20.23 -4.61 -6.07
N VAL A 75 19.45 -3.57 -5.70
CA VAL A 75 19.19 -2.38 -6.54
C VAL A 75 20.50 -1.64 -6.93
N GLU A 76 20.60 -1.27 -8.22
CA GLU A 76 21.80 -0.62 -8.76
C GLU A 76 21.81 0.86 -8.38
N GLY A 77 22.71 1.22 -7.45
CA GLY A 77 22.82 2.59 -6.95
C GLY A 77 23.97 3.33 -7.62
N SER A 78 23.72 3.87 -8.84
CA SER A 78 24.71 4.66 -9.60
C SER A 78 25.00 6.00 -8.91
N ALA A 79 26.27 6.41 -8.91
CA ALA A 79 26.74 7.66 -8.29
C ALA A 79 27.51 8.50 -9.32
N ALA A 80 26.76 9.16 -10.20
CA ALA A 80 27.28 10.06 -11.24
C ALA A 80 27.19 11.52 -10.76
N ASN A 81 27.47 11.72 -9.45
CA ASN A 81 27.34 13.00 -8.76
C ASN A 81 28.27 14.08 -9.37
N LYS A 82 27.66 15.16 -9.86
CA LYS A 82 28.38 16.32 -10.39
C LYS A 82 27.46 17.55 -10.28
N GLU A 83 28.03 18.67 -9.85
CA GLU A 83 27.30 19.94 -9.71
C GLU A 83 28.04 21.03 -10.49
N VAL A 84 27.29 21.82 -11.28
CA VAL A 84 27.84 22.90 -12.10
C VAL A 84 28.35 24.06 -11.22
N LEU A 85 29.24 24.90 -11.80
CA LEU A 85 29.82 26.08 -11.13
C LEU A 85 28.93 27.33 -11.35
N ALA A 86 27.65 27.11 -11.73
CA ALA A 86 26.66 28.16 -11.92
C ALA A 86 25.89 28.39 -10.61
N LYS A 87 26.02 29.61 -10.05
CA LYS A 87 25.39 30.00 -8.77
C LYS A 87 25.33 31.54 -8.69
N VAL A 88 24.58 32.07 -7.71
CA VAL A 88 24.41 33.54 -7.51
C VAL A 88 25.49 34.10 -6.54
N ILE A 89 26.41 33.23 -6.17
CA ILE A 89 27.44 33.50 -5.14
C ILE A 89 28.68 34.11 -5.83
N ASP A 90 28.52 35.37 -6.24
CA ASP A 90 29.59 36.18 -6.83
C ASP A 90 30.26 37.01 -5.72
N LEU A 91 31.57 37.27 -5.87
CA LEU A 91 32.38 38.04 -4.90
C LEU A 91 33.52 38.82 -5.59
N THR A 92 33.23 39.40 -6.77
CA THR A 92 34.24 40.10 -7.60
C THR A 92 34.62 41.48 -7.00
N HIS A 93 33.64 42.42 -6.94
CA HIS A 93 33.86 43.78 -6.39
C HIS A 93 33.37 43.87 -4.93
N ASP A 94 33.21 42.70 -4.28
CA ASP A 94 32.77 42.59 -2.89
C ASP A 94 33.97 42.78 -1.92
N ASN A 95 34.60 43.97 -1.99
CA ASN A 95 35.68 44.39 -1.09
C ASN A 95 35.13 45.48 -0.16
N LYS A 96 35.38 45.32 1.15
CA LYS A 96 34.87 46.25 2.18
C LYS A 96 35.74 47.51 2.23
N ASP A 97 35.09 48.65 2.50
CA ASP A 97 35.76 49.97 2.65
C ASP A 97 36.45 50.09 4.03
N ASP A 98 36.25 49.07 4.90
CA ASP A 98 36.82 49.04 6.27
C ASP A 98 38.34 49.09 6.23
N LEU A 99 38.95 48.01 5.69
CA LEU A 99 40.41 47.86 5.60
C LEU A 99 41.03 48.89 4.64
N GLN A 100 40.26 49.25 3.59
CA GLN A 100 40.65 50.29 2.60
C GLN A 100 40.90 51.63 3.31
N ALA A 101 39.87 52.10 4.03
CA ALA A 101 39.86 53.41 4.71
C ALA A 101 40.77 53.39 5.96
N ALA A 102 40.97 52.20 6.55
CA ALA A 102 41.86 52.01 7.71
C ALA A 102 43.31 52.34 7.32
N ILE A 103 43.82 51.62 6.31
CA ILE A 103 45.20 51.81 5.81
C ILE A 103 45.33 53.19 5.12
N ALA A 104 44.29 53.58 4.36
CA ALA A 104 44.24 54.86 3.62
C ALA A 104 44.49 56.03 4.57
N LEU A 105 43.62 56.16 5.59
CA LEU A 105 43.67 57.25 6.57
C LEU A 105 44.93 57.15 7.46
N SER A 106 45.38 55.92 7.77
CA SER A 106 46.60 55.70 8.58
C SER A 106 47.86 56.17 7.82
N LEU A 107 47.83 56.09 6.49
CA LEU A 107 48.90 56.58 5.60
C LEU A 107 48.76 58.10 5.33
N LEU A 108 47.51 58.62 5.46
CA LEU A 108 47.24 60.09 5.45
C LEU A 108 47.62 60.72 6.81
N GLU A 109 47.71 59.88 7.85
CA GLU A 109 48.15 60.26 9.21
C GLU A 109 49.53 59.67 9.51
N SER A 110 50.32 59.40 8.44
CA SER A 110 51.68 58.85 8.55
C SER A 110 52.55 59.74 9.49
N PRO A 111 53.11 59.16 10.61
CA PRO A 111 53.96 59.92 11.56
C PRO A 111 55.25 60.47 10.89
N LYS A 112 55.77 61.57 11.44
CA LYS A 112 56.99 62.24 10.92
C LYS A 112 58.25 61.60 11.56
N ILE A 113 58.04 60.46 12.23
CA ILE A 113 59.08 59.64 12.84
C ILE A 113 58.80 58.16 12.50
N GLN A 114 59.59 57.63 11.56
CA GLN A 114 59.58 56.20 11.20
C GLN A 114 60.84 55.50 11.74
N ALA A 115 61.90 56.30 11.92
CA ALA A 115 63.19 55.85 12.45
C ALA A 115 63.90 57.02 13.16
N ASP A 116 63.35 57.38 14.35
CA ASP A 116 63.91 58.43 15.25
C ASP A 116 63.91 59.83 14.59
N GLY A 117 62.95 60.07 13.66
CA GLY A 117 62.81 61.36 12.97
C GLY A 117 62.38 62.48 13.91
N ARG A 118 61.10 62.89 13.85
CA ARG A 118 60.52 63.89 14.77
C ARG A 118 60.08 63.20 16.06
N ASP A 119 61.07 62.98 16.94
CA ASP A 119 60.94 62.29 18.23
C ASP A 119 59.95 63.04 19.16
N LEU A 120 59.97 64.39 19.07
CA LEU A 120 59.07 65.27 19.87
C LEU A 120 57.58 65.06 19.50
N ASN A 121 57.31 64.53 18.28
CA ASN A 121 55.94 64.19 17.85
C ASN A 121 55.52 62.85 18.48
N ARG A 122 54.92 62.95 19.65
CA ARG A 122 54.37 61.81 20.40
C ARG A 122 53.28 62.32 21.36
N MET A 123 52.53 61.39 21.97
CA MET A 123 51.41 61.72 22.88
C MET A 123 51.25 60.62 23.94
N HIS A 124 51.22 61.05 25.22
CA HIS A 124 50.96 60.16 26.38
C HIS A 124 49.86 60.79 27.23
N GLU A 125 48.65 60.21 27.17
CA GLU A 125 47.47 60.64 27.95
C GLU A 125 46.61 59.41 28.30
N ALA A 126 45.35 59.65 28.75
CA ALA A 126 44.43 58.59 29.18
C ALA A 126 43.79 57.85 27.99
N THR A 127 44.59 56.99 27.33
CA THR A 127 44.09 56.08 26.28
C THR A 127 44.01 54.64 26.87
N SER A 128 42.84 54.32 27.44
CA SER A 128 42.58 53.01 28.07
C SER A 128 41.07 52.83 28.28
N ALA A 129 40.64 51.56 28.34
CA ALA A 129 39.23 51.19 28.58
C ALA A 129 39.19 49.89 29.40
N GLN A 19 -12.25 -9.25 -25.37
CA GLN A 19 -12.86 -9.46 -24.04
C GLN A 19 -12.04 -10.45 -23.20
N MET A 20 -11.34 -11.39 -23.88
CA MET A 20 -10.61 -12.51 -23.24
C MET A 20 -9.64 -12.03 -22.15
N LEU A 21 -8.77 -11.06 -22.53
CA LEU A 21 -7.76 -10.44 -21.61
C LEU A 21 -8.40 -9.71 -20.41
N LEU A 22 -9.59 -9.09 -20.62
CA LEU A 22 -10.35 -8.39 -19.55
C LEU A 22 -10.80 -9.40 -18.49
N ASN A 23 -11.40 -10.49 -18.98
CA ASN A 23 -12.01 -11.56 -18.15
C ASN A 23 -10.93 -12.34 -17.39
N GLN A 24 -9.84 -12.65 -18.11
CA GLN A 24 -8.64 -13.30 -17.57
C GLN A 24 -8.07 -12.49 -16.40
N LEU A 25 -7.80 -11.18 -16.63
CA LEU A 25 -7.19 -10.33 -15.62
C LEU A 25 -8.14 -10.14 -14.41
N ARG A 26 -9.43 -9.94 -14.70
CA ARG A 26 -10.50 -9.77 -13.68
C ARG A 26 -10.56 -10.97 -12.72
N GLU A 27 -10.35 -12.17 -13.29
CA GLU A 27 -10.35 -13.43 -12.53
C GLU A 27 -9.11 -13.53 -11.61
N ILE A 28 -7.92 -13.25 -12.17
CA ILE A 28 -6.62 -13.48 -11.48
C ILE A 28 -6.24 -12.31 -10.53
N THR A 29 -6.89 -11.13 -10.67
CA THR A 29 -6.71 -9.99 -9.75
C THR A 29 -7.81 -10.00 -8.68
N GLY A 30 -9.06 -10.16 -9.17
CA GLY A 30 -10.26 -10.04 -8.34
C GLY A 30 -10.98 -8.73 -8.59
N ILE A 31 -10.31 -7.83 -9.34
CA ILE A 31 -10.83 -6.50 -9.69
C ILE A 31 -11.89 -6.62 -10.79
N GLN A 32 -13.15 -6.30 -10.40
CA GLN A 32 -14.31 -6.36 -11.30
C GLN A 32 -14.38 -5.12 -12.20
N ASP A 33 -13.59 -4.08 -11.83
CA ASP A 33 -13.57 -2.78 -12.50
C ASP A 33 -12.75 -2.86 -13.81
N PRO A 34 -13.38 -2.65 -15.02
CA PRO A 34 -12.71 -2.81 -16.34
C PRO A 34 -11.64 -1.73 -16.60
N SER A 35 -11.74 -0.56 -15.94
CA SER A 35 -10.82 0.58 -16.15
C SER A 35 -9.40 0.18 -15.76
N PHE A 36 -9.30 -0.38 -14.54
CA PHE A 36 -8.04 -0.87 -13.95
C PHE A 36 -7.38 -1.93 -14.82
N LEU A 37 -8.23 -2.80 -15.41
CA LEU A 37 -7.78 -3.93 -16.23
C LEU A 37 -7.13 -3.44 -17.54
N HIS A 38 -7.79 -2.48 -18.21
CA HIS A 38 -7.26 -1.85 -19.43
C HIS A 38 -5.95 -1.10 -19.14
N GLU A 39 -5.93 -0.31 -18.04
CA GLU A 39 -4.75 0.49 -17.64
C GLU A 39 -3.55 -0.38 -17.26
N ALA A 40 -3.83 -1.58 -16.72
CA ALA A 40 -2.80 -2.55 -16.36
C ALA A 40 -2.19 -3.18 -17.62
N LEU A 41 -3.07 -3.53 -18.58
CA LEU A 41 -2.68 -4.09 -19.91
C LEU A 41 -1.98 -3.01 -20.75
N LYS A 42 -2.31 -1.74 -20.48
CA LYS A 42 -1.73 -0.57 -21.17
C LYS A 42 -0.30 -0.32 -20.65
N ALA A 43 -0.12 -0.37 -19.31
CA ALA A 43 1.17 -0.10 -18.64
C ALA A 43 2.19 -1.21 -18.94
N SER A 44 1.69 -2.43 -19.15
CA SER A 44 2.51 -3.63 -19.38
C SER A 44 2.78 -3.86 -20.88
N ASN A 45 2.29 -2.94 -21.74
CA ASN A 45 2.40 -3.00 -23.22
C ASN A 45 1.57 -4.17 -23.82
N GLY A 46 0.69 -4.77 -22.99
CA GLY A 46 -0.16 -5.91 -23.40
C GLY A 46 0.17 -7.21 -22.66
N ASP A 47 1.12 -7.16 -21.72
CA ASP A 47 1.56 -8.34 -20.94
C ASP A 47 0.68 -8.52 -19.68
N ILE A 48 -0.16 -9.57 -19.67
CA ILE A 48 -1.12 -9.83 -18.60
C ILE A 48 -0.41 -10.23 -17.27
N THR A 49 0.88 -10.65 -17.37
CA THR A 49 1.69 -11.05 -16.21
C THR A 49 2.08 -9.80 -15.34
N GLN A 50 2.62 -8.76 -16.02
CA GLN A 50 2.93 -7.48 -15.37
C GLN A 50 1.63 -6.82 -14.89
N ALA A 51 0.58 -6.93 -15.72
CA ALA A 51 -0.76 -6.35 -15.43
C ALA A 51 -1.31 -6.81 -14.07
N VAL A 52 -1.35 -8.14 -13.86
CA VAL A 52 -1.83 -8.74 -12.59
C VAL A 52 -0.90 -8.36 -11.43
N SER A 53 0.43 -8.38 -11.67
CA SER A 53 1.42 -8.04 -10.64
C SER A 53 1.22 -6.59 -10.12
N LEU A 54 0.95 -5.66 -11.05
CA LEU A 54 0.79 -4.23 -10.71
C LEU A 54 -0.53 -3.97 -9.96
N LEU A 55 -1.60 -4.69 -10.36
CA LEU A 55 -2.92 -4.56 -9.73
C LEU A 55 -3.02 -5.28 -8.37
N THR A 56 -2.20 -6.33 -8.14
CA THR A 56 -2.20 -7.07 -6.86
C THR A 56 -1.29 -6.39 -5.84
N ASP A 57 -0.12 -5.90 -6.31
CA ASP A 57 0.94 -5.32 -5.45
C ASP A 57 0.63 -3.88 -4.99
N GLU A 58 -0.66 -3.47 -5.05
CA GLU A 58 -1.15 -2.31 -4.28
C GLU A 58 -1.17 -2.65 -2.76
N ARG A 59 -1.17 -3.97 -2.45
CA ARG A 59 -1.01 -4.52 -1.09
C ARG A 59 0.34 -4.11 -0.45
N VAL A 60 1.39 -4.02 -1.29
CA VAL A 60 2.78 -3.75 -0.84
C VAL A 60 3.17 -2.28 -1.12
N LYS A 61 2.15 -1.44 -1.38
CA LYS A 61 2.30 0.03 -1.47
C LYS A 61 2.77 0.59 -0.11
N GLU A 62 4.06 0.96 -0.06
CA GLU A 62 4.74 1.52 1.11
C GLU A 62 3.97 2.73 1.72
N PRO A 63 3.82 2.82 3.10
CA PRO A 63 4.31 1.80 4.06
C PRO A 63 3.31 0.63 4.19
N SER A 64 3.73 -0.56 3.76
CA SER A 64 2.90 -1.77 3.87
C SER A 64 3.36 -2.61 5.08
N GLN A 65 4.35 -3.50 4.87
CA GLN A 65 4.78 -4.50 5.86
C GLN A 65 5.95 -5.33 5.29
N ASP A 66 6.65 -6.04 6.20
CA ASP A 66 7.63 -7.07 5.84
C ASP A 66 7.41 -8.30 6.75
N THR A 67 7.39 -9.48 6.15
CA THR A 67 7.04 -10.73 6.84
C THR A 67 8.30 -11.45 7.35
N VAL A 68 8.65 -11.17 8.62
CA VAL A 68 9.72 -11.87 9.36
C VAL A 68 9.19 -13.19 9.95
N ALA A 69 10.07 -14.20 10.02
CA ALA A 69 9.75 -15.51 10.63
C ALA A 69 9.94 -15.39 12.16
N THR A 70 8.96 -14.75 12.81
CA THR A 70 9.00 -14.41 14.23
C THR A 70 7.55 -14.32 14.77
N GLU A 71 7.39 -14.53 16.10
CA GLU A 71 6.11 -14.31 16.79
C GLU A 71 5.77 -12.79 16.78
N PRO A 72 4.54 -12.39 16.35
CA PRO A 72 4.09 -10.98 16.40
C PRO A 72 3.83 -10.50 17.85
N SER A 73 4.00 -9.19 18.09
CA SER A 73 3.71 -8.56 19.40
C SER A 73 2.18 -8.37 19.56
N GLU A 74 1.75 -8.02 20.79
CA GLU A 74 0.34 -7.81 21.12
C GLU A 74 -0.20 -6.54 20.44
N VAL A 75 -0.67 -6.72 19.20
CA VAL A 75 -1.32 -5.68 18.40
C VAL A 75 -2.83 -6.04 18.21
N GLU A 76 -3.70 -5.29 18.90
CA GLU A 76 -5.17 -5.45 18.82
C GLU A 76 -5.75 -4.32 17.95
N GLY A 77 -6.72 -4.67 17.10
CA GLY A 77 -7.38 -3.71 16.19
C GLY A 77 -6.97 -3.90 14.74
N SER A 78 -6.67 -5.16 14.36
CA SER A 78 -6.26 -5.54 12.99
C SER A 78 -7.43 -5.32 11.98
N ALA A 79 -7.48 -4.10 11.42
CA ALA A 79 -8.47 -3.72 10.40
C ALA A 79 -7.88 -3.85 8.97
N ALA A 80 -6.60 -4.24 8.89
CA ALA A 80 -5.86 -4.41 7.62
C ALA A 80 -6.36 -5.64 6.86
N ASN A 81 -6.39 -5.55 5.52
CA ASN A 81 -6.87 -6.63 4.62
C ASN A 81 -5.71 -7.56 4.23
N LYS A 82 -4.79 -7.79 5.19
CA LYS A 82 -3.64 -8.69 5.02
C LYS A 82 -4.13 -10.14 4.82
N GLU A 83 -3.38 -10.90 4.01
CA GLU A 83 -3.59 -12.34 3.85
C GLU A 83 -3.34 -13.04 5.21
N VAL A 84 -4.45 -13.43 5.87
CA VAL A 84 -4.40 -14.15 7.13
C VAL A 84 -3.96 -15.61 6.92
N LEU A 85 -3.17 -16.14 7.87
CA LEU A 85 -2.71 -17.53 7.87
C LEU A 85 -3.34 -18.28 9.06
N ALA A 86 -4.40 -17.68 9.64
CA ALA A 86 -5.13 -18.23 10.80
C ALA A 86 -5.83 -19.56 10.49
N LYS A 87 -6.25 -20.25 11.57
CA LYS A 87 -7.02 -21.51 11.51
C LYS A 87 -8.27 -21.38 10.60
N VAL A 88 -8.65 -22.49 9.96
CA VAL A 88 -9.79 -22.55 9.01
C VAL A 88 -10.80 -23.60 9.50
N ILE A 89 -10.75 -23.86 10.80
CA ILE A 89 -11.48 -24.94 11.47
C ILE A 89 -12.65 -24.35 12.26
N ASP A 90 -13.73 -24.05 11.51
CA ASP A 90 -15.02 -23.61 12.08
C ASP A 90 -16.13 -24.54 11.55
N LEU A 91 -17.16 -24.77 12.39
CA LEU A 91 -18.24 -25.75 12.09
C LEU A 91 -19.60 -25.24 12.62
N THR A 92 -19.67 -23.92 12.92
CA THR A 92 -20.90 -23.30 13.46
C THR A 92 -21.94 -23.05 12.34
N HIS A 93 -22.98 -22.25 12.63
CA HIS A 93 -24.15 -22.08 11.75
C HIS A 93 -23.88 -21.03 10.62
N ASP A 94 -22.60 -20.61 10.46
CA ASP A 94 -22.18 -19.68 9.39
C ASP A 94 -22.22 -20.39 8.03
N ASN A 95 -23.02 -19.84 7.10
CA ASN A 95 -23.15 -20.36 5.72
C ASN A 95 -22.06 -19.80 4.81
N LYS A 96 -21.92 -20.43 3.64
CA LYS A 96 -20.84 -20.17 2.67
C LYS A 96 -21.25 -20.80 1.33
N ASP A 97 -20.82 -20.20 0.21
CA ASP A 97 -21.23 -20.66 -1.14
C ASP A 97 -20.18 -21.57 -1.79
N ASP A 98 -18.92 -21.48 -1.29
CA ASP A 98 -17.77 -22.19 -1.89
C ASP A 98 -17.90 -23.72 -1.78
N LEU A 99 -18.26 -24.21 -0.57
CA LEU A 99 -18.45 -25.66 -0.32
C LEU A 99 -19.67 -26.19 -1.09
N GLN A 100 -20.69 -25.32 -1.25
CA GLN A 100 -21.90 -25.66 -2.02
C GLN A 100 -21.57 -25.84 -3.50
N ALA A 101 -20.75 -24.93 -4.05
CA ALA A 101 -20.32 -24.95 -5.46
C ALA A 101 -19.49 -26.23 -5.74
N ALA A 102 -18.55 -26.52 -4.82
CA ALA A 102 -17.65 -27.68 -4.90
C ALA A 102 -18.44 -29.01 -4.90
N ILE A 103 -19.24 -29.23 -3.85
CA ILE A 103 -20.01 -30.48 -3.65
C ILE A 103 -21.07 -30.68 -4.74
N ALA A 104 -21.77 -29.58 -5.12
CA ALA A 104 -22.82 -29.59 -6.17
C ALA A 104 -22.24 -29.96 -7.55
N LEU A 105 -21.02 -29.45 -7.83
CA LEU A 105 -20.28 -29.76 -9.06
C LEU A 105 -19.90 -31.26 -9.06
N SER A 106 -19.40 -31.74 -7.90
CA SER A 106 -18.95 -33.14 -7.72
C SER A 106 -20.13 -34.12 -7.76
N LEU A 107 -21.32 -33.64 -7.38
CA LEU A 107 -22.56 -34.44 -7.30
C LEU A 107 -23.19 -34.57 -8.70
N LEU A 108 -23.27 -33.44 -9.42
CA LEU A 108 -23.98 -33.36 -10.71
C LEU A 108 -23.00 -33.73 -11.86
N GLU A 109 -21.89 -32.97 -11.99
CA GLU A 109 -20.82 -33.27 -12.97
C GLU A 109 -19.89 -34.37 -12.41
N SER A 110 -19.08 -34.97 -13.29
CA SER A 110 -18.06 -35.97 -12.91
C SER A 110 -16.80 -35.24 -12.37
N PRO A 111 -16.42 -35.47 -11.07
CA PRO A 111 -15.16 -34.92 -10.50
C PRO A 111 -13.92 -35.61 -11.13
N LYS A 112 -12.75 -34.95 -11.07
CA LYS A 112 -11.51 -35.48 -11.67
C LYS A 112 -10.83 -36.43 -10.69
N ILE A 113 -11.35 -37.68 -10.66
CA ILE A 113 -10.86 -38.76 -9.82
C ILE A 113 -10.75 -40.04 -10.69
N GLN A 114 -9.85 -39.99 -11.70
CA GLN A 114 -9.60 -41.14 -12.61
C GLN A 114 -8.51 -42.04 -12.01
N ALA A 115 -7.45 -41.41 -11.51
CA ALA A 115 -6.34 -42.05 -10.80
C ALA A 115 -5.77 -41.08 -9.75
N ASP A 116 -6.55 -40.01 -9.48
CA ASP A 116 -6.18 -38.91 -8.60
C ASP A 116 -6.39 -39.30 -7.13
N GLY A 117 -7.52 -39.98 -6.89
CA GLY A 117 -7.92 -40.40 -5.55
C GLY A 117 -8.33 -39.22 -4.67
N ARG A 118 -9.02 -38.23 -5.27
CA ARG A 118 -9.49 -37.02 -4.58
C ARG A 118 -10.88 -37.26 -3.93
N ASP A 119 -11.36 -38.51 -3.95
CA ASP A 119 -12.68 -38.91 -3.40
C ASP A 119 -12.75 -38.72 -1.88
N LEU A 120 -11.61 -39.00 -1.21
CA LEU A 120 -11.44 -38.78 0.23
C LEU A 120 -10.18 -37.92 0.42
N ASN A 121 -10.37 -36.65 0.78
CA ASN A 121 -9.29 -35.69 1.08
C ASN A 121 -9.58 -35.08 2.47
N ARG A 122 -8.85 -35.58 3.48
CA ARG A 122 -8.99 -35.11 4.88
C ARG A 122 -8.50 -33.66 5.01
N MET A 123 -9.41 -32.76 5.44
CA MET A 123 -9.06 -31.38 5.78
C MET A 123 -8.20 -31.41 7.06
N HIS A 124 -6.88 -31.12 6.92
CA HIS A 124 -5.93 -31.19 8.04
C HIS A 124 -6.33 -30.22 9.17
N GLU A 125 -6.18 -30.69 10.42
CA GLU A 125 -6.58 -29.92 11.60
C GLU A 125 -5.61 -28.76 11.87
N ALA A 126 -6.17 -27.67 12.40
CA ALA A 126 -5.44 -26.54 12.96
C ALA A 126 -5.97 -26.31 14.38
N THR A 127 -6.08 -27.45 15.12
CA THR A 127 -6.67 -27.54 16.46
C THR A 127 -6.02 -26.53 17.44
N SER A 128 -6.70 -25.38 17.61
CA SER A 128 -6.26 -24.32 18.53
C SER A 128 -6.62 -24.71 19.97
N ALA A 129 -5.79 -25.59 20.56
CA ALA A 129 -5.95 -26.06 21.93
C ALA A 129 -5.16 -25.12 22.88
N GLN A 19 -12.00 -9.38 -25.75
CA GLN A 19 -12.58 -9.49 -24.38
C GLN A 19 -11.72 -10.40 -23.49
N MET A 20 -10.92 -11.31 -24.12
CA MET A 20 -10.11 -12.32 -23.40
C MET A 20 -9.24 -11.70 -22.30
N LEU A 21 -8.46 -10.65 -22.65
CA LEU A 21 -7.59 -9.91 -21.70
C LEU A 21 -8.35 -9.43 -20.44
N LEU A 22 -9.62 -8.95 -20.64
CA LEU A 22 -10.49 -8.53 -19.52
C LEU A 22 -10.77 -9.73 -18.63
N ASN A 23 -11.24 -10.82 -19.27
CA ASN A 23 -11.69 -12.04 -18.57
C ASN A 23 -10.56 -12.68 -17.73
N GLN A 24 -9.36 -12.78 -18.35
CA GLN A 24 -8.18 -13.39 -17.73
C GLN A 24 -7.76 -12.61 -16.49
N LEU A 25 -7.51 -11.28 -16.66
CA LEU A 25 -7.02 -10.40 -15.58
C LEU A 25 -8.04 -10.34 -14.43
N ARG A 26 -9.32 -10.07 -14.78
CA ARG A 26 -10.44 -9.95 -13.82
C ARG A 26 -10.61 -11.22 -12.98
N GLU A 27 -10.33 -12.38 -13.60
CA GLU A 27 -10.34 -13.68 -12.93
C GLU A 27 -9.21 -13.75 -11.88
N ILE A 28 -7.99 -13.49 -12.31
CA ILE A 28 -6.75 -13.77 -11.52
C ILE A 28 -6.35 -12.60 -10.59
N THR A 29 -7.04 -11.44 -10.69
CA THR A 29 -6.89 -10.31 -9.74
C THR A 29 -8.12 -10.26 -8.82
N GLY A 30 -9.29 -10.50 -9.42
CA GLY A 30 -10.59 -10.41 -8.73
C GLY A 30 -11.22 -9.03 -8.86
N ILE A 31 -10.52 -8.15 -9.61
CA ILE A 31 -10.90 -6.73 -9.75
C ILE A 31 -12.05 -6.55 -10.76
N GLN A 32 -13.15 -5.95 -10.27
CA GLN A 32 -14.35 -5.72 -11.08
C GLN A 32 -14.21 -4.43 -11.92
N ASP A 33 -13.30 -3.53 -11.50
CA ASP A 33 -13.06 -2.23 -12.16
C ASP A 33 -12.46 -2.44 -13.58
N PRO A 34 -13.23 -2.18 -14.68
CA PRO A 34 -12.75 -2.43 -16.06
C PRO A 34 -11.63 -1.46 -16.47
N SER A 35 -11.66 -0.23 -15.88
CA SER A 35 -10.61 0.78 -16.08
C SER A 35 -9.28 0.25 -15.56
N PHE A 36 -9.30 -0.42 -14.38
CA PHE A 36 -8.08 -1.02 -13.76
C PHE A 36 -7.50 -2.09 -14.70
N LEU A 37 -8.41 -2.86 -15.33
CA LEU A 37 -8.03 -3.98 -16.18
C LEU A 37 -7.32 -3.51 -17.46
N HIS A 38 -7.94 -2.57 -18.18
CA HIS A 38 -7.36 -1.99 -19.41
C HIS A 38 -6.05 -1.23 -19.10
N GLU A 39 -6.07 -0.35 -18.09
CA GLU A 39 -4.90 0.49 -17.75
C GLU A 39 -3.72 -0.35 -17.25
N ALA A 40 -4.00 -1.53 -16.66
CA ALA A 40 -2.96 -2.51 -16.31
C ALA A 40 -2.34 -3.12 -17.57
N LEU A 41 -3.21 -3.49 -18.53
CA LEU A 41 -2.80 -4.02 -19.85
C LEU A 41 -2.07 -2.93 -20.69
N LYS A 42 -2.34 -1.65 -20.38
CA LYS A 42 -1.63 -0.50 -20.98
C LYS A 42 -0.22 -0.38 -20.36
N ALA A 43 -0.18 -0.50 -19.03
CA ALA A 43 1.07 -0.39 -18.23
C ALA A 43 1.99 -1.61 -18.41
N SER A 44 1.44 -2.68 -19.01
CA SER A 44 2.19 -3.92 -19.30
C SER A 44 2.43 -4.11 -20.80
N ASN A 45 1.86 -3.20 -21.64
CA ASN A 45 1.97 -3.23 -23.12
C ASN A 45 1.27 -4.46 -23.72
N GLY A 46 0.33 -5.07 -22.96
CA GLY A 46 -0.42 -6.24 -23.41
C GLY A 46 -0.02 -7.54 -22.70
N ASP A 47 0.91 -7.44 -21.73
CA ASP A 47 1.41 -8.61 -20.97
C ASP A 47 0.53 -8.85 -19.72
N ILE A 48 -0.17 -9.99 -19.68
CA ILE A 48 -1.13 -10.28 -18.61
C ILE A 48 -0.46 -10.34 -17.21
N THR A 49 0.76 -10.92 -17.16
CA THR A 49 1.47 -11.21 -15.89
C THR A 49 1.85 -9.90 -15.17
N GLN A 50 2.44 -8.96 -15.93
CA GLN A 50 2.83 -7.64 -15.42
C GLN A 50 1.60 -6.83 -15.02
N ALA A 51 0.51 -6.97 -15.79
CA ALA A 51 -0.78 -6.33 -15.48
C ALA A 51 -1.30 -6.74 -14.08
N VAL A 52 -1.20 -8.06 -13.78
CA VAL A 52 -1.60 -8.62 -12.47
C VAL A 52 -0.72 -8.03 -11.36
N SER A 53 0.61 -8.06 -11.60
CA SER A 53 1.64 -7.57 -10.65
C SER A 53 1.37 -6.11 -10.22
N LEU A 54 1.07 -5.27 -11.22
CA LEU A 54 0.89 -3.82 -11.02
C LEU A 54 -0.42 -3.50 -10.29
N LEU A 55 -1.48 -4.31 -10.53
CA LEU A 55 -2.76 -4.16 -9.79
C LEU A 55 -2.64 -4.63 -8.33
N THR A 56 -2.02 -5.81 -8.14
CA THR A 56 -1.85 -6.44 -6.82
C THR A 56 -0.83 -5.68 -5.94
N ASP A 57 -0.08 -4.75 -6.56
CA ASP A 57 0.92 -3.91 -5.86
C ASP A 57 0.26 -3.05 -4.75
N GLU A 58 -1.07 -2.90 -4.81
CA GLU A 58 -1.89 -2.20 -3.80
C GLU A 58 -1.62 -2.73 -2.36
N ARG A 59 -1.36 -4.05 -2.24
CA ARG A 59 -1.10 -4.73 -0.96
C ARG A 59 0.38 -5.17 -0.84
N VAL A 60 1.07 -5.27 -1.99
CA VAL A 60 2.48 -5.74 -2.05
C VAL A 60 3.46 -4.62 -1.62
N LYS A 61 3.08 -3.35 -1.86
CA LYS A 61 3.91 -2.20 -1.49
C LYS A 61 4.04 -2.12 0.07
N GLU A 62 5.20 -2.56 0.56
CA GLU A 62 5.52 -2.60 2.01
C GLU A 62 5.94 -1.19 2.52
N PRO A 63 5.52 -0.78 3.78
CA PRO A 63 4.58 -1.53 4.64
C PRO A 63 3.11 -1.19 4.31
N SER A 64 2.35 -2.21 3.85
CA SER A 64 0.94 -2.06 3.46
C SER A 64 0.08 -1.65 4.67
N GLN A 65 0.25 -2.40 5.78
CA GLN A 65 -0.44 -2.13 7.05
C GLN A 65 0.60 -1.77 8.13
N ASP A 66 0.14 -1.29 9.30
CA ASP A 66 1.03 -0.96 10.44
C ASP A 66 1.66 -2.24 11.01
N THR A 67 0.80 -3.25 11.20
CA THR A 67 1.23 -4.57 11.64
C THR A 67 1.60 -5.45 10.41
N VAL A 68 2.89 -5.80 10.29
CA VAL A 68 3.37 -6.73 9.24
C VAL A 68 3.03 -8.18 9.64
N ALA A 69 3.47 -9.15 8.81
CA ALA A 69 3.18 -10.59 9.02
C ALA A 69 4.17 -11.24 10.02
N THR A 70 4.55 -10.48 11.10
CA THR A 70 5.54 -10.89 12.13
C THR A 70 6.91 -11.28 11.47
N GLU A 71 7.14 -10.68 10.31
CA GLU A 71 8.25 -11.02 9.41
C GLU A 71 9.54 -10.28 9.82
N PRO A 72 10.76 -10.86 9.53
CA PRO A 72 12.04 -10.18 9.81
C PRO A 72 12.30 -9.04 8.80
N SER A 73 13.15 -8.08 9.19
CA SER A 73 13.43 -6.87 8.41
C SER A 73 14.95 -6.70 8.22
N GLU A 74 15.49 -7.42 7.22
CA GLU A 74 16.89 -7.30 6.79
C GLU A 74 16.93 -6.63 5.40
N VAL A 75 16.52 -5.35 5.40
CA VAL A 75 16.43 -4.54 4.17
C VAL A 75 17.84 -4.07 3.74
N GLU A 76 18.17 -4.26 2.45
CA GLU A 76 19.43 -3.79 1.86
C GLU A 76 19.55 -2.27 1.98
N GLY A 77 20.48 -1.82 2.83
CA GLY A 77 20.73 -0.41 3.04
C GLY A 77 21.54 -0.16 4.30
N SER A 78 22.68 -0.87 4.42
CA SER A 78 23.63 -0.68 5.53
C SER A 78 24.21 0.75 5.50
N ALA A 79 23.58 1.64 6.29
CA ALA A 79 23.98 3.05 6.38
C ALA A 79 25.29 3.18 7.14
N ALA A 80 25.47 2.27 8.12
CA ALA A 80 26.72 2.14 8.85
C ALA A 80 27.77 1.38 8.02
N ASN A 81 29.05 1.74 8.19
CA ASN A 81 30.17 1.04 7.52
C ASN A 81 30.24 -0.41 8.00
N LYS A 82 30.01 -1.36 7.09
CA LYS A 82 29.94 -2.79 7.45
C LYS A 82 30.21 -3.65 6.20
N GLU A 83 31.49 -3.92 5.96
CA GLU A 83 31.95 -4.84 4.90
C GLU A 83 32.40 -6.17 5.53
N VAL A 84 32.90 -7.09 4.69
CA VAL A 84 33.50 -8.36 5.14
C VAL A 84 34.93 -8.10 5.71
N LEU A 85 35.60 -9.17 6.20
CA LEU A 85 36.96 -9.07 6.79
C LEU A 85 38.03 -9.06 5.67
N ALA A 86 37.93 -8.06 4.77
CA ALA A 86 38.79 -7.96 3.58
C ALA A 86 39.96 -6.99 3.86
N LYS A 87 41.18 -7.54 3.91
CA LYS A 87 42.41 -6.77 4.14
C LYS A 87 43.60 -7.57 3.60
N VAL A 88 44.67 -6.87 3.22
CA VAL A 88 45.92 -7.51 2.74
C VAL A 88 47.03 -7.34 3.80
N ILE A 89 46.58 -7.19 5.05
CA ILE A 89 47.43 -7.03 6.24
C ILE A 89 47.34 -8.32 7.05
N ASP A 90 48.03 -9.34 6.53
CA ASP A 90 48.12 -10.67 7.14
C ASP A 90 49.36 -11.41 6.62
N LEU A 91 50.33 -10.61 6.13
CA LEU A 91 51.61 -11.11 5.63
C LEU A 91 52.60 -11.23 6.81
N THR A 92 52.24 -12.12 7.74
CA THR A 92 53.04 -12.42 8.94
C THR A 92 54.32 -13.19 8.57
N HIS A 93 55.39 -13.00 9.38
CA HIS A 93 56.73 -13.62 9.19
C HIS A 93 57.48 -12.99 7.96
N ASP A 94 56.91 -11.89 7.43
CA ASP A 94 57.51 -11.11 6.34
C ASP A 94 58.55 -10.12 6.91
N ASN A 95 59.77 -10.17 6.36
CA ASN A 95 60.89 -9.29 6.76
C ASN A 95 61.92 -9.24 5.61
N LYS A 96 62.67 -8.12 5.52
CA LYS A 96 63.73 -7.97 4.51
C LYS A 96 65.10 -8.32 5.14
N ASP A 97 66.10 -8.61 4.29
CA ASP A 97 67.45 -9.01 4.71
C ASP A 97 68.42 -7.80 4.67
N ASP A 98 67.88 -6.57 4.55
CA ASP A 98 68.68 -5.36 4.29
C ASP A 98 69.51 -4.95 5.51
N LEU A 99 68.88 -5.00 6.70
CA LEU A 99 69.54 -4.62 7.95
C LEU A 99 70.57 -5.68 8.37
N GLN A 100 70.35 -6.95 7.95
CA GLN A 100 71.35 -8.02 8.11
C GLN A 100 72.61 -7.71 7.27
N ALA A 101 72.38 -7.28 6.02
CA ALA A 101 73.47 -6.94 5.08
C ALA A 101 74.29 -5.73 5.59
N ALA A 102 73.57 -4.71 6.06
CA ALA A 102 74.16 -3.44 6.54
C ALA A 102 75.04 -3.66 7.79
N ILE A 103 74.50 -4.39 8.78
CA ILE A 103 75.22 -4.68 10.05
C ILE A 103 76.41 -5.61 9.80
N ALA A 104 76.23 -6.61 8.90
CA ALA A 104 77.30 -7.57 8.54
C ALA A 104 78.51 -6.86 7.91
N LEU A 105 78.20 -5.88 7.03
CA LEU A 105 79.22 -5.04 6.39
C LEU A 105 79.95 -4.21 7.45
N SER A 106 79.17 -3.62 8.36
CA SER A 106 79.67 -2.78 9.47
C SER A 106 80.50 -3.60 10.49
N LEU A 107 80.21 -4.92 10.59
CA LEU A 107 80.86 -5.83 11.56
C LEU A 107 82.24 -6.27 11.01
N LEU A 108 82.26 -6.64 9.72
CA LEU A 108 83.48 -7.16 9.07
C LEU A 108 84.41 -6.01 8.68
N GLU A 109 83.94 -5.14 7.77
CA GLU A 109 84.73 -3.98 7.28
C GLU A 109 84.27 -2.70 8.00
N SER A 110 84.93 -1.58 7.70
CA SER A 110 84.61 -0.27 8.29
C SER A 110 84.65 0.79 7.18
N PRO A 111 83.81 1.89 7.27
CA PRO A 111 83.71 2.94 6.22
C PRO A 111 85.08 3.59 5.90
N LYS A 112 85.45 3.59 4.60
CA LYS A 112 86.72 4.16 4.12
C LYS A 112 86.74 5.70 4.27
N ILE A 113 85.55 6.30 4.47
CA ILE A 113 85.42 7.72 4.81
C ILE A 113 86.13 8.00 6.17
N GLN A 114 87.31 8.65 6.07
CA GLN A 114 88.14 9.01 7.24
C GLN A 114 87.62 10.29 7.94
N ALA A 115 86.83 11.08 7.19
CA ALA A 115 86.28 12.36 7.68
C ALA A 115 84.78 12.22 7.99
N ASP A 116 84.08 13.37 8.10
CA ASP A 116 82.61 13.41 8.35
C ASP A 116 81.84 12.82 7.15
N GLY A 117 82.37 13.07 5.94
CA GLY A 117 81.76 12.59 4.69
C GLY A 117 82.73 12.59 3.53
N ARG A 118 84.04 12.69 3.82
CA ARG A 118 85.10 12.67 2.81
C ARG A 118 85.93 11.38 2.95
N ASP A 119 85.92 10.55 1.89
CA ASP A 119 86.83 9.37 1.76
C ASP A 119 88.12 9.79 1.01
N LEU A 120 88.36 11.10 0.93
CA LEU A 120 89.55 11.69 0.30
C LEU A 120 90.79 11.46 1.20
N ASN A 121 91.29 10.22 1.16
CA ASN A 121 92.44 9.78 1.95
C ASN A 121 93.73 10.14 1.20
N ARG A 122 94.33 11.26 1.62
CA ARG A 122 95.54 11.83 1.01
C ARG A 122 96.79 11.13 1.59
N MET A 123 97.24 10.07 0.88
CA MET A 123 98.42 9.26 1.28
C MET A 123 99.33 9.10 0.06
N HIS A 124 98.79 8.49 -1.01
CA HIS A 124 99.50 8.34 -2.30
C HIS A 124 98.65 8.93 -3.42
N GLU A 125 99.06 10.10 -3.91
CA GLU A 125 98.42 10.81 -5.01
C GLU A 125 99.50 11.23 -6.04
N ALA A 126 99.06 11.69 -7.23
CA ALA A 126 99.93 12.32 -8.23
C ALA A 126 100.59 13.58 -7.63
N THR A 127 101.81 13.41 -7.08
CA THR A 127 102.54 14.48 -6.41
C THR A 127 103.06 15.51 -7.43
N SER A 128 102.29 16.60 -7.61
CA SER A 128 102.58 17.67 -8.59
C SER A 128 103.95 18.32 -8.33
N ALA A 129 104.83 18.29 -9.33
CA ALA A 129 106.18 18.87 -9.27
C ALA A 129 106.13 20.39 -9.54
N GLN A 19 -11.00 -9.96 -25.99
CA GLN A 19 -11.56 -9.60 -24.66
C GLN A 19 -10.94 -10.48 -23.53
N MET A 20 -10.27 -11.60 -23.92
CA MET A 20 -9.74 -12.61 -22.97
C MET A 20 -8.77 -11.99 -21.95
N LEU A 21 -7.99 -10.98 -22.37
CA LEU A 21 -7.05 -10.26 -21.50
C LEU A 21 -7.76 -9.60 -20.28
N LEU A 22 -8.96 -8.99 -20.52
CA LEU A 22 -9.76 -8.38 -19.43
C LEU A 22 -10.40 -9.46 -18.56
N ASN A 23 -10.99 -10.48 -19.23
CA ASN A 23 -11.72 -11.59 -18.56
C ASN A 23 -10.82 -12.34 -17.57
N GLN A 24 -9.64 -12.74 -18.08
CA GLN A 24 -8.64 -13.49 -17.33
C GLN A 24 -8.04 -12.65 -16.21
N LEU A 25 -7.65 -11.37 -16.51
CA LEU A 25 -7.10 -10.46 -15.47
C LEU A 25 -8.10 -10.31 -14.30
N ARG A 26 -9.37 -10.01 -14.66
CA ARG A 26 -10.50 -9.85 -13.70
C ARG A 26 -10.65 -11.10 -12.81
N GLU A 27 -10.49 -12.28 -13.42
CA GLU A 27 -10.59 -13.57 -12.74
C GLU A 27 -9.44 -13.72 -11.71
N ILE A 28 -8.21 -13.42 -12.15
CA ILE A 28 -6.98 -13.71 -11.38
C ILE A 28 -6.52 -12.51 -10.50
N THR A 29 -7.30 -11.40 -10.50
CA THR A 29 -7.09 -10.25 -9.56
C THR A 29 -8.32 -10.07 -8.67
N GLY A 30 -9.51 -10.20 -9.28
CA GLY A 30 -10.80 -10.05 -8.60
C GLY A 30 -11.44 -8.69 -8.84
N ILE A 31 -10.79 -7.86 -9.68
CA ILE A 31 -11.19 -6.47 -9.92
C ILE A 31 -12.33 -6.40 -10.97
N GLN A 32 -13.50 -5.93 -10.50
CA GLN A 32 -14.72 -5.76 -11.32
C GLN A 32 -14.68 -4.48 -12.16
N ASP A 33 -13.81 -3.53 -11.75
CA ASP A 33 -13.59 -2.26 -12.48
C ASP A 33 -12.81 -2.54 -13.79
N PRO A 34 -13.48 -2.46 -15.00
CA PRO A 34 -12.82 -2.75 -16.30
C PRO A 34 -11.72 -1.73 -16.60
N SER A 35 -11.87 -0.51 -16.06
CA SER A 35 -10.90 0.58 -16.20
C SER A 35 -9.52 0.18 -15.66
N PHE A 36 -9.50 -0.35 -14.42
CA PHE A 36 -8.26 -0.78 -13.72
C PHE A 36 -7.59 -1.94 -14.49
N LEU A 37 -8.42 -2.73 -15.20
CA LEU A 37 -7.97 -3.87 -15.99
C LEU A 37 -7.24 -3.42 -17.29
N HIS A 38 -7.92 -2.58 -18.10
CA HIS A 38 -7.33 -1.98 -19.34
C HIS A 38 -6.04 -1.19 -19.03
N GLU A 39 -6.06 -0.48 -17.88
CA GLU A 39 -4.93 0.36 -17.44
C GLU A 39 -3.71 -0.49 -17.03
N ALA A 40 -3.97 -1.65 -16.41
CA ALA A 40 -2.93 -2.63 -16.10
C ALA A 40 -2.28 -3.16 -17.39
N LEU A 41 -3.15 -3.54 -18.35
CA LEU A 41 -2.74 -4.09 -19.66
C LEU A 41 -1.98 -3.04 -20.49
N LYS A 42 -2.36 -1.75 -20.40
CA LYS A 42 -1.74 -0.66 -21.19
C LYS A 42 -0.35 -0.33 -20.61
N ALA A 43 -0.23 -0.38 -19.26
CA ALA A 43 1.03 -0.11 -18.54
C ALA A 43 2.05 -1.23 -18.81
N SER A 44 1.53 -2.45 -18.97
CA SER A 44 2.34 -3.64 -19.29
C SER A 44 2.45 -3.85 -20.81
N ASN A 45 1.86 -2.91 -21.58
CA ASN A 45 1.95 -2.84 -23.07
C ASN A 45 1.26 -4.04 -23.77
N GLY A 46 0.48 -4.83 -23.01
CA GLY A 46 -0.23 -5.99 -23.54
C GLY A 46 0.06 -7.27 -22.74
N ASP A 47 1.08 -7.23 -21.86
CA ASP A 47 1.47 -8.40 -21.04
C ASP A 47 0.52 -8.53 -19.84
N ILE A 48 -0.35 -9.55 -19.88
CA ILE A 48 -1.39 -9.76 -18.85
C ILE A 48 -0.76 -10.17 -17.48
N THR A 49 0.39 -10.87 -17.51
CA THR A 49 1.05 -11.37 -16.29
C THR A 49 1.68 -10.19 -15.49
N GLN A 50 2.33 -9.27 -16.22
CA GLN A 50 2.90 -8.04 -15.64
C GLN A 50 1.77 -7.11 -15.17
N ALA A 51 0.63 -7.15 -15.89
CA ALA A 51 -0.58 -6.41 -15.51
C ALA A 51 -1.08 -6.83 -14.12
N VAL A 52 -1.08 -8.16 -13.87
CA VAL A 52 -1.42 -8.72 -12.55
C VAL A 52 -0.43 -8.21 -11.49
N SER A 53 0.88 -8.25 -11.83
CA SER A 53 1.97 -7.82 -10.91
C SER A 53 1.78 -6.35 -10.44
N LEU A 54 1.32 -5.49 -11.36
CA LEU A 54 1.10 -4.05 -11.09
C LEU A 54 -0.15 -3.83 -10.22
N LEU A 55 -1.23 -4.58 -10.49
CA LEU A 55 -2.49 -4.48 -9.73
C LEU A 55 -2.33 -4.99 -8.29
N THR A 56 -1.69 -6.17 -8.15
CA THR A 56 -1.47 -6.85 -6.86
C THR A 56 -0.58 -6.00 -5.95
N ASP A 57 0.26 -5.15 -6.57
CA ASP A 57 1.06 -4.15 -5.87
C ASP A 57 0.15 -3.09 -5.25
N GLU A 58 -0.55 -2.33 -6.11
CA GLU A 58 -1.28 -1.10 -5.71
C GLU A 58 -2.45 -1.36 -4.75
N ARG A 59 -3.03 -2.56 -4.79
CA ARG A 59 -4.19 -2.95 -3.94
C ARG A 59 -3.75 -3.26 -2.48
N VAL A 60 -2.43 -3.32 -2.23
CA VAL A 60 -1.86 -3.58 -0.88
C VAL A 60 -0.57 -2.74 -0.67
N LYS A 61 -0.41 -1.69 -1.51
CA LYS A 61 0.83 -0.86 -1.55
C LYS A 61 0.85 0.13 -0.37
N GLU A 62 1.50 -0.28 0.73
CA GLU A 62 1.68 0.56 1.94
C GLU A 62 3.08 1.26 1.90
N PRO A 63 3.27 2.47 2.55
CA PRO A 63 2.25 3.17 3.39
C PRO A 63 1.16 3.89 2.55
N SER A 64 -0.09 3.43 2.76
CA SER A 64 -1.30 4.05 2.21
C SER A 64 -2.31 4.23 3.36
N GLN A 65 -2.55 5.49 3.75
CA GLN A 65 -3.53 5.83 4.81
C GLN A 65 -4.79 6.43 4.17
N ASP A 66 -5.04 6.01 2.90
CA ASP A 66 -6.21 6.45 2.10
C ASP A 66 -7.42 5.56 2.46
N THR A 67 -7.79 5.58 3.76
CA THR A 67 -8.83 4.73 4.32
C THR A 67 -10.23 5.31 4.03
N VAL A 68 -11.17 4.42 3.69
CA VAL A 68 -12.58 4.77 3.44
C VAL A 68 -13.39 4.48 4.71
N ALA A 69 -13.72 5.54 5.45
CA ALA A 69 -14.48 5.46 6.70
C ALA A 69 -16.00 5.37 6.44
N THR A 70 -16.44 5.88 5.27
CA THR A 70 -17.87 5.85 4.86
C THR A 70 -18.26 4.44 4.36
N GLU A 71 -19.57 4.14 4.44
CA GLU A 71 -20.13 2.84 4.05
C GLU A 71 -20.50 2.82 2.54
N PRO A 72 -20.29 1.65 1.84
CA PRO A 72 -20.81 1.43 0.48
C PRO A 72 -22.36 1.56 0.42
N SER A 73 -22.84 2.54 -0.36
CA SER A 73 -24.29 2.82 -0.52
C SER A 73 -24.80 2.34 -1.90
N GLU A 74 -23.91 1.66 -2.65
CA GLU A 74 -24.14 1.27 -4.06
C GLU A 74 -25.12 0.08 -4.13
N VAL A 75 -26.42 0.41 -4.07
CA VAL A 75 -27.53 -0.54 -4.21
C VAL A 75 -28.27 -0.28 -5.53
N GLU A 76 -28.92 -1.32 -6.06
CA GLU A 76 -29.68 -1.24 -7.32
C GLU A 76 -31.01 -0.50 -7.09
N GLY A 77 -31.73 -0.95 -6.05
CA GLY A 77 -33.06 -0.42 -5.72
C GLY A 77 -34.06 -1.55 -5.46
N SER A 78 -33.92 -2.64 -6.24
CA SER A 78 -34.81 -3.82 -6.16
C SER A 78 -34.10 -4.98 -5.44
N ALA A 79 -34.87 -6.06 -5.20
CA ALA A 79 -34.40 -7.28 -4.52
C ALA A 79 -33.81 -8.26 -5.56
N ALA A 80 -32.72 -7.81 -6.19
CA ALA A 80 -31.98 -8.57 -7.22
C ALA A 80 -30.73 -9.23 -6.60
N ASN A 81 -29.62 -9.34 -7.36
CA ASN A 81 -28.31 -9.84 -6.86
C ASN A 81 -27.61 -8.77 -5.96
N LYS A 82 -28.21 -8.57 -4.78
CA LYS A 82 -27.74 -7.65 -3.75
C LYS A 82 -26.98 -8.44 -2.68
N GLU A 83 -25.84 -7.93 -2.20
CA GLU A 83 -25.15 -8.49 -1.04
C GLU A 83 -26.07 -8.32 0.20
N VAL A 84 -26.62 -9.46 0.68
CA VAL A 84 -27.68 -9.48 1.69
C VAL A 84 -27.21 -8.91 3.05
N LEU A 85 -28.11 -8.19 3.72
CA LEU A 85 -27.85 -7.58 5.02
C LEU A 85 -28.41 -8.54 6.08
N ALA A 86 -27.62 -9.57 6.38
CA ALA A 86 -27.96 -10.62 7.36
C ALA A 86 -26.74 -10.93 8.21
N LYS A 87 -26.96 -11.52 9.39
CA LYS A 87 -25.88 -11.94 10.29
C LYS A 87 -25.03 -13.05 9.63
N VAL A 88 -23.74 -13.07 9.94
CA VAL A 88 -22.75 -14.00 9.37
C VAL A 88 -22.07 -14.75 10.53
N ILE A 89 -22.89 -15.07 11.56
CA ILE A 89 -22.46 -15.56 12.88
C ILE A 89 -21.58 -14.47 13.56
N ASP A 90 -22.27 -13.52 14.20
CA ASP A 90 -21.66 -12.36 14.87
C ASP A 90 -22.40 -12.10 16.18
N LEU A 91 -21.64 -11.76 17.24
CA LEU A 91 -22.18 -11.44 18.58
C LEU A 91 -21.68 -10.07 19.04
N THR A 92 -20.46 -9.69 18.58
CA THR A 92 -19.75 -8.51 19.08
C THR A 92 -20.56 -7.22 18.84
N HIS A 93 -20.64 -6.40 19.89
CA HIS A 93 -21.35 -5.10 19.86
C HIS A 93 -20.33 -3.95 19.70
N ASP A 94 -19.07 -4.31 19.37
CA ASP A 94 -17.99 -3.36 19.04
C ASP A 94 -18.34 -2.56 17.77
N ASN A 95 -19.11 -3.19 16.86
CA ASN A 95 -19.67 -2.53 15.67
C ASN A 95 -20.49 -1.30 16.06
N LYS A 96 -20.50 -0.26 15.21
CA LYS A 96 -21.36 0.92 15.39
C LYS A 96 -22.84 0.50 15.29
N ASP A 97 -23.71 1.25 15.97
CA ASP A 97 -25.17 1.05 15.92
C ASP A 97 -25.80 1.91 14.81
N ASP A 98 -25.00 2.83 14.21
CA ASP A 98 -25.48 3.84 13.24
C ASP A 98 -26.13 3.19 12.01
N LEU A 99 -25.44 2.19 11.42
CA LEU A 99 -25.97 1.46 10.22
C LEU A 99 -27.20 0.61 10.61
N GLN A 100 -27.20 0.09 11.86
CA GLN A 100 -28.32 -0.70 12.41
C GLN A 100 -29.53 0.19 12.73
N ALA A 101 -29.27 1.47 13.06
CA ALA A 101 -30.30 2.47 13.39
C ALA A 101 -31.03 2.88 12.10
N ALA A 102 -30.22 3.13 11.05
CA ALA A 102 -30.70 3.54 9.73
C ALA A 102 -31.58 2.45 9.07
N ILE A 103 -31.06 1.21 9.07
CA ILE A 103 -31.73 0.05 8.45
C ILE A 103 -32.98 -0.37 9.24
N ALA A 104 -32.88 -0.36 10.59
CA ALA A 104 -34.02 -0.67 11.48
C ALA A 104 -35.17 0.32 11.25
N LEU A 105 -34.82 1.62 11.11
CA LEU A 105 -35.79 2.70 10.88
C LEU A 105 -36.49 2.49 9.53
N SER A 106 -35.69 2.28 8.47
CA SER A 106 -36.19 2.09 7.10
C SER A 106 -37.05 0.81 6.99
N LEU A 107 -36.74 -0.21 7.83
CA LEU A 107 -37.48 -1.48 7.91
C LEU A 107 -38.88 -1.27 8.52
N LEU A 108 -38.92 -0.45 9.60
CA LEU A 108 -40.18 -0.10 10.28
C LEU A 108 -40.99 0.91 9.46
N GLU A 109 -40.30 1.69 8.63
CA GLU A 109 -40.92 2.72 7.78
C GLU A 109 -41.25 2.16 6.37
N SER A 110 -40.96 0.85 6.16
CA SER A 110 -41.31 0.15 4.90
C SER A 110 -42.84 0.23 4.64
N PRO A 111 -43.29 0.39 3.35
CA PRO A 111 -44.71 0.61 3.01
C PRO A 111 -45.61 -0.56 3.44
N LYS A 112 -46.87 -0.25 3.75
CA LYS A 112 -47.90 -1.23 4.17
C LYS A 112 -48.23 -2.27 3.06
N ILE A 113 -47.65 -2.07 1.85
CA ILE A 113 -47.78 -2.98 0.69
C ILE A 113 -47.24 -4.40 1.00
N GLN A 114 -46.34 -4.46 2.01
CA GLN A 114 -45.78 -5.72 2.54
C GLN A 114 -46.88 -6.66 3.10
N ALA A 115 -47.99 -6.05 3.58
CA ALA A 115 -49.15 -6.78 4.11
C ALA A 115 -50.41 -6.43 3.32
N ASP A 116 -50.94 -5.20 3.51
CA ASP A 116 -52.18 -4.70 2.85
C ASP A 116 -51.96 -3.30 2.26
N GLY A 117 -51.33 -3.27 1.08
CA GLY A 117 -51.19 -2.04 0.29
C GLY A 117 -50.96 -2.32 -1.21
N ARG A 118 -51.10 -3.62 -1.60
CA ARG A 118 -51.08 -4.09 -3.01
C ARG A 118 -52.07 -3.29 -3.87
N ASP A 119 -51.54 -2.27 -4.56
CA ASP A 119 -52.32 -1.38 -5.44
C ASP A 119 -52.58 -2.07 -6.79
N LEU A 120 -51.50 -2.60 -7.40
CA LEU A 120 -51.56 -3.27 -8.72
C LEU A 120 -52.02 -4.73 -8.55
N ASN A 121 -53.35 -4.91 -8.48
CA ASN A 121 -54.00 -6.24 -8.48
C ASN A 121 -54.22 -6.66 -9.95
N ARG A 122 -54.63 -5.69 -10.76
CA ARG A 122 -54.57 -5.75 -12.23
C ARG A 122 -53.56 -4.67 -12.68
N MET A 123 -52.65 -5.04 -13.57
CA MET A 123 -51.60 -4.13 -14.07
C MET A 123 -52.04 -3.55 -15.41
N HIS A 124 -52.12 -4.42 -16.43
CA HIS A 124 -52.53 -4.07 -17.81
C HIS A 124 -53.27 -5.26 -18.46
N GLU A 125 -54.36 -4.98 -19.19
CA GLU A 125 -55.08 -6.00 -19.96
C GLU A 125 -54.25 -6.28 -21.25
N ALA A 126 -53.65 -7.48 -21.31
CA ALA A 126 -52.74 -7.87 -22.40
C ALA A 126 -53.53 -8.13 -23.71
N THR A 127 -54.34 -9.20 -23.69
CA THR A 127 -55.15 -9.67 -24.84
C THR A 127 -56.30 -10.54 -24.30
N SER A 128 -57.55 -10.02 -24.33
CA SER A 128 -58.74 -10.71 -23.78
C SER A 128 -59.11 -11.98 -24.58
N ALA A 129 -58.63 -12.07 -25.84
CA ALA A 129 -58.82 -13.25 -26.70
C ALA A 129 -57.46 -13.64 -27.34
N GLN A 19 -12.13 -9.34 -25.43
CA GLN A 19 -12.30 -9.09 -23.98
C GLN A 19 -11.36 -9.99 -23.14
N MET A 20 -10.82 -11.08 -23.77
CA MET A 20 -10.11 -12.18 -23.04
C MET A 20 -9.04 -11.67 -22.06
N LEU A 21 -8.20 -10.72 -22.52
CA LEU A 21 -7.18 -10.06 -21.66
C LEU A 21 -7.79 -9.50 -20.35
N LEU A 22 -8.97 -8.82 -20.48
CA LEU A 22 -9.71 -8.27 -19.33
C LEU A 22 -10.29 -9.40 -18.47
N ASN A 23 -10.79 -10.49 -19.11
CA ASN A 23 -11.42 -11.64 -18.39
C ASN A 23 -10.39 -12.35 -17.51
N GLN A 24 -9.24 -12.74 -18.13
CA GLN A 24 -8.11 -13.41 -17.46
C GLN A 24 -7.72 -12.62 -16.22
N LEU A 25 -7.39 -11.32 -16.45
CA LEU A 25 -6.96 -10.40 -15.39
C LEU A 25 -8.00 -10.30 -14.26
N ARG A 26 -9.26 -10.06 -14.66
CA ARG A 26 -10.40 -9.82 -13.74
C ARG A 26 -10.62 -10.99 -12.78
N GLU A 27 -10.44 -12.21 -13.31
CA GLU A 27 -10.67 -13.44 -12.54
C GLU A 27 -9.49 -13.73 -11.59
N ILE A 28 -8.25 -13.42 -12.03
CA ILE A 28 -7.03 -13.73 -11.24
C ILE A 28 -6.61 -12.58 -10.29
N THR A 29 -7.19 -11.37 -10.49
CA THR A 29 -6.99 -10.21 -9.58
C THR A 29 -8.23 -10.01 -8.68
N GLY A 30 -9.40 -10.37 -9.22
CA GLY A 30 -10.68 -10.24 -8.53
C GLY A 30 -11.37 -8.92 -8.86
N ILE A 31 -10.64 -8.04 -9.57
CA ILE A 31 -11.07 -6.67 -9.86
C ILE A 31 -12.07 -6.63 -11.02
N GLN A 32 -13.29 -6.17 -10.72
CA GLN A 32 -14.38 -6.03 -11.69
C GLN A 32 -14.24 -4.70 -12.47
N ASP A 33 -13.57 -3.70 -11.85
CA ASP A 33 -13.36 -2.35 -12.42
C ASP A 33 -12.61 -2.43 -13.77
N PRO A 34 -13.28 -2.16 -14.94
CA PRO A 34 -12.66 -2.26 -16.29
C PRO A 34 -11.56 -1.21 -16.49
N SER A 35 -11.64 -0.12 -15.73
CA SER A 35 -10.63 0.94 -15.68
C SER A 35 -9.26 0.35 -15.31
N PHE A 36 -9.25 -0.41 -14.19
CA PHE A 36 -8.05 -1.07 -13.66
C PHE A 36 -7.52 -2.10 -14.64
N LEU A 37 -8.45 -2.82 -15.29
CA LEU A 37 -8.13 -3.95 -16.17
C LEU A 37 -7.44 -3.48 -17.46
N HIS A 38 -8.10 -2.55 -18.18
CA HIS A 38 -7.58 -1.99 -19.44
C HIS A 38 -6.28 -1.19 -19.21
N GLU A 39 -6.23 -0.39 -18.13
CA GLU A 39 -5.08 0.48 -17.84
C GLU A 39 -3.87 -0.32 -17.35
N ALA A 40 -4.10 -1.48 -16.69
CA ALA A 40 -3.02 -2.41 -16.32
C ALA A 40 -2.45 -3.09 -17.57
N LEU A 41 -3.36 -3.49 -18.50
CA LEU A 41 -2.99 -4.13 -19.79
C LEU A 41 -2.28 -3.11 -20.72
N LYS A 42 -2.66 -1.84 -20.61
CA LYS A 42 -2.08 -0.73 -21.37
C LYS A 42 -0.65 -0.42 -20.86
N ALA A 43 -0.52 -0.38 -19.52
CA ALA A 43 0.75 -0.04 -18.84
C ALA A 43 1.79 -1.16 -18.98
N SER A 44 1.29 -2.42 -19.09
CA SER A 44 2.13 -3.62 -19.18
C SER A 44 2.57 -3.92 -20.62
N ASN A 45 2.15 -3.07 -21.60
CA ASN A 45 2.41 -3.27 -23.05
C ASN A 45 1.68 -4.56 -23.56
N GLY A 46 0.59 -4.92 -22.86
CA GLY A 46 -0.25 -6.07 -23.23
C GLY A 46 0.09 -7.35 -22.48
N ASP A 47 1.17 -7.31 -21.66
CA ASP A 47 1.65 -8.48 -20.91
C ASP A 47 0.70 -8.73 -19.72
N ILE A 48 -0.10 -9.82 -19.81
CA ILE A 48 -1.11 -10.16 -18.78
C ILE A 48 -0.46 -10.28 -17.37
N THR A 49 0.69 -10.97 -17.28
CA THR A 49 1.36 -11.28 -16.01
C THR A 49 1.88 -10.01 -15.31
N GLN A 50 2.41 -9.05 -16.11
CA GLN A 50 2.82 -7.73 -15.64
C GLN A 50 1.61 -6.97 -15.09
N ALA A 51 0.48 -7.04 -15.83
CA ALA A 51 -0.77 -6.35 -15.46
C ALA A 51 -1.31 -6.84 -14.11
N VAL A 52 -1.21 -8.17 -13.89
CA VAL A 52 -1.54 -8.82 -12.60
C VAL A 52 -0.66 -8.23 -11.50
N SER A 53 0.66 -8.19 -11.77
CA SER A 53 1.67 -7.69 -10.83
C SER A 53 1.44 -6.19 -10.48
N LEU A 54 0.89 -5.43 -11.44
CA LEU A 54 0.59 -4.00 -11.27
C LEU A 54 -0.64 -3.80 -10.37
N LEU A 55 -1.60 -4.74 -10.46
CA LEU A 55 -2.83 -4.71 -9.64
C LEU A 55 -2.68 -5.44 -8.28
N THR A 56 -1.66 -6.30 -8.13
CA THR A 56 -1.45 -7.08 -6.88
C THR A 56 -0.42 -6.41 -5.96
N ASP A 57 0.37 -5.44 -6.47
CA ASP A 57 1.24 -4.61 -5.58
C ASP A 57 0.38 -3.57 -4.84
N GLU A 58 -0.83 -3.29 -5.41
CA GLU A 58 -1.83 -2.37 -4.82
C GLU A 58 -2.34 -2.88 -3.46
N ARG A 59 -2.69 -4.17 -3.41
CA ARG A 59 -3.31 -4.80 -2.21
C ARG A 59 -2.32 -4.97 -1.05
N VAL A 60 -1.01 -4.84 -1.34
CA VAL A 60 0.08 -5.02 -0.36
C VAL A 60 0.85 -3.68 -0.18
N LYS A 61 0.37 -2.63 -0.85
CA LYS A 61 0.96 -1.29 -0.80
C LYS A 61 0.68 -0.63 0.55
N GLU A 62 1.66 -0.72 1.46
CA GLU A 62 1.56 -0.23 2.85
C GLU A 62 1.17 1.27 2.93
N PRO A 63 0.24 1.67 3.87
CA PRO A 63 -0.47 0.74 4.80
C PRO A 63 -1.74 0.10 4.14
N SER A 64 -1.71 -1.24 3.97
CA SER A 64 -2.87 -2.01 3.49
C SER A 64 -3.57 -2.69 4.69
N GLN A 65 -3.98 -1.85 5.65
CA GLN A 65 -4.67 -2.31 6.87
C GLN A 65 -6.10 -2.73 6.52
N ASP A 66 -6.33 -4.06 6.44
CA ASP A 66 -7.61 -4.67 6.00
C ASP A 66 -8.67 -4.55 7.11
N THR A 67 -9.19 -3.34 7.31
CA THR A 67 -10.16 -3.03 8.38
C THR A 67 -11.59 -3.34 7.91
N VAL A 68 -12.19 -4.40 8.47
CA VAL A 68 -13.54 -4.84 8.09
C VAL A 68 -14.42 -5.06 9.35
N ALA A 69 -15.20 -4.03 9.68
CA ALA A 69 -16.30 -4.11 10.66
C ALA A 69 -17.63 -4.43 9.94
N THR A 70 -17.57 -4.48 8.59
CA THR A 70 -18.69 -4.86 7.74
C THR A 70 -18.99 -6.36 7.86
N GLU A 71 -20.16 -6.69 8.41
CA GLU A 71 -20.69 -8.07 8.41
C GLU A 71 -21.17 -8.44 6.98
N PRO A 72 -20.74 -9.63 6.43
CA PRO A 72 -21.04 -10.02 5.03
C PRO A 72 -22.55 -10.18 4.77
N SER A 73 -23.11 -9.24 3.98
CA SER A 73 -24.54 -9.20 3.63
C SER A 73 -24.89 -10.33 2.63
N GLU A 74 -25.02 -11.54 3.18
CA GLU A 74 -25.31 -12.75 2.41
C GLU A 74 -26.84 -12.95 2.28
N VAL A 75 -27.56 -12.69 3.40
CA VAL A 75 -29.05 -12.78 3.50
C VAL A 75 -29.55 -14.26 3.56
N GLU A 76 -28.70 -15.21 3.10
CA GLU A 76 -29.06 -16.63 2.93
C GLU A 76 -29.32 -17.31 4.30
N GLY A 77 -30.61 -17.46 4.64
CA GLY A 77 -31.03 -18.19 5.83
C GLY A 77 -31.05 -19.69 5.57
N SER A 78 -31.90 -20.09 4.59
CA SER A 78 -32.08 -21.49 4.15
C SER A 78 -32.44 -22.43 5.32
N ALA A 79 -33.23 -21.89 6.28
CA ALA A 79 -33.69 -22.63 7.46
C ALA A 79 -35.02 -23.34 7.13
N ALA A 80 -35.01 -24.17 6.08
CA ALA A 80 -36.20 -24.86 5.58
C ALA A 80 -36.42 -26.16 6.37
N ASN A 81 -37.09 -26.03 7.54
CA ASN A 81 -37.49 -27.16 8.40
C ASN A 81 -38.95 -27.53 8.14
N LYS A 82 -39.70 -26.64 7.43
CA LYS A 82 -41.10 -26.88 7.06
C LYS A 82 -41.19 -28.04 6.06
N GLU A 83 -41.63 -29.19 6.54
CA GLU A 83 -41.78 -30.41 5.74
C GLU A 83 -42.92 -31.25 6.29
N VAL A 84 -43.49 -32.12 5.44
CA VAL A 84 -44.50 -33.11 5.88
C VAL A 84 -43.78 -34.34 6.46
N LEU A 85 -44.08 -34.67 7.72
CA LEU A 85 -43.49 -35.81 8.42
C LEU A 85 -44.35 -37.05 8.15
N ALA A 86 -44.39 -37.43 6.86
CA ALA A 86 -45.18 -38.55 6.34
C ALA A 86 -44.23 -39.66 5.83
N LYS A 87 -44.80 -40.71 5.22
CA LYS A 87 -44.02 -41.84 4.67
C LYS A 87 -44.66 -42.29 3.35
N VAL A 88 -43.83 -42.65 2.36
CA VAL A 88 -44.31 -43.11 1.04
C VAL A 88 -44.08 -44.63 0.90
N ILE A 89 -43.90 -45.28 2.06
CA ILE A 89 -43.66 -46.74 2.18
C ILE A 89 -45.00 -47.45 2.55
N ASP A 90 -46.11 -46.67 2.51
CA ASP A 90 -47.47 -47.17 2.85
C ASP A 90 -48.14 -47.80 1.62
N LEU A 91 -47.47 -48.83 1.06
CA LEU A 91 -47.92 -49.59 -0.12
C LEU A 91 -49.28 -50.28 0.10
N THR A 92 -49.57 -50.61 1.38
CA THR A 92 -50.78 -51.33 1.79
C THR A 92 -52.07 -50.51 1.55
N HIS A 93 -51.95 -49.19 1.50
CA HIS A 93 -53.08 -48.27 1.29
C HIS A 93 -52.67 -47.08 0.42
N ASP A 94 -51.69 -47.31 -0.48
CA ASP A 94 -51.20 -46.28 -1.42
C ASP A 94 -52.32 -45.88 -2.40
N ASN A 95 -52.97 -46.89 -2.98
CA ASN A 95 -54.16 -46.73 -3.84
C ASN A 95 -55.39 -47.30 -3.15
N LYS A 96 -56.58 -46.95 -3.68
CA LYS A 96 -57.88 -47.48 -3.23
C LYS A 96 -58.76 -47.77 -4.45
N ASP A 97 -59.71 -48.71 -4.31
CA ASP A 97 -60.61 -49.15 -5.40
C ASP A 97 -61.87 -48.25 -5.49
N ASP A 98 -61.83 -47.03 -4.88
CA ASP A 98 -62.96 -46.08 -4.88
C ASP A 98 -63.21 -45.53 -6.30
N LEU A 99 -62.22 -44.75 -6.80
CA LEU A 99 -62.25 -44.18 -8.17
C LEU A 99 -62.32 -45.29 -9.22
N GLN A 100 -61.72 -46.45 -8.90
CA GLN A 100 -61.62 -47.61 -9.80
C GLN A 100 -63.00 -48.24 -10.06
N ALA A 101 -63.78 -48.40 -8.97
CA ALA A 101 -65.15 -48.94 -9.03
C ALA A 101 -66.13 -47.92 -9.62
N ALA A 102 -65.80 -46.62 -9.46
CA ALA A 102 -66.57 -45.50 -10.06
C ALA A 102 -66.45 -45.52 -11.61
N ILE A 103 -65.20 -45.73 -12.11
CA ILE A 103 -64.90 -45.89 -13.55
C ILE A 103 -65.60 -47.15 -14.10
N ALA A 104 -65.53 -48.25 -13.31
CA ALA A 104 -66.15 -49.54 -13.63
C ALA A 104 -67.68 -49.40 -13.83
N LEU A 105 -68.31 -48.66 -12.90
CA LEU A 105 -69.77 -48.41 -12.92
C LEU A 105 -70.14 -47.57 -14.16
N SER A 106 -69.33 -46.53 -14.41
CA SER A 106 -69.57 -45.56 -15.49
C SER A 106 -69.44 -46.21 -16.89
N LEU A 107 -68.49 -47.15 -17.05
CA LEU A 107 -68.14 -47.72 -18.37
C LEU A 107 -68.83 -49.06 -18.65
N LEU A 108 -69.18 -49.81 -17.59
CA LEU A 108 -69.93 -51.09 -17.71
C LEU A 108 -71.45 -50.83 -17.70
N GLU A 109 -71.85 -49.77 -16.97
CA GLU A 109 -73.24 -49.38 -16.62
C GLU A 109 -73.83 -50.31 -15.53
N SER A 110 -74.91 -49.86 -14.91
CA SER A 110 -75.66 -50.65 -13.92
C SER A 110 -76.84 -51.38 -14.61
N PRO A 111 -76.87 -52.77 -14.59
CA PRO A 111 -78.03 -53.52 -15.10
C PRO A 111 -79.28 -53.26 -14.21
N LYS A 112 -80.29 -52.57 -14.78
CA LYS A 112 -81.47 -52.08 -14.02
C LYS A 112 -82.58 -53.16 -13.94
N ILE A 113 -82.17 -54.36 -13.52
CA ILE A 113 -83.05 -55.50 -13.25
C ILE A 113 -83.50 -55.38 -11.77
N GLN A 114 -84.39 -54.41 -11.56
CA GLN A 114 -84.84 -53.98 -10.22
C GLN A 114 -85.94 -54.93 -9.71
N ALA A 115 -86.93 -55.15 -10.59
CA ALA A 115 -88.04 -56.07 -10.36
C ALA A 115 -88.33 -56.78 -11.67
N ASP A 116 -87.93 -58.08 -11.74
CA ASP A 116 -88.01 -58.95 -12.94
C ASP A 116 -86.90 -58.59 -13.97
N GLY A 117 -86.93 -57.34 -14.48
CA GLY A 117 -86.02 -56.87 -15.52
C GLY A 117 -86.04 -57.73 -16.78
N ARG A 118 -85.04 -58.63 -16.88
CA ARG A 118 -84.92 -59.58 -17.99
C ARG A 118 -84.06 -60.79 -17.57
N ASP A 119 -84.00 -61.05 -16.25
CA ASP A 119 -83.08 -62.05 -15.68
C ASP A 119 -83.69 -62.75 -14.44
N LEU A 120 -85.02 -62.62 -14.26
CA LEU A 120 -85.77 -63.31 -13.18
C LEU A 120 -86.07 -64.78 -13.58
N ASN A 121 -85.75 -65.15 -14.84
CA ASN A 121 -85.76 -66.55 -15.31
C ASN A 121 -84.76 -67.39 -14.47
N ARG A 122 -85.01 -68.73 -14.41
CA ARG A 122 -84.20 -69.72 -13.64
C ARG A 122 -84.61 -69.73 -12.14
N MET A 123 -85.68 -68.98 -11.79
CA MET A 123 -86.24 -68.98 -10.43
C MET A 123 -87.19 -70.18 -10.26
N HIS A 124 -86.77 -71.16 -9.46
CA HIS A 124 -87.56 -72.37 -9.17
C HIS A 124 -88.25 -72.25 -7.82
N GLU A 125 -89.52 -72.70 -7.74
CA GLU A 125 -90.28 -72.73 -6.47
C GLU A 125 -89.57 -73.63 -5.45
N ALA A 126 -89.18 -74.83 -5.94
CA ALA A 126 -88.31 -75.78 -5.25
C ALA A 126 -88.78 -76.08 -3.82
N THR A 127 -89.87 -76.86 -3.72
CA THR A 127 -90.49 -77.22 -2.44
C THR A 127 -89.61 -78.22 -1.68
N SER A 128 -89.23 -77.85 -0.44
CA SER A 128 -88.42 -78.70 0.44
C SER A 128 -89.28 -79.85 1.01
N ALA A 129 -90.44 -79.47 1.54
CA ALA A 129 -91.43 -80.41 2.11
C ALA A 129 -92.82 -79.72 2.09
N GLN A 19 -12.52 -10.51 -25.48
CA GLN A 19 -12.19 -9.90 -24.15
C GLN A 19 -11.41 -10.89 -23.29
N MET A 20 -10.52 -11.70 -23.91
CA MET A 20 -9.78 -12.76 -23.20
C MET A 20 -8.87 -12.17 -22.11
N LEU A 21 -8.11 -11.13 -22.46
CA LEU A 21 -7.21 -10.40 -21.55
C LEU A 21 -7.98 -9.73 -20.39
N LEU A 22 -9.16 -9.14 -20.71
CA LEU A 22 -10.04 -8.47 -19.72
C LEU A 22 -10.58 -9.47 -18.69
N ASN A 23 -11.16 -10.57 -19.22
CA ASN A 23 -11.87 -11.59 -18.43
C ASN A 23 -10.91 -12.39 -17.54
N GLN A 24 -9.76 -12.79 -18.12
CA GLN A 24 -8.72 -13.54 -17.40
C GLN A 24 -8.12 -12.70 -16.28
N LEU A 25 -7.76 -11.42 -16.59
CA LEU A 25 -7.19 -10.52 -15.56
C LEU A 25 -8.19 -10.29 -14.43
N ARG A 26 -9.46 -10.02 -14.79
CA ARG A 26 -10.56 -9.79 -13.82
C ARG A 26 -10.75 -11.00 -12.89
N GLU A 27 -10.58 -12.21 -13.44
CA GLU A 27 -10.73 -13.46 -12.68
C GLU A 27 -9.56 -13.65 -11.68
N ILE A 28 -8.32 -13.40 -12.15
CA ILE A 28 -7.08 -13.69 -11.36
C ILE A 28 -6.73 -12.55 -10.37
N THR A 29 -7.27 -11.33 -10.60
CA THR A 29 -7.07 -10.17 -9.69
C THR A 29 -8.28 -10.02 -8.76
N GLY A 30 -9.47 -10.21 -9.35
CA GLY A 30 -10.74 -10.07 -8.64
C GLY A 30 -11.41 -8.73 -8.91
N ILE A 31 -10.72 -7.86 -9.67
CA ILE A 31 -11.13 -6.45 -9.89
C ILE A 31 -12.27 -6.37 -10.92
N GLN A 32 -13.44 -5.94 -10.43
CA GLN A 32 -14.67 -5.81 -11.24
C GLN A 32 -14.68 -4.50 -12.06
N ASP A 33 -13.80 -3.54 -11.69
CA ASP A 33 -13.65 -2.28 -12.41
C ASP A 33 -12.84 -2.51 -13.71
N PRO A 34 -13.47 -2.33 -14.92
CA PRO A 34 -12.80 -2.61 -16.21
C PRO A 34 -11.71 -1.59 -16.58
N SER A 35 -11.71 -0.42 -15.89
CA SER A 35 -10.71 0.63 -16.11
C SER A 35 -9.34 0.14 -15.65
N PHE A 36 -9.27 -0.39 -14.41
CA PHE A 36 -8.05 -0.97 -13.82
C PHE A 36 -7.48 -2.09 -14.69
N LEU A 37 -8.38 -2.86 -15.34
CA LEU A 37 -7.99 -3.99 -16.19
C LEU A 37 -7.27 -3.50 -17.45
N HIS A 38 -7.93 -2.57 -18.17
CA HIS A 38 -7.36 -1.91 -19.36
C HIS A 38 -6.05 -1.17 -19.03
N GLU A 39 -5.99 -0.53 -17.84
CA GLU A 39 -4.83 0.28 -17.41
C GLU A 39 -3.66 -0.60 -17.00
N ALA A 40 -3.96 -1.80 -16.50
CA ALA A 40 -2.94 -2.81 -16.17
C ALA A 40 -2.31 -3.34 -17.46
N LEU A 41 -3.17 -3.55 -18.48
CA LEU A 41 -2.76 -4.06 -19.81
C LEU A 41 -2.10 -2.93 -20.63
N LYS A 42 -2.42 -1.68 -20.26
CA LYS A 42 -1.85 -0.46 -20.85
C LYS A 42 -0.37 -0.30 -20.43
N ALA A 43 -0.16 -0.28 -19.09
CA ALA A 43 1.16 -0.05 -18.48
C ALA A 43 2.11 -1.23 -18.77
N SER A 44 1.53 -2.43 -18.93
CA SER A 44 2.27 -3.66 -19.27
C SER A 44 2.50 -3.80 -20.78
N ASN A 45 1.91 -2.87 -21.57
CA ASN A 45 2.04 -2.80 -23.05
C ASN A 45 1.30 -3.97 -23.75
N GLY A 46 0.46 -4.69 -22.99
CA GLY A 46 -0.30 -5.83 -23.49
C GLY A 46 0.26 -7.14 -22.98
N ASP A 47 0.61 -7.18 -21.68
CA ASP A 47 1.17 -8.38 -21.02
C ASP A 47 0.42 -8.61 -19.69
N ILE A 48 -0.29 -9.73 -19.59
CA ILE A 48 -1.20 -10.02 -18.46
C ILE A 48 -0.43 -10.39 -17.16
N THR A 49 0.84 -10.83 -17.29
CA THR A 49 1.70 -11.18 -16.15
C THR A 49 2.18 -9.91 -15.42
N GLN A 50 2.70 -8.95 -16.21
CA GLN A 50 3.06 -7.60 -15.70
C GLN A 50 1.81 -6.91 -15.13
N ALA A 51 0.67 -7.09 -15.84
CA ALA A 51 -0.62 -6.48 -15.48
C ALA A 51 -1.09 -6.88 -14.07
N VAL A 52 -1.14 -8.21 -13.81
CA VAL A 52 -1.56 -8.75 -12.49
C VAL A 52 -0.57 -8.33 -11.39
N SER A 53 0.74 -8.28 -11.75
CA SER A 53 1.80 -7.84 -10.83
C SER A 53 1.60 -6.35 -10.42
N LEU A 54 1.21 -5.51 -11.40
CA LEU A 54 1.02 -4.06 -11.20
C LEU A 54 -0.30 -3.75 -10.47
N LEU A 55 -1.27 -4.69 -10.52
CA LEU A 55 -2.52 -4.58 -9.73
C LEU A 55 -2.35 -5.15 -8.31
N THR A 56 -1.45 -6.14 -8.14
CA THR A 56 -1.10 -6.67 -6.82
C THR A 56 -0.03 -5.81 -6.12
N ASP A 57 0.24 -4.61 -6.70
CA ASP A 57 1.00 -3.54 -6.04
C ASP A 57 0.44 -3.27 -4.64
N GLU A 58 -0.90 -3.27 -4.54
CA GLU A 58 -1.65 -2.98 -3.30
C GLU A 58 -1.15 -3.78 -2.08
N ARG A 59 -0.70 -5.04 -2.30
CA ARG A 59 -0.23 -5.93 -1.21
C ARG A 59 1.32 -5.96 -1.08
N VAL A 60 2.03 -5.74 -2.21
CA VAL A 60 3.51 -5.88 -2.26
C VAL A 60 4.23 -4.51 -2.16
N LYS A 61 3.44 -3.42 -2.04
CA LYS A 61 3.97 -2.05 -1.98
C LYS A 61 4.61 -1.80 -0.59
N GLU A 62 5.91 -2.08 -0.50
CA GLU A 62 6.69 -1.97 0.75
C GLU A 62 6.71 -0.52 1.31
N PRO A 63 6.69 -0.32 2.67
CA PRO A 63 6.68 -1.39 3.70
C PRO A 63 5.26 -1.97 3.95
N SER A 64 5.03 -3.20 3.45
CA SER A 64 3.82 -3.99 3.71
C SER A 64 4.26 -5.44 3.94
N GLN A 65 4.32 -5.84 5.23
CA GLN A 65 4.90 -7.12 5.65
C GLN A 65 3.89 -8.25 5.42
N ASP A 66 3.99 -8.88 4.24
CA ASP A 66 3.16 -10.03 3.85
C ASP A 66 3.97 -10.90 2.89
N THR A 67 4.01 -12.22 3.16
CA THR A 67 4.64 -13.21 2.27
C THR A 67 3.70 -13.49 1.08
N VAL A 68 3.78 -12.59 0.08
CA VAL A 68 2.96 -12.65 -1.15
C VAL A 68 3.38 -13.86 -2.01
N ALA A 69 2.39 -14.58 -2.57
CA ALA A 69 2.64 -15.72 -3.47
C ALA A 69 2.91 -15.20 -4.89
N THR A 70 4.08 -14.56 -5.04
CA THR A 70 4.60 -14.01 -6.30
C THR A 70 6.12 -13.86 -6.14
N GLU A 71 6.89 -14.53 -7.02
CA GLU A 71 8.36 -14.41 -7.03
C GLU A 71 8.75 -13.05 -7.67
N PRO A 72 9.92 -12.43 -7.26
CA PRO A 72 10.53 -11.28 -7.98
C PRO A 72 10.65 -11.56 -9.49
N SER A 73 9.75 -10.96 -10.28
CA SER A 73 9.66 -11.14 -11.74
C SER A 73 10.89 -10.55 -12.45
N GLU A 74 11.08 -10.94 -13.72
CA GLU A 74 12.34 -10.68 -14.46
C GLU A 74 12.12 -9.75 -15.68
N VAL A 75 10.87 -9.64 -16.14
CA VAL A 75 10.53 -9.05 -17.47
C VAL A 75 9.93 -7.64 -17.32
N GLU A 76 10.61 -6.78 -16.52
CA GLU A 76 10.22 -5.36 -16.37
C GLU A 76 10.88 -4.53 -17.46
N GLY A 77 10.40 -4.73 -18.70
CA GLY A 77 10.68 -3.82 -19.82
C GLY A 77 9.57 -2.78 -19.96
N SER A 78 8.49 -2.98 -19.19
CA SER A 78 7.32 -2.11 -19.15
C SER A 78 7.60 -0.89 -18.23
N ALA A 79 8.33 0.09 -18.78
CA ALA A 79 8.67 1.33 -18.06
C ALA A 79 7.44 2.26 -18.01
N ALA A 80 6.87 2.52 -19.20
CA ALA A 80 5.68 3.40 -19.39
C ALA A 80 5.99 4.86 -18.97
N ASN A 81 7.27 5.26 -19.15
CA ASN A 81 7.74 6.63 -18.83
C ASN A 81 7.22 7.60 -19.91
N LYS A 82 6.01 8.13 -19.65
CA LYS A 82 5.27 8.97 -20.62
C LYS A 82 4.39 9.96 -19.83
N GLU A 83 4.99 11.11 -19.48
CA GLU A 83 4.30 12.20 -18.75
C GLU A 83 3.39 12.97 -19.72
N VAL A 84 2.12 12.53 -19.82
CA VAL A 84 1.08 13.16 -20.67
C VAL A 84 -0.22 13.33 -19.87
N LEU A 85 -0.92 14.44 -20.13
CA LEU A 85 -2.19 14.79 -19.47
C LEU A 85 -3.36 14.48 -20.43
N ALA A 86 -3.22 13.36 -21.16
CA ALA A 86 -4.16 12.90 -22.18
C ALA A 86 -3.94 11.40 -22.40
N LYS A 87 -5.02 10.64 -22.55
CA LYS A 87 -4.97 9.17 -22.58
C LYS A 87 -6.10 8.59 -23.43
N VAL A 88 -5.93 7.33 -23.86
CA VAL A 88 -6.89 6.59 -24.70
C VAL A 88 -7.57 5.48 -23.84
N ILE A 89 -7.94 5.86 -22.61
CA ILE A 89 -8.62 4.96 -21.65
C ILE A 89 -10.11 5.39 -21.55
N ASP A 90 -10.74 5.55 -22.71
CA ASP A 90 -12.15 5.93 -22.82
C ASP A 90 -13.01 4.65 -22.79
N LEU A 91 -13.27 4.17 -21.57
CA LEU A 91 -14.02 2.90 -21.34
C LEU A 91 -15.37 3.18 -20.66
N THR A 92 -15.64 4.45 -20.33
CA THR A 92 -16.87 4.89 -19.64
C THR A 92 -18.13 4.57 -20.47
N HIS A 93 -19.24 4.32 -19.76
CA HIS A 93 -20.56 4.06 -20.37
C HIS A 93 -21.63 4.45 -19.34
N ASP A 94 -22.07 5.72 -19.44
CA ASP A 94 -22.98 6.36 -18.47
C ASP A 94 -24.39 5.72 -18.51
N ASN A 95 -24.63 4.76 -17.60
CA ASN A 95 -25.96 4.18 -17.34
C ASN A 95 -26.65 5.01 -16.26
N LYS A 96 -27.63 5.83 -16.67
CA LYS A 96 -28.42 6.66 -15.75
C LYS A 96 -29.32 5.74 -14.91
N ASP A 97 -29.42 6.04 -13.61
CA ASP A 97 -30.08 5.18 -12.60
C ASP A 97 -31.63 5.31 -12.61
N ASP A 98 -32.20 5.70 -13.77
CA ASP A 98 -33.65 5.80 -13.99
C ASP A 98 -34.33 4.43 -13.80
N LEU A 99 -33.99 3.49 -14.70
CA LEU A 99 -34.57 2.14 -14.69
C LEU A 99 -34.04 1.31 -13.52
N GLN A 100 -32.83 1.66 -12.99
CA GLN A 100 -32.29 1.03 -11.76
C GLN A 100 -33.21 1.33 -10.57
N ALA A 101 -33.56 2.62 -10.41
CA ALA A 101 -34.44 3.09 -9.32
C ALA A 101 -35.87 2.56 -9.48
N ALA A 102 -36.34 2.50 -10.76
CA ALA A 102 -37.70 2.05 -11.10
C ALA A 102 -37.90 0.57 -10.76
N ILE A 103 -36.95 -0.28 -11.21
CA ILE A 103 -36.99 -1.73 -10.97
C ILE A 103 -36.81 -2.05 -9.48
N ALA A 104 -35.85 -1.35 -8.83
CA ALA A 104 -35.56 -1.50 -7.39
C ALA A 104 -36.82 -1.22 -6.53
N LEU A 105 -37.47 -0.08 -6.81
CA LEU A 105 -38.67 0.39 -6.07
C LEU A 105 -39.84 -0.60 -6.31
N SER A 106 -39.99 -1.02 -7.58
CA SER A 106 -41.07 -1.93 -8.01
C SER A 106 -40.80 -3.38 -7.61
N LEU A 107 -39.55 -3.69 -7.21
CA LEU A 107 -39.20 -5.02 -6.65
C LEU A 107 -39.63 -5.04 -5.18
N LEU A 108 -39.37 -3.91 -4.48
CA LEU A 108 -39.75 -3.73 -3.08
C LEU A 108 -41.28 -3.67 -2.94
N GLU A 109 -41.93 -3.02 -3.94
CA GLU A 109 -43.37 -2.75 -3.95
C GLU A 109 -43.81 -1.98 -2.68
N SER A 110 -43.06 -0.89 -2.40
CA SER A 110 -43.32 -0.01 -1.26
C SER A 110 -43.84 1.36 -1.77
N PRO A 111 -45.20 1.53 -1.96
CA PRO A 111 -45.80 2.81 -2.38
C PRO A 111 -45.99 3.78 -1.20
N LYS A 112 -45.87 5.08 -1.48
CA LYS A 112 -45.98 6.15 -0.46
C LYS A 112 -47.47 6.60 -0.33
N ILE A 113 -48.38 5.61 -0.19
CA ILE A 113 -49.83 5.85 -0.03
C ILE A 113 -50.12 6.18 1.46
N GLN A 114 -49.56 7.32 1.87
CA GLN A 114 -49.61 7.83 3.26
C GLN A 114 -49.57 9.37 3.23
N ALA A 115 -49.23 9.95 2.06
CA ALA A 115 -48.90 11.37 1.92
C ALA A 115 -49.29 11.90 0.52
N ASP A 116 -48.70 11.29 -0.53
CA ASP A 116 -48.87 11.76 -1.93
C ASP A 116 -48.60 10.64 -2.96
N GLY A 117 -48.85 9.38 -2.57
CA GLY A 117 -48.71 8.24 -3.47
C GLY A 117 -49.93 8.06 -4.35
N ARG A 118 -50.85 7.18 -3.95
CA ARG A 118 -52.15 6.95 -4.63
C ARG A 118 -53.29 7.09 -3.62
N ASP A 119 -53.03 7.90 -2.57
CA ASP A 119 -53.99 8.14 -1.50
C ASP A 119 -55.03 9.22 -1.93
N LEU A 120 -56.00 8.78 -2.77
CA LEU A 120 -57.13 9.62 -3.23
C LEU A 120 -58.36 9.32 -2.35
N ASN A 121 -58.28 9.80 -1.11
CA ASN A 121 -59.31 9.56 -0.08
C ASN A 121 -60.48 10.53 -0.25
N ARG A 122 -61.72 10.02 -0.11
CA ARG A 122 -62.94 10.85 -0.11
C ARG A 122 -63.40 11.05 1.36
N MET A 123 -62.40 11.32 2.23
CA MET A 123 -62.61 11.53 3.67
C MET A 123 -63.44 12.80 3.93
N HIS A 124 -64.57 12.64 4.61
CA HIS A 124 -65.46 13.74 5.00
C HIS A 124 -65.64 13.72 6.51
N GLU A 125 -64.95 14.64 7.21
CA GLU A 125 -64.99 14.79 8.68
C GLU A 125 -66.28 15.52 9.12
N ALA A 126 -66.60 15.45 10.43
CA ALA A 126 -67.69 16.22 11.06
C ALA A 126 -67.45 17.74 10.88
N THR A 127 -67.97 18.30 9.78
CA THR A 127 -67.72 19.69 9.37
C THR A 127 -68.78 20.64 9.98
N SER A 128 -70.04 20.48 9.54
CA SER A 128 -71.19 21.31 10.02
C SER A 128 -72.02 20.53 11.05
N ALA A 129 -71.69 19.24 11.24
CA ALA A 129 -72.41 18.35 12.17
C ALA A 129 -71.44 17.23 12.60
N GLN A 19 -13.69 -10.50 -25.19
CA GLN A 19 -13.32 -9.73 -23.97
C GLN A 19 -12.26 -10.51 -23.15
N MET A 20 -11.54 -11.43 -23.83
CA MET A 20 -10.72 -12.49 -23.19
C MET A 20 -9.72 -11.93 -22.13
N LEU A 21 -8.82 -11.02 -22.58
CA LEU A 21 -7.76 -10.42 -21.71
C LEU A 21 -8.33 -9.66 -20.48
N LEU A 22 -9.49 -8.98 -20.67
CA LEU A 22 -10.19 -8.26 -19.59
C LEU A 22 -10.73 -9.25 -18.54
N ASN A 23 -11.38 -10.31 -19.05
CA ASN A 23 -12.04 -11.35 -18.21
C ASN A 23 -11.00 -12.13 -17.40
N GLN A 24 -9.88 -12.47 -18.07
CA GLN A 24 -8.78 -13.24 -17.48
C GLN A 24 -8.12 -12.46 -16.35
N LEU A 25 -7.69 -11.20 -16.64
CA LEU A 25 -7.05 -10.33 -15.62
C LEU A 25 -7.98 -10.15 -14.41
N ARG A 26 -9.27 -9.84 -14.69
CA ARG A 26 -10.35 -9.70 -13.68
C ARG A 26 -10.45 -10.94 -12.78
N GLU A 27 -10.29 -12.11 -13.39
CA GLU A 27 -10.42 -13.40 -12.71
C GLU A 27 -9.20 -13.66 -11.80
N ILE A 28 -8.00 -13.29 -12.28
CA ILE A 28 -6.71 -13.61 -11.62
C ILE A 28 -6.15 -12.42 -10.80
N THR A 29 -6.90 -11.29 -10.74
CA THR A 29 -6.63 -10.18 -9.80
C THR A 29 -7.76 -10.09 -8.75
N GLY A 30 -8.99 -10.23 -9.26
CA GLY A 30 -10.21 -10.14 -8.45
C GLY A 30 -10.97 -8.85 -8.74
N ILE A 31 -10.29 -7.90 -9.43
CA ILE A 31 -10.82 -6.56 -9.73
C ILE A 31 -11.88 -6.64 -10.84
N GLN A 32 -13.15 -6.41 -10.45
CA GLN A 32 -14.31 -6.45 -11.36
C GLN A 32 -14.30 -5.23 -12.32
N ASP A 33 -13.79 -4.08 -11.81
CA ASP A 33 -13.77 -2.80 -12.56
C ASP A 33 -12.89 -2.88 -13.83
N PRO A 34 -13.50 -2.76 -15.07
CA PRO A 34 -12.75 -2.83 -16.36
C PRO A 34 -11.70 -1.71 -16.51
N SER A 35 -11.90 -0.59 -15.77
CA SER A 35 -11.00 0.57 -15.79
C SER A 35 -9.54 0.16 -15.49
N PHE A 36 -9.37 -0.55 -14.35
CA PHE A 36 -8.07 -1.03 -13.87
C PHE A 36 -7.45 -2.04 -14.82
N LEU A 37 -8.33 -2.84 -15.47
CA LEU A 37 -7.93 -3.98 -16.28
C LEU A 37 -7.28 -3.51 -17.59
N HIS A 38 -7.94 -2.55 -18.27
CA HIS A 38 -7.38 -1.89 -19.47
C HIS A 38 -6.07 -1.17 -19.11
N GLU A 39 -6.13 -0.30 -18.08
CA GLU A 39 -4.99 0.56 -17.68
C GLU A 39 -3.75 -0.25 -17.27
N ALA A 40 -3.99 -1.47 -16.72
CA ALA A 40 -2.92 -2.41 -16.39
C ALA A 40 -2.29 -2.99 -17.66
N LEU A 41 -3.15 -3.47 -18.60
CA LEU A 41 -2.74 -4.02 -19.92
C LEU A 41 -1.97 -2.95 -20.75
N LYS A 42 -2.30 -1.65 -20.53
CA LYS A 42 -1.59 -0.52 -21.15
C LYS A 42 -0.19 -0.37 -20.52
N ALA A 43 -0.16 -0.33 -19.17
CA ALA A 43 1.08 -0.13 -18.39
C ALA A 43 2.04 -1.33 -18.48
N SER A 44 1.54 -2.48 -18.98
CA SER A 44 2.31 -3.73 -19.09
C SER A 44 2.75 -4.02 -20.54
N ASN A 45 2.47 -3.07 -21.47
CA ASN A 45 2.77 -3.21 -22.93
C ASN A 45 1.82 -4.26 -23.62
N GLY A 46 0.95 -4.91 -22.81
CA GLY A 46 0.07 -5.99 -23.27
C GLY A 46 0.30 -7.30 -22.53
N ASP A 47 1.34 -7.35 -21.66
CA ASP A 47 1.69 -8.56 -20.88
C ASP A 47 0.76 -8.70 -19.66
N ILE A 48 -0.19 -9.65 -19.74
CA ILE A 48 -1.25 -9.81 -18.73
C ILE A 48 -0.66 -10.22 -17.34
N THR A 49 0.50 -10.91 -17.34
CA THR A 49 1.20 -11.33 -16.10
C THR A 49 1.70 -10.10 -15.32
N GLN A 50 2.35 -9.17 -16.05
CA GLN A 50 2.79 -7.88 -15.50
C GLN A 50 1.61 -7.07 -14.99
N ALA A 51 0.49 -7.11 -15.73
CA ALA A 51 -0.76 -6.42 -15.38
C ALA A 51 -1.30 -6.87 -14.01
N VAL A 52 -1.24 -8.21 -13.76
CA VAL A 52 -1.59 -8.79 -12.45
C VAL A 52 -0.69 -8.20 -11.36
N SER A 53 0.64 -8.22 -11.63
CA SER A 53 1.67 -7.71 -10.70
C SER A 53 1.43 -6.24 -10.32
N LEU A 54 1.05 -5.43 -11.32
CA LEU A 54 0.87 -3.98 -11.18
C LEU A 54 -0.42 -3.63 -10.41
N LEU A 55 -1.43 -4.50 -10.52
CA LEU A 55 -2.70 -4.31 -9.79
C LEU A 55 -2.65 -4.86 -8.35
N THR A 56 -1.88 -5.93 -8.12
CA THR A 56 -1.86 -6.61 -6.81
C THR A 56 -0.98 -5.89 -5.77
N ASP A 57 -0.06 -5.00 -6.24
CA ASP A 57 0.91 -4.32 -5.35
C ASP A 57 0.27 -3.17 -4.54
N GLU A 58 -1.03 -2.87 -4.79
CA GLU A 58 -1.79 -1.84 -4.04
C GLU A 58 -1.81 -2.16 -2.51
N ARG A 59 -1.93 -3.47 -2.20
CA ARG A 59 -1.98 -3.98 -0.80
C ARG A 59 -0.59 -3.99 -0.14
N VAL A 60 0.48 -3.79 -0.94
CA VAL A 60 1.86 -3.71 -0.43
C VAL A 60 2.19 -2.24 -0.06
N LYS A 61 1.49 -1.29 -0.72
CA LYS A 61 1.65 0.16 -0.46
C LYS A 61 0.92 0.52 0.85
N GLU A 62 1.72 0.69 1.93
CA GLU A 62 1.23 1.13 3.25
C GLU A 62 0.71 2.60 3.20
N PRO A 63 -0.25 3.05 4.10
CA PRO A 63 -0.85 2.22 5.18
C PRO A 63 -2.04 1.35 4.71
N SER A 64 -1.72 0.10 4.34
CA SER A 64 -2.68 -0.86 3.81
C SER A 64 -3.22 -1.75 4.94
N GLN A 65 -2.37 -2.69 5.42
CA GLN A 65 -2.66 -3.62 6.53
C GLN A 65 -1.45 -4.53 6.74
N ASP A 66 -1.16 -4.90 8.02
CA ASP A 66 -0.06 -5.84 8.37
C ASP A 66 -0.51 -7.32 8.25
N THR A 67 -1.31 -7.61 7.21
CA THR A 67 -1.84 -8.96 6.92
C THR A 67 -0.76 -9.83 6.23
N VAL A 68 -1.14 -11.09 5.89
CA VAL A 68 -0.29 -12.06 5.19
C VAL A 68 0.33 -11.47 3.88
N ALA A 69 1.66 -11.40 3.86
CA ALA A 69 2.44 -10.89 2.73
C ALA A 69 3.70 -11.74 2.54
N THR A 70 3.62 -12.74 1.65
CA THR A 70 4.74 -13.63 1.32
C THR A 70 5.47 -13.09 0.08
N GLU A 71 6.59 -13.75 -0.30
CA GLU A 71 7.48 -13.28 -1.38
C GLU A 71 6.81 -13.39 -2.78
N PRO A 72 6.99 -12.34 -3.67
CA PRO A 72 6.50 -12.40 -5.08
C PRO A 72 7.37 -13.32 -5.95
N SER A 73 6.95 -13.51 -7.22
CA SER A 73 7.57 -14.46 -8.17
C SER A 73 7.53 -15.90 -7.61
N GLU A 74 6.50 -16.18 -6.78
CA GLU A 74 6.31 -17.48 -6.10
C GLU A 74 6.07 -18.60 -7.13
N VAL A 75 5.20 -18.29 -8.11
CA VAL A 75 4.87 -19.22 -9.20
C VAL A 75 6.06 -19.36 -10.16
N GLU A 76 6.25 -20.58 -10.68
CA GLU A 76 7.34 -20.90 -11.62
C GLU A 76 7.05 -20.24 -12.97
N GLY A 77 7.69 -19.08 -13.21
CA GLY A 77 7.54 -18.33 -14.45
C GLY A 77 8.26 -19.00 -15.61
N SER A 78 9.37 -19.73 -15.32
CA SER A 78 10.23 -20.40 -16.32
C SER A 78 10.80 -19.37 -17.34
N ALA A 79 10.89 -18.11 -16.89
CA ALA A 79 11.33 -16.96 -17.69
C ALA A 79 12.63 -16.43 -17.09
N ALA A 80 13.74 -17.13 -17.38
CA ALA A 80 15.09 -16.73 -16.94
C ALA A 80 15.56 -15.52 -17.77
N ASN A 81 15.08 -14.31 -17.36
CA ASN A 81 15.47 -13.06 -18.01
C ASN A 81 16.87 -12.68 -17.54
N LYS A 82 17.87 -13.04 -18.36
CA LYS A 82 19.29 -12.75 -18.09
C LYS A 82 19.70 -11.44 -18.79
N GLU A 83 18.72 -10.51 -18.88
CA GLU A 83 18.89 -9.21 -19.53
C GLU A 83 19.82 -8.32 -18.70
N VAL A 84 21.09 -8.26 -19.12
CA VAL A 84 22.14 -7.50 -18.44
C VAL A 84 21.81 -6.00 -18.48
N LEU A 85 21.71 -5.38 -17.30
CA LEU A 85 21.36 -3.95 -17.18
C LEU A 85 22.62 -3.06 -17.33
N ALA A 86 23.79 -3.65 -17.03
CA ALA A 86 25.08 -2.95 -17.07
C ALA A 86 25.61 -2.81 -18.50
N LYS A 87 25.56 -1.58 -19.00
CA LYS A 87 26.14 -1.18 -20.29
C LYS A 87 26.67 0.25 -20.16
N VAL A 88 27.41 0.72 -21.17
CA VAL A 88 27.98 2.09 -21.20
C VAL A 88 27.32 2.88 -22.37
N ILE A 89 26.09 2.48 -22.69
CA ILE A 89 25.31 3.03 -23.82
C ILE A 89 24.13 3.85 -23.26
N ASP A 90 24.46 5.07 -22.83
CA ASP A 90 23.49 6.12 -22.52
C ASP A 90 24.24 7.45 -22.49
N LEU A 91 24.37 8.10 -23.66
CA LEU A 91 25.12 9.35 -23.79
C LEU A 91 24.18 10.56 -23.85
N THR A 92 22.96 10.36 -24.38
CA THR A 92 22.00 11.47 -24.59
C THR A 92 20.87 11.47 -23.53
N HIS A 93 20.75 12.62 -22.86
CA HIS A 93 19.69 12.92 -21.88
C HIS A 93 19.78 14.43 -21.58
N ASP A 94 20.05 15.19 -22.66
CA ASP A 94 20.41 16.62 -22.62
C ASP A 94 19.19 17.50 -22.40
N ASN A 95 18.13 17.26 -23.20
CA ASN A 95 16.89 18.04 -23.13
C ASN A 95 16.14 17.71 -21.81
N LYS A 96 16.10 18.70 -20.91
CA LYS A 96 15.48 18.55 -19.59
C LYS A 96 13.96 18.75 -19.67
N ASP A 97 13.21 18.00 -18.84
CA ASP A 97 11.73 18.03 -18.81
C ASP A 97 11.23 19.14 -17.86
N ASP A 98 12.19 19.86 -17.22
CA ASP A 98 11.92 20.94 -16.25
C ASP A 98 10.99 22.01 -16.86
N LEU A 99 11.33 22.52 -18.07
CA LEU A 99 10.56 23.60 -18.73
C LEU A 99 9.24 23.08 -19.36
N GLN A 100 9.17 21.76 -19.68
CA GLN A 100 7.88 21.12 -20.08
C GLN A 100 6.87 21.25 -18.94
N ALA A 101 7.29 20.74 -17.76
CA ALA A 101 6.48 20.72 -16.54
C ALA A 101 6.18 22.16 -16.04
N ALA A 102 7.15 23.07 -16.22
CA ALA A 102 7.04 24.47 -15.76
C ALA A 102 5.98 25.25 -16.57
N ILE A 103 6.16 25.28 -17.91
CA ILE A 103 5.26 26.02 -18.83
C ILE A 103 3.84 25.41 -18.79
N ALA A 104 3.75 24.07 -18.75
CA ALA A 104 2.46 23.33 -18.71
C ALA A 104 1.67 23.63 -17.43
N LEU A 105 2.35 23.58 -16.26
CA LEU A 105 1.71 23.85 -14.94
C LEU A 105 1.28 25.33 -14.86
N SER A 106 2.04 26.20 -15.54
CA SER A 106 1.72 27.64 -15.67
C SER A 106 0.51 27.85 -16.60
N LEU A 107 0.39 27.00 -17.63
CA LEU A 107 -0.69 27.06 -18.64
C LEU A 107 -2.04 26.65 -18.04
N LEU A 108 -2.04 25.56 -17.26
CA LEU A 108 -3.23 25.12 -16.49
C LEU A 108 -3.49 26.07 -15.32
N GLU A 109 -2.37 26.64 -14.75
CA GLU A 109 -2.34 27.62 -13.61
C GLU A 109 -3.19 27.19 -12.39
N SER A 110 -3.47 25.89 -12.30
CA SER A 110 -4.28 25.29 -11.23
C SER A 110 -3.48 24.11 -10.62
N PRO A 111 -3.18 24.14 -9.28
CA PRO A 111 -2.52 23.02 -8.58
C PRO A 111 -3.49 21.83 -8.38
N LYS A 112 -3.75 21.09 -9.49
CA LYS A 112 -4.61 19.88 -9.52
C LYS A 112 -6.11 20.21 -9.25
N ILE A 113 -6.44 21.51 -9.18
CA ILE A 113 -7.81 21.96 -8.97
C ILE A 113 -8.56 21.89 -10.31
N GLN A 114 -9.29 20.78 -10.52
CA GLN A 114 -10.03 20.51 -11.76
C GLN A 114 -11.51 20.28 -11.43
N ALA A 115 -12.14 21.35 -10.88
CA ALA A 115 -13.58 21.37 -10.49
C ALA A 115 -13.85 20.60 -9.16
N ASP A 116 -13.00 19.62 -8.82
CA ASP A 116 -13.19 18.74 -7.64
C ASP A 116 -12.63 19.36 -6.35
N GLY A 117 -11.68 20.31 -6.47
CA GLY A 117 -10.97 20.88 -5.31
C GLY A 117 -11.75 21.99 -4.60
N ARG A 118 -11.14 23.19 -4.48
CA ARG A 118 -11.74 24.37 -3.82
C ARG A 118 -12.90 25.01 -4.62
N ASP A 119 -13.14 24.46 -5.83
CA ASP A 119 -14.18 24.91 -6.76
C ASP A 119 -15.61 24.70 -6.20
N LEU A 120 -15.73 23.75 -5.22
CA LEU A 120 -17.00 23.34 -4.58
C LEU A 120 -17.83 22.53 -5.62
N ASN A 121 -17.79 21.21 -5.49
CA ASN A 121 -18.52 20.27 -6.36
C ASN A 121 -18.79 18.98 -5.58
N ARG A 122 -19.91 18.31 -5.88
CA ARG A 122 -20.26 16.99 -5.31
C ARG A 122 -19.40 15.92 -6.00
N MET A 123 -18.18 15.76 -5.48
CA MET A 123 -17.17 14.80 -5.99
C MET A 123 -16.94 13.69 -4.97
N HIS A 124 -17.13 14.02 -3.68
CA HIS A 124 -17.00 13.08 -2.56
C HIS A 124 -18.40 12.54 -2.23
N GLU A 125 -18.76 11.40 -2.84
CA GLU A 125 -20.08 10.78 -2.66
C GLU A 125 -20.15 10.06 -1.29
N ALA A 126 -20.86 10.67 -0.33
CA ALA A 126 -21.00 10.14 1.03
C ALA A 126 -21.99 8.95 1.04
N THR A 127 -21.47 7.72 1.17
CA THR A 127 -22.29 6.51 1.28
C THR A 127 -22.63 6.24 2.75
N SER A 128 -23.92 6.07 3.05
CA SER A 128 -24.41 5.82 4.42
C SER A 128 -24.28 4.33 4.77
N ALA A 129 -24.47 3.46 3.77
CA ALA A 129 -24.46 2.00 3.92
C ALA A 129 -24.26 1.35 2.52
N GLN A 19 -12.53 -10.55 -25.82
CA GLN A 19 -12.50 -9.82 -24.52
C GLN A 19 -11.71 -10.63 -23.47
N MET A 20 -10.91 -11.62 -23.97
CA MET A 20 -10.20 -12.62 -23.13
C MET A 20 -9.23 -11.98 -22.12
N LEU A 21 -8.57 -10.88 -22.51
CA LEU A 21 -7.61 -10.14 -21.66
C LEU A 21 -8.31 -9.53 -20.42
N LEU A 22 -9.54 -9.00 -20.62
CA LEU A 22 -10.39 -8.45 -19.52
C LEU A 22 -10.84 -9.58 -18.59
N ASN A 23 -11.33 -10.67 -19.21
CA ASN A 23 -11.91 -11.83 -18.49
C ASN A 23 -10.85 -12.52 -17.62
N GLN A 24 -9.70 -12.78 -18.23
CA GLN A 24 -8.54 -13.43 -17.59
C GLN A 24 -7.99 -12.58 -16.44
N LEU A 25 -7.62 -11.30 -16.72
CA LEU A 25 -7.01 -10.42 -15.71
C LEU A 25 -7.94 -10.27 -14.49
N ARG A 26 -9.24 -10.04 -14.76
CA ARG A 26 -10.29 -9.95 -13.72
C ARG A 26 -10.31 -11.21 -12.85
N GLU A 27 -10.24 -12.38 -13.49
CA GLU A 27 -10.31 -13.69 -12.82
C GLU A 27 -9.07 -13.92 -11.90
N ILE A 28 -7.90 -13.41 -12.35
CA ILE A 28 -6.60 -13.67 -11.67
C ILE A 28 -6.10 -12.45 -10.85
N THR A 29 -6.88 -11.34 -10.80
CA THR A 29 -6.63 -10.21 -9.86
C THR A 29 -7.78 -10.15 -8.83
N GLY A 30 -9.01 -10.16 -9.36
CA GLY A 30 -10.24 -10.07 -8.57
C GLY A 30 -10.83 -8.67 -8.60
N ILE A 31 -10.48 -7.88 -9.64
CA ILE A 31 -10.96 -6.50 -9.81
C ILE A 31 -12.09 -6.44 -10.84
N GLN A 32 -13.24 -5.91 -10.40
CA GLN A 32 -14.46 -5.75 -11.22
C GLN A 32 -14.38 -4.48 -12.09
N ASP A 33 -13.62 -3.47 -11.65
CA ASP A 33 -13.44 -2.20 -12.39
C ASP A 33 -12.65 -2.45 -13.69
N PRO A 34 -13.31 -2.28 -14.90
CA PRO A 34 -12.64 -2.48 -16.22
C PRO A 34 -11.55 -1.43 -16.48
N SER A 35 -11.68 -0.27 -15.78
CA SER A 35 -10.71 0.83 -15.84
C SER A 35 -9.30 0.33 -15.44
N PHE A 36 -9.23 -0.34 -14.27
CA PHE A 36 -7.99 -0.93 -13.73
C PHE A 36 -7.42 -1.99 -14.66
N LEU A 37 -8.32 -2.81 -15.23
CA LEU A 37 -7.94 -3.96 -16.06
C LEU A 37 -7.30 -3.52 -17.39
N HIS A 38 -7.93 -2.54 -18.06
CA HIS A 38 -7.40 -1.94 -19.30
C HIS A 38 -6.07 -1.21 -19.02
N GLU A 39 -6.07 -0.31 -18.00
CA GLU A 39 -4.87 0.50 -17.64
C GLU A 39 -3.66 -0.38 -17.30
N ALA A 40 -3.92 -1.56 -16.71
CA ALA A 40 -2.88 -2.54 -16.38
C ALA A 40 -2.30 -3.16 -17.67
N LEU A 41 -3.21 -3.60 -18.56
CA LEU A 41 -2.85 -4.16 -19.90
C LEU A 41 -2.11 -3.10 -20.77
N LYS A 42 -2.43 -1.81 -20.54
CA LYS A 42 -1.82 -0.67 -21.27
C LYS A 42 -0.40 -0.39 -20.75
N ALA A 43 -0.26 -0.33 -19.41
CA ALA A 43 1.03 -0.06 -18.73
C ALA A 43 2.03 -1.19 -18.96
N SER A 44 1.50 -2.43 -19.01
CA SER A 44 2.29 -3.65 -19.22
C SER A 44 2.49 -3.95 -20.71
N ASN A 45 1.95 -3.06 -21.59
CA ASN A 45 2.11 -3.11 -23.07
C ASN A 45 1.42 -4.34 -23.70
N GLY A 46 0.58 -5.04 -22.92
CA GLY A 46 -0.14 -6.23 -23.38
C GLY A 46 0.21 -7.47 -22.57
N ASP A 47 1.26 -7.40 -21.74
CA ASP A 47 1.66 -8.53 -20.88
C ASP A 47 0.75 -8.63 -19.65
N ILE A 48 -0.15 -9.62 -19.69
CA ILE A 48 -1.15 -9.85 -18.64
C ILE A 48 -0.50 -10.21 -17.28
N THR A 49 0.70 -10.79 -17.32
CA THR A 49 1.46 -11.21 -16.12
C THR A 49 1.85 -9.98 -15.26
N GLN A 50 2.51 -8.99 -15.91
CA GLN A 50 2.86 -7.70 -15.29
C GLN A 50 1.60 -6.95 -14.86
N ALA A 51 0.54 -7.03 -15.69
CA ALA A 51 -0.75 -6.38 -15.41
C ALA A 51 -1.34 -6.83 -14.05
N VAL A 52 -1.28 -8.17 -13.79
CA VAL A 52 -1.66 -8.74 -12.48
C VAL A 52 -0.79 -8.14 -11.37
N SER A 53 0.54 -8.16 -11.60
CA SER A 53 1.55 -7.71 -10.61
C SER A 53 1.33 -6.25 -10.17
N LEU A 54 0.86 -5.40 -11.13
CA LEU A 54 0.58 -3.99 -10.86
C LEU A 54 -0.71 -3.84 -10.03
N LEU A 55 -1.74 -4.62 -10.41
CA LEU A 55 -3.06 -4.57 -9.74
C LEU A 55 -3.10 -5.33 -8.40
N THR A 56 -2.04 -6.09 -8.10
CA THR A 56 -1.92 -6.79 -6.81
C THR A 56 -0.80 -6.17 -5.95
N ASP A 57 -0.24 -5.04 -6.43
CA ASP A 57 0.81 -4.29 -5.69
C ASP A 57 0.18 -3.43 -4.58
N GLU A 58 -1.05 -2.98 -4.81
CA GLU A 58 -1.77 -2.00 -3.95
C GLU A 58 -2.01 -2.49 -2.50
N ARG A 59 -1.97 -3.82 -2.29
CA ARG A 59 -2.17 -4.47 -0.96
C ARG A 59 -0.86 -4.46 -0.12
N VAL A 60 0.28 -4.25 -0.79
CA VAL A 60 1.63 -4.28 -0.14
C VAL A 60 2.37 -2.94 -0.41
N LYS A 61 1.66 -2.01 -1.08
CA LYS A 61 2.19 -0.70 -1.50
C LYS A 61 2.45 0.20 -0.27
N GLU A 62 3.67 0.09 0.29
CA GLU A 62 4.10 0.88 1.45
C GLU A 62 5.43 1.59 1.12
N PRO A 63 5.60 2.92 1.45
CA PRO A 63 4.60 3.74 2.21
C PRO A 63 3.39 4.17 1.35
N SER A 64 2.33 4.65 2.03
CA SER A 64 1.11 5.15 1.40
C SER A 64 1.35 6.52 0.72
N GLN A 65 0.36 6.95 -0.08
CA GLN A 65 0.43 8.21 -0.83
C GLN A 65 -0.95 8.88 -0.71
N ASP A 66 -0.97 10.02 0.01
CA ASP A 66 -2.21 10.81 0.26
C ASP A 66 -2.67 11.48 -1.03
N THR A 67 -3.75 10.94 -1.62
CA THR A 67 -4.41 11.47 -2.83
C THR A 67 -5.03 12.87 -2.55
N VAL A 68 -5.14 13.69 -3.61
CA VAL A 68 -5.64 15.08 -3.53
C VAL A 68 -7.03 15.16 -2.85
N ALA A 69 -7.21 16.17 -1.97
CA ALA A 69 -8.44 16.40 -1.21
C ALA A 69 -9.49 17.16 -2.06
N THR A 70 -9.78 16.59 -3.24
CA THR A 70 -10.72 17.17 -4.21
C THR A 70 -12.19 16.95 -3.75
N GLU A 71 -12.66 17.89 -2.92
CA GLU A 71 -14.03 17.89 -2.41
C GLU A 71 -15.01 18.29 -3.53
N PRO A 72 -16.28 17.73 -3.56
CA PRO A 72 -17.28 18.06 -4.61
C PRO A 72 -17.58 19.57 -4.64
N SER A 73 -17.25 20.21 -5.77
CA SER A 73 -17.42 21.66 -5.97
C SER A 73 -18.92 22.05 -6.02
N GLU A 74 -19.20 23.34 -6.27
CA GLU A 74 -20.58 23.90 -6.23
C GLU A 74 -21.44 23.35 -7.39
N VAL A 75 -21.92 22.11 -7.23
CA VAL A 75 -22.75 21.41 -8.22
C VAL A 75 -24.22 21.70 -7.91
N GLU A 76 -24.76 22.70 -8.63
CA GLU A 76 -26.11 23.21 -8.40
C GLU A 76 -27.14 22.20 -8.94
N GLY A 77 -27.71 21.42 -7.98
CA GLY A 77 -28.73 20.41 -8.28
C GLY A 77 -29.27 19.86 -6.98
N SER A 78 -28.41 19.12 -6.25
CA SER A 78 -28.70 18.66 -4.87
C SER A 78 -28.37 19.80 -3.88
N ALA A 79 -27.39 20.65 -4.25
CA ALA A 79 -27.03 21.85 -3.49
C ALA A 79 -28.13 22.93 -3.62
N ALA A 80 -28.89 22.84 -4.73
CA ALA A 80 -30.01 23.73 -5.00
C ALA A 80 -31.21 23.36 -4.12
N ASN A 81 -31.51 24.20 -3.12
CA ASN A 81 -32.65 24.02 -2.21
C ASN A 81 -33.86 24.76 -2.79
N LYS A 82 -34.72 24.04 -3.54
CA LYS A 82 -35.93 24.59 -4.17
C LYS A 82 -37.04 23.52 -4.15
N GLU A 83 -38.02 23.72 -3.25
CA GLU A 83 -39.19 22.84 -3.13
C GLU A 83 -40.20 23.16 -4.25
N VAL A 84 -40.68 22.13 -4.94
CA VAL A 84 -41.67 22.25 -6.03
C VAL A 84 -43.08 22.15 -5.43
N LEU A 85 -43.89 23.19 -5.61
CA LEU A 85 -45.24 23.29 -5.05
C LEU A 85 -46.23 22.73 -6.09
N ALA A 86 -46.34 21.39 -6.12
CA ALA A 86 -47.14 20.69 -7.12
C ALA A 86 -47.89 19.50 -6.49
N LYS A 87 -49.24 19.51 -6.57
CA LYS A 87 -50.09 18.39 -6.12
C LYS A 87 -51.44 18.41 -6.88
N VAL A 88 -52.10 17.25 -6.94
CA VAL A 88 -53.45 17.11 -7.54
C VAL A 88 -54.40 16.53 -6.44
N ILE A 89 -54.14 16.93 -5.19
CA ILE A 89 -54.90 16.47 -4.02
C ILE A 89 -56.14 17.38 -3.85
N ASP A 90 -57.13 17.13 -4.70
CA ASP A 90 -58.45 17.77 -4.62
C ASP A 90 -59.25 17.12 -3.48
N LEU A 91 -59.02 17.63 -2.27
CA LEU A 91 -59.74 17.21 -1.06
C LEU A 91 -60.14 18.48 -0.27
N THR A 92 -60.49 19.53 -1.06
CA THR A 92 -61.03 20.79 -0.55
C THR A 92 -62.57 20.70 -0.45
N HIS A 93 -63.16 19.61 -0.99
CA HIS A 93 -64.63 19.39 -1.00
C HIS A 93 -64.97 18.12 -0.18
N ASP A 94 -65.37 18.30 1.08
CA ASP A 94 -65.86 17.20 1.96
C ASP A 94 -67.36 17.38 2.25
N ASN A 95 -67.77 18.67 2.28
CA ASN A 95 -69.17 19.07 2.51
C ASN A 95 -69.86 19.34 1.17
N LYS A 96 -71.10 18.87 1.04
CA LYS A 96 -71.96 19.18 -0.11
C LYS A 96 -72.95 20.28 0.30
N ASP A 97 -73.24 21.17 -0.64
CA ASP A 97 -74.04 22.39 -0.42
C ASP A 97 -75.54 22.15 -0.73
N ASP A 98 -75.93 20.89 -1.02
CA ASP A 98 -77.27 20.56 -1.53
C ASP A 98 -78.36 20.78 -0.45
N LEU A 99 -78.08 20.29 0.78
CA LEU A 99 -79.02 20.39 1.93
C LEU A 99 -79.11 21.82 2.42
N GLN A 100 -78.00 22.56 2.29
CA GLN A 100 -77.91 23.97 2.64
C GLN A 100 -78.76 24.81 1.69
N ALA A 101 -78.67 24.48 0.39
CA ALA A 101 -79.44 25.15 -0.67
C ALA A 101 -80.94 24.83 -0.55
N ALA A 102 -81.25 23.58 -0.12
CA ALA A 102 -82.64 23.10 0.06
C ALA A 102 -83.34 23.89 1.19
N ILE A 103 -82.74 23.84 2.39
CA ILE A 103 -83.26 24.51 3.60
C ILE A 103 -83.33 26.03 3.40
N ALA A 104 -82.24 26.61 2.85
CA ALA A 104 -82.11 28.06 2.63
C ALA A 104 -83.22 28.57 1.69
N LEU A 105 -83.41 27.87 0.54
CA LEU A 105 -84.43 28.24 -0.47
C LEU A 105 -85.84 28.22 0.20
N SER A 106 -86.15 27.10 0.91
CA SER A 106 -87.45 26.90 1.59
C SER A 106 -87.74 28.00 2.62
N LEU A 107 -86.70 28.42 3.34
CA LEU A 107 -86.79 29.45 4.39
C LEU A 107 -86.77 30.88 3.80
N LEU A 108 -86.31 31.01 2.54
CA LEU A 108 -86.38 32.29 1.79
C LEU A 108 -87.75 32.43 1.09
N GLU A 109 -88.43 31.28 0.87
CA GLU A 109 -89.83 31.25 0.38
C GLU A 109 -90.81 31.62 1.52
N SER A 110 -90.31 31.62 2.77
CA SER A 110 -91.06 32.01 3.95
C SER A 110 -90.91 33.53 4.22
N PRO A 111 -91.94 34.38 3.91
CA PRO A 111 -91.88 35.85 4.09
C PRO A 111 -92.26 36.25 5.54
N LYS A 112 -91.25 36.17 6.44
CA LYS A 112 -91.40 36.49 7.88
C LYS A 112 -92.25 35.44 8.62
N ILE A 113 -92.50 34.28 7.98
CA ILE A 113 -93.30 33.18 8.56
C ILE A 113 -92.40 31.94 8.68
N GLN A 114 -91.69 31.83 9.81
CA GLN A 114 -90.72 30.72 10.07
C GLN A 114 -91.40 29.32 9.97
N ALA A 115 -92.65 29.25 10.50
CA ALA A 115 -93.50 28.04 10.48
C ALA A 115 -94.86 28.38 11.13
N ASP A 116 -95.83 27.44 11.06
CA ASP A 116 -97.15 27.51 11.74
C ASP A 116 -98.07 28.60 11.12
N GLY A 117 -97.74 29.89 11.36
CA GLY A 117 -98.53 31.02 10.87
C GLY A 117 -98.41 32.20 11.81
N ARG A 118 -97.85 33.32 11.30
CA ARG A 118 -97.64 34.55 12.09
C ARG A 118 -98.60 35.66 11.59
N ASP A 119 -98.42 36.05 10.31
CA ASP A 119 -99.25 37.07 9.59
C ASP A 119 -99.15 38.50 10.23
N LEU A 120 -98.18 38.67 11.14
CA LEU A 120 -97.96 39.92 11.88
C LEU A 120 -97.31 40.97 10.94
N ASN A 121 -96.42 40.49 10.05
CA ASN A 121 -95.74 41.35 9.06
C ASN A 121 -96.75 41.86 8.01
N ARG A 122 -97.11 43.14 8.12
CA ARG A 122 -98.01 43.83 7.20
C ARG A 122 -97.86 45.35 7.44
N MET A 123 -97.25 46.05 6.46
CA MET A 123 -97.03 47.51 6.53
C MET A 123 -98.39 48.23 6.38
N HIS A 124 -99.00 48.60 7.53
CA HIS A 124 -100.34 49.21 7.56
C HIS A 124 -100.25 50.71 7.22
N GLU A 125 -100.21 50.97 5.91
CA GLU A 125 -100.24 52.33 5.34
C GLU A 125 -101.67 52.91 5.40
N ALA A 126 -102.67 52.01 5.43
CA ALA A 126 -104.09 52.37 5.54
C ALA A 126 -104.41 52.80 6.99
N THR A 127 -104.85 54.06 7.13
CA THR A 127 -105.25 54.64 8.42
C THR A 127 -106.63 55.29 8.24
N SER A 128 -107.53 55.08 9.22
CA SER A 128 -108.89 55.62 9.21
C SER A 128 -108.84 57.15 9.43
N ALA A 129 -109.21 57.93 8.39
CA ALA A 129 -109.25 59.39 8.46
C ALA A 129 -110.60 59.86 9.05
N GLN A 19 -12.87 -10.17 -25.57
CA GLN A 19 -12.88 -9.54 -24.23
C GLN A 19 -11.94 -10.33 -23.26
N MET A 20 -11.13 -11.26 -23.85
CA MET A 20 -10.35 -12.26 -23.10
C MET A 20 -9.39 -11.62 -22.07
N LEU A 21 -8.55 -10.66 -22.53
CA LEU A 21 -7.59 -9.94 -21.68
C LEU A 21 -8.25 -9.31 -20.41
N LEU A 22 -9.47 -8.73 -20.59
CA LEU A 22 -10.28 -8.16 -19.48
C LEU A 22 -10.66 -9.26 -18.49
N ASN A 23 -11.25 -10.34 -19.03
CA ASN A 23 -11.84 -11.44 -18.24
C ASN A 23 -10.75 -12.23 -17.47
N GLN A 24 -9.61 -12.46 -18.13
CA GLN A 24 -8.48 -13.21 -17.57
C GLN A 24 -7.88 -12.43 -16.39
N LEU A 25 -7.58 -11.13 -16.61
CA LEU A 25 -7.01 -10.26 -15.57
C LEU A 25 -7.96 -10.15 -14.38
N ARG A 26 -9.25 -9.93 -14.68
CA ARG A 26 -10.35 -9.81 -13.68
C ARG A 26 -10.43 -11.07 -12.78
N GLU A 27 -10.20 -12.24 -13.40
CA GLU A 27 -10.19 -13.53 -12.71
C GLU A 27 -9.01 -13.59 -11.70
N ILE A 28 -7.80 -13.25 -12.18
CA ILE A 28 -6.53 -13.47 -11.41
C ILE A 28 -6.05 -12.21 -10.63
N THR A 29 -6.82 -11.10 -10.68
CA THR A 29 -6.61 -9.94 -9.78
C THR A 29 -7.78 -9.85 -8.79
N GLY A 30 -8.98 -10.15 -9.30
CA GLY A 30 -10.22 -10.08 -8.53
C GLY A 30 -11.00 -8.82 -8.82
N ILE A 31 -10.38 -7.89 -9.58
CA ILE A 31 -10.94 -6.57 -9.87
C ILE A 31 -12.00 -6.65 -10.98
N GLN A 32 -13.25 -6.41 -10.59
CA GLN A 32 -14.41 -6.42 -11.51
C GLN A 32 -14.40 -5.19 -12.43
N ASP A 33 -13.82 -4.08 -11.90
CA ASP A 33 -13.72 -2.80 -12.61
C ASP A 33 -12.86 -2.93 -13.88
N PRO A 34 -13.45 -2.73 -15.10
CA PRO A 34 -12.73 -2.90 -16.39
C PRO A 34 -11.64 -1.83 -16.61
N SER A 35 -11.84 -0.65 -15.98
CA SER A 35 -10.94 0.51 -16.14
C SER A 35 -9.52 0.21 -15.62
N PHE A 36 -9.44 -0.41 -14.42
CA PHE A 36 -8.18 -0.88 -13.82
C PHE A 36 -7.50 -1.95 -14.70
N LEU A 37 -8.33 -2.77 -15.35
CA LEU A 37 -7.86 -3.88 -16.19
C LEU A 37 -7.20 -3.35 -17.49
N HIS A 38 -7.84 -2.33 -18.10
CA HIS A 38 -7.33 -1.70 -19.34
C HIS A 38 -6.00 -0.96 -19.07
N GLU A 39 -5.97 -0.14 -18.00
CA GLU A 39 -4.78 0.67 -17.66
C GLU A 39 -3.61 -0.22 -17.18
N ALA A 40 -3.92 -1.39 -16.61
CA ALA A 40 -2.91 -2.40 -16.26
C ALA A 40 -2.36 -3.07 -17.52
N LEU A 41 -3.26 -3.30 -18.50
CA LEU A 41 -2.92 -3.92 -19.81
C LEU A 41 -2.11 -2.92 -20.68
N LYS A 42 -2.30 -1.64 -20.39
CA LYS A 42 -1.56 -0.52 -20.98
C LYS A 42 -0.14 -0.46 -20.42
N ALA A 43 -0.06 -0.45 -19.08
CA ALA A 43 1.21 -0.34 -18.33
C ALA A 43 2.08 -1.60 -18.49
N SER A 44 1.47 -2.70 -18.95
CA SER A 44 2.18 -3.96 -19.23
C SER A 44 2.44 -4.15 -20.72
N ASN A 45 1.88 -3.24 -21.56
CA ASN A 45 1.98 -3.26 -23.04
C ASN A 45 1.29 -4.52 -23.64
N GLY A 46 0.34 -5.10 -22.87
CA GLY A 46 -0.43 -6.27 -23.29
C GLY A 46 -0.06 -7.53 -22.52
N ASP A 47 1.00 -7.45 -21.68
CA ASP A 47 1.51 -8.61 -20.92
C ASP A 47 0.59 -8.88 -19.70
N ILE A 48 -0.14 -10.01 -19.71
CA ILE A 48 -1.12 -10.32 -18.67
C ILE A 48 -0.44 -10.38 -17.27
N THR A 49 0.75 -11.02 -17.20
CA THR A 49 1.47 -11.30 -15.94
C THR A 49 1.88 -9.99 -15.23
N GLN A 50 2.46 -9.05 -16.00
CA GLN A 50 2.84 -7.72 -15.48
C GLN A 50 1.61 -6.96 -15.01
N ALA A 51 0.53 -7.01 -15.81
CA ALA A 51 -0.75 -6.35 -15.47
C ALA A 51 -1.31 -6.84 -14.11
N VAL A 52 -1.21 -8.17 -13.88
CA VAL A 52 -1.61 -8.80 -12.60
C VAL A 52 -0.76 -8.23 -11.47
N SER A 53 0.59 -8.21 -11.66
CA SER A 53 1.54 -7.74 -10.64
C SER A 53 1.33 -6.26 -10.28
N LEU A 54 0.95 -5.45 -11.28
CA LEU A 54 0.76 -4.00 -11.13
C LEU A 54 -0.57 -3.67 -10.42
N LEU A 55 -1.56 -4.56 -10.52
CA LEU A 55 -2.83 -4.43 -9.78
C LEU A 55 -2.75 -5.06 -8.39
N THR A 56 -2.07 -6.22 -8.26
CA THR A 56 -1.89 -6.92 -6.96
C THR A 56 -0.82 -6.22 -6.10
N ASP A 57 -0.21 -5.17 -6.68
CA ASP A 57 0.64 -4.19 -5.99
C ASP A 57 -0.07 -3.62 -4.74
N GLU A 58 -1.41 -3.47 -4.83
CA GLU A 58 -2.28 -2.90 -3.77
C GLU A 58 -2.13 -3.61 -2.39
N ARG A 59 -1.94 -4.95 -2.41
CA ARG A 59 -1.89 -5.78 -1.18
C ARG A 59 -0.54 -5.60 -0.45
N VAL A 60 0.48 -5.17 -1.20
CA VAL A 60 1.85 -4.94 -0.68
C VAL A 60 2.02 -3.44 -0.33
N LYS A 61 1.29 -2.57 -1.07
CA LYS A 61 1.52 -1.12 -1.09
C LYS A 61 1.06 -0.46 0.23
N GLU A 62 2.01 -0.33 1.17
CA GLU A 62 1.77 0.17 2.53
C GLU A 62 1.26 1.63 2.55
N PRO A 63 0.36 2.01 3.53
CA PRO A 63 -0.20 1.11 4.55
C PRO A 63 -1.38 0.26 4.00
N SER A 64 -1.12 -1.04 3.74
CA SER A 64 -2.16 -1.98 3.28
C SER A 64 -3.01 -2.49 4.46
N GLN A 65 -4.29 -2.78 4.20
CA GLN A 65 -5.15 -3.40 5.20
C GLN A 65 -4.84 -4.91 5.26
N ASP A 66 -4.26 -5.35 6.39
CA ASP A 66 -3.95 -6.77 6.61
C ASP A 66 -5.26 -7.60 6.64
N THR A 67 -5.37 -8.51 5.67
CA THR A 67 -6.52 -9.40 5.51
C THR A 67 -6.36 -10.68 6.36
N VAL A 68 -7.27 -11.66 6.15
CA VAL A 68 -7.20 -12.96 6.82
C VAL A 68 -5.92 -13.72 6.39
N ALA A 69 -5.15 -14.22 7.38
CA ALA A 69 -3.87 -14.93 7.15
C ALA A 69 -4.04 -16.46 7.22
N THR A 70 -5.29 -16.91 7.38
CA THR A 70 -5.64 -18.35 7.43
C THR A 70 -5.35 -19.04 6.07
N GLU A 71 -4.63 -20.17 6.12
CA GLU A 71 -4.35 -20.99 4.92
C GLU A 71 -5.65 -21.63 4.39
N PRO A 72 -5.80 -21.80 3.03
CA PRO A 72 -7.00 -22.43 2.43
C PRO A 72 -7.31 -23.83 3.03
N SER A 73 -8.47 -23.93 3.71
CA SER A 73 -8.93 -25.17 4.37
C SER A 73 -9.20 -26.26 3.30
N GLU A 74 -8.32 -27.29 3.26
CA GLU A 74 -8.39 -28.38 2.27
C GLU A 74 -7.70 -29.66 2.80
N VAL A 75 -7.84 -29.89 4.12
CA VAL A 75 -7.31 -31.08 4.79
C VAL A 75 -8.11 -32.34 4.37
N GLU A 76 -7.39 -33.31 3.79
CA GLU A 76 -7.97 -34.59 3.34
C GLU A 76 -8.17 -35.53 4.55
N GLY A 77 -9.36 -35.43 5.17
CA GLY A 77 -9.75 -36.35 6.27
C GLY A 77 -10.29 -37.67 5.73
N SER A 78 -10.87 -37.59 4.52
CA SER A 78 -11.44 -38.74 3.79
C SER A 78 -10.64 -38.94 2.49
N ALA A 79 -9.50 -39.64 2.62
CA ALA A 79 -8.61 -40.00 1.49
C ALA A 79 -8.94 -41.41 0.98
N ALA A 80 -9.00 -42.38 1.93
CA ALA A 80 -9.35 -43.79 1.67
C ALA A 80 -9.78 -44.48 2.98
N ASN A 81 -10.91 -45.20 2.94
CA ASN A 81 -11.38 -46.01 4.08
C ASN A 81 -10.78 -47.42 3.99
N LYS A 82 -9.65 -47.61 4.68
CA LYS A 82 -8.95 -48.90 4.75
C LYS A 82 -9.05 -49.43 6.20
N GLU A 83 -9.99 -50.36 6.42
CA GLU A 83 -10.18 -50.98 7.75
C GLU A 83 -9.00 -51.92 8.06
N VAL A 84 -8.45 -51.80 9.29
CA VAL A 84 -7.37 -52.68 9.75
C VAL A 84 -7.94 -54.06 10.07
N LEU A 85 -7.57 -55.05 9.24
CA LEU A 85 -7.95 -56.44 9.43
C LEU A 85 -7.04 -57.08 10.49
N ALA A 86 -7.48 -56.97 11.75
CA ALA A 86 -6.75 -57.49 12.92
C ALA A 86 -6.63 -59.03 12.85
N LYS A 87 -5.57 -59.59 13.48
CA LYS A 87 -5.22 -61.03 13.33
C LYS A 87 -4.79 -61.62 14.68
N VAL A 88 -4.78 -62.97 14.75
CA VAL A 88 -4.23 -63.70 15.92
C VAL A 88 -3.21 -64.74 15.38
N ILE A 89 -2.35 -64.27 14.44
CA ILE A 89 -1.27 -65.09 13.85
C ILE A 89 0.00 -65.05 14.75
N ASP A 90 -0.03 -64.16 15.75
CA ASP A 90 1.01 -64.00 16.79
C ASP A 90 0.97 -65.17 17.82
N LEU A 91 1.26 -66.38 17.32
CA LEU A 91 1.19 -67.62 18.11
C LEU A 91 2.62 -68.19 18.16
N THR A 92 3.45 -67.59 19.04
CA THR A 92 4.82 -68.05 19.29
C THR A 92 4.77 -69.32 20.14
N HIS A 93 4.81 -70.49 19.46
CA HIS A 93 4.75 -71.81 20.11
C HIS A 93 5.87 -71.95 21.16
N ASP A 94 5.48 -72.38 22.37
CA ASP A 94 6.40 -72.49 23.51
C ASP A 94 7.48 -73.55 23.23
N ASN A 95 8.68 -73.08 22.89
CA ASN A 95 9.89 -73.91 22.80
C ASN A 95 10.41 -74.16 24.24
N LYS A 96 11.55 -74.84 24.39
CA LYS A 96 12.16 -75.06 25.72
C LYS A 96 12.50 -73.71 26.38
N ASP A 97 12.38 -73.66 27.72
CA ASP A 97 12.64 -72.45 28.55
C ASP A 97 14.02 -71.80 28.28
N ASP A 98 14.92 -72.61 27.69
CA ASP A 98 16.29 -72.24 27.27
C ASP A 98 16.41 -70.81 26.71
N LEU A 99 15.75 -70.54 25.54
CA LEU A 99 15.92 -69.25 24.84
C LEU A 99 15.13 -68.12 25.53
N GLN A 100 13.95 -68.43 26.13
CA GLN A 100 13.17 -67.43 26.91
C GLN A 100 14.03 -66.90 28.08
N ALA A 101 14.76 -67.83 28.72
CA ALA A 101 15.64 -67.52 29.85
C ALA A 101 16.81 -66.66 29.38
N ALA A 102 17.43 -67.06 28.25
CA ALA A 102 18.61 -66.39 27.66
C ALA A 102 18.33 -64.93 27.26
N ILE A 103 17.16 -64.71 26.59
CA ILE A 103 16.76 -63.39 26.06
C ILE A 103 16.37 -62.44 27.20
N ALA A 104 15.56 -62.94 28.16
CA ALA A 104 15.08 -62.15 29.32
C ALA A 104 16.24 -61.85 30.29
N LEU A 105 17.25 -62.74 30.32
CA LEU A 105 18.47 -62.56 31.12
C LEU A 105 19.31 -61.44 30.50
N SER A 106 19.48 -61.49 29.16
CA SER A 106 20.19 -60.46 28.39
C SER A 106 19.52 -59.08 28.59
N LEU A 107 18.18 -59.10 28.70
CA LEU A 107 17.34 -57.90 28.91
C LEU A 107 17.65 -57.28 30.28
N LEU A 108 17.65 -58.12 31.35
CA LEU A 108 17.82 -57.65 32.74
C LEU A 108 19.28 -57.19 33.00
N GLU A 109 20.25 -57.88 32.36
CA GLU A 109 21.69 -57.61 32.54
C GLU A 109 22.12 -56.32 31.82
N SER A 110 21.58 -56.08 30.62
CA SER A 110 21.86 -54.87 29.83
C SER A 110 21.30 -53.62 30.57
N PRO A 111 22.02 -52.44 30.56
CA PRO A 111 21.49 -51.20 31.16
C PRO A 111 20.11 -50.80 30.57
N LYS A 112 19.18 -50.40 31.45
CA LYS A 112 17.81 -49.96 31.07
C LYS A 112 17.88 -48.64 30.28
N ILE A 113 18.98 -47.90 30.49
CA ILE A 113 19.33 -46.74 29.66
C ILE A 113 19.75 -47.24 28.25
N GLN A 114 18.88 -46.99 27.26
CA GLN A 114 19.15 -47.31 25.85
C GLN A 114 19.51 -46.02 25.06
N ALA A 115 19.65 -44.89 25.78
CA ALA A 115 19.94 -43.57 25.20
C ALA A 115 20.73 -42.73 26.23
N ASP A 116 22.09 -42.75 26.12
CA ASP A 116 23.04 -41.90 26.89
C ASP A 116 22.88 -42.03 28.43
N GLY A 117 21.86 -41.33 28.96
CA GLY A 117 21.55 -41.31 30.39
C GLY A 117 20.27 -40.54 30.63
N ARG A 118 19.28 -40.73 29.71
CA ARG A 118 18.01 -39.98 29.72
C ARG A 118 17.14 -40.35 30.93
N ASP A 119 17.01 -41.68 31.17
CA ASP A 119 16.26 -42.27 32.30
C ASP A 119 14.71 -42.19 32.10
N LEU A 120 14.26 -41.37 31.13
CA LEU A 120 12.83 -41.16 30.85
C LEU A 120 12.42 -42.11 29.71
N ASN A 121 11.88 -43.29 30.10
CA ASN A 121 11.40 -44.31 29.16
C ASN A 121 10.48 -45.30 29.89
N ARG A 122 9.44 -45.81 29.18
CA ARG A 122 8.48 -46.83 29.69
C ARG A 122 7.68 -46.30 30.91
N MET A 123 7.49 -44.98 30.96
CA MET A 123 6.85 -44.28 32.10
C MET A 123 5.32 -44.57 32.14
N HIS A 124 4.97 -45.65 32.83
CA HIS A 124 3.57 -46.05 33.10
C HIS A 124 3.45 -46.45 34.57
N GLU A 125 2.44 -45.92 35.27
CA GLU A 125 2.25 -46.14 36.72
C GLU A 125 0.74 -46.13 37.02
N ALA A 126 0.08 -45.03 36.65
CA ALA A 126 -1.38 -44.84 36.84
C ALA A 126 -1.94 -44.05 35.64
N THR A 127 -2.51 -44.79 34.66
CA THR A 127 -3.18 -44.18 33.50
C THR A 127 -4.54 -43.57 33.94
N SER A 128 -4.48 -42.32 34.43
CA SER A 128 -5.64 -41.59 34.94
C SER A 128 -6.23 -40.70 33.82
N ALA A 129 -5.37 -39.85 33.27
CA ALA A 129 -5.74 -38.86 32.24
C ALA A 129 -4.63 -38.84 31.17
N GLN A 19 -12.02 -9.51 -25.67
CA GLN A 19 -12.56 -9.40 -24.29
C GLN A 19 -11.81 -10.37 -23.35
N MET A 20 -11.15 -11.41 -23.94
CA MET A 20 -10.50 -12.51 -23.21
C MET A 20 -9.50 -12.00 -22.16
N LEU A 21 -8.57 -11.11 -22.57
CA LEU A 21 -7.55 -10.49 -21.68
C LEU A 21 -8.18 -9.72 -20.49
N LEU A 22 -9.35 -9.08 -20.71
CA LEU A 22 -10.06 -8.33 -19.64
C LEU A 22 -10.61 -9.32 -18.60
N ASN A 23 -11.25 -10.38 -19.10
CA ASN A 23 -11.91 -11.40 -18.25
C ASN A 23 -10.87 -12.22 -17.49
N GLN A 24 -9.76 -12.53 -18.18
CA GLN A 24 -8.62 -13.28 -17.62
C GLN A 24 -8.00 -12.51 -16.44
N LEU A 25 -7.63 -11.22 -16.69
CA LEU A 25 -7.04 -10.36 -15.66
C LEU A 25 -7.99 -10.24 -14.45
N ARG A 26 -9.26 -9.96 -14.75
CA ARG A 26 -10.35 -9.81 -13.76
C ARG A 26 -10.43 -11.03 -12.83
N GLU A 27 -10.29 -12.22 -13.44
CA GLU A 27 -10.33 -13.51 -12.75
C GLU A 27 -9.15 -13.67 -11.77
N ILE A 28 -7.94 -13.33 -12.25
CA ILE A 28 -6.67 -13.58 -11.51
C ILE A 28 -6.18 -12.36 -10.70
N THR A 29 -6.95 -11.25 -10.71
CA THR A 29 -6.71 -10.09 -9.80
C THR A 29 -7.82 -10.01 -8.75
N GLY A 30 -9.07 -10.24 -9.22
CA GLY A 30 -10.28 -10.13 -8.40
C GLY A 30 -10.94 -8.76 -8.55
N ILE A 31 -10.41 -7.96 -9.49
CA ILE A 31 -10.88 -6.60 -9.77
C ILE A 31 -11.88 -6.64 -10.95
N GLN A 32 -13.16 -6.38 -10.62
CA GLN A 32 -14.27 -6.33 -11.61
C GLN A 32 -14.25 -5.01 -12.40
N ASP A 33 -13.54 -4.01 -11.82
CA ASP A 33 -13.44 -2.65 -12.36
C ASP A 33 -12.70 -2.65 -13.72
N PRO A 34 -13.43 -2.42 -14.88
CA PRO A 34 -12.87 -2.59 -16.23
C PRO A 34 -11.79 -1.54 -16.57
N SER A 35 -11.87 -0.36 -15.92
CA SER A 35 -10.90 0.72 -16.10
C SER A 35 -9.51 0.26 -15.65
N PHE A 36 -9.46 -0.36 -14.44
CA PHE A 36 -8.22 -0.94 -13.86
C PHE A 36 -7.62 -2.00 -14.79
N LEU A 37 -8.49 -2.77 -15.46
CA LEU A 37 -8.08 -3.90 -16.29
C LEU A 37 -7.37 -3.42 -17.58
N HIS A 38 -8.01 -2.50 -18.32
CA HIS A 38 -7.42 -1.84 -19.51
C HIS A 38 -6.12 -1.08 -19.16
N GLU A 39 -6.15 -0.35 -18.02
CA GLU A 39 -5.00 0.45 -17.57
C GLU A 39 -3.80 -0.43 -17.18
N ALA A 40 -4.07 -1.61 -16.61
CA ALA A 40 -3.02 -2.56 -16.21
C ALA A 40 -2.38 -3.19 -17.45
N LEU A 41 -3.24 -3.59 -18.41
CA LEU A 41 -2.83 -4.16 -19.71
C LEU A 41 -2.00 -3.13 -20.50
N LYS A 42 -2.37 -1.85 -20.36
CA LYS A 42 -1.65 -0.71 -20.95
C LYS A 42 -0.28 -0.53 -20.26
N ALA A 43 -0.28 -0.60 -18.92
CA ALA A 43 0.92 -0.38 -18.08
C ALA A 43 1.95 -1.52 -18.22
N SER A 44 1.49 -2.66 -18.74
CA SER A 44 2.33 -3.84 -18.99
C SER A 44 2.66 -4.00 -20.48
N ASN A 45 2.14 -3.04 -21.31
CA ASN A 45 2.31 -3.01 -22.79
C ASN A 45 1.63 -4.21 -23.49
N GLY A 46 0.74 -4.91 -22.75
CA GLY A 46 -0.02 -6.06 -23.29
C GLY A 46 0.29 -7.35 -22.53
N ASP A 47 1.33 -7.36 -21.67
CA ASP A 47 1.72 -8.56 -20.91
C ASP A 47 0.78 -8.72 -19.70
N ILE A 48 -0.22 -9.59 -19.84
CA ILE A 48 -1.31 -9.75 -18.85
C ILE A 48 -0.77 -10.19 -17.46
N THR A 49 0.36 -10.92 -17.43
CA THR A 49 1.00 -11.36 -16.17
C THR A 49 1.51 -10.13 -15.36
N GLN A 50 2.23 -9.23 -16.08
CA GLN A 50 2.73 -7.97 -15.49
C GLN A 50 1.57 -7.08 -15.06
N ALA A 51 0.47 -7.12 -15.83
CA ALA A 51 -0.77 -6.37 -15.52
C ALA A 51 -1.33 -6.76 -14.14
N VAL A 52 -1.34 -8.09 -13.87
CA VAL A 52 -1.74 -8.63 -12.54
C VAL A 52 -0.83 -8.06 -11.47
N SER A 53 0.49 -8.20 -11.72
CA SER A 53 1.54 -7.81 -10.78
C SER A 53 1.44 -6.32 -10.41
N LEU A 54 1.11 -5.48 -11.42
CA LEU A 54 1.05 -4.01 -11.25
C LEU A 54 -0.21 -3.57 -10.47
N LEU A 55 -1.30 -4.35 -10.59
CA LEU A 55 -2.53 -4.12 -9.79
C LEU A 55 -2.38 -4.61 -8.34
N THR A 56 -1.69 -5.74 -8.15
CA THR A 56 -1.59 -6.43 -6.86
C THR A 56 -0.44 -5.87 -5.98
N ASP A 57 0.63 -5.34 -6.62
CA ASP A 57 1.79 -4.76 -5.88
C ASP A 57 1.40 -3.47 -5.14
N GLU A 58 0.32 -2.81 -5.58
CA GLU A 58 -0.23 -1.63 -4.92
C GLU A 58 -0.64 -1.93 -3.47
N ARG A 59 -1.19 -3.13 -3.23
CA ARG A 59 -1.69 -3.54 -1.90
C ARG A 59 -0.68 -4.41 -1.11
N VAL A 60 0.42 -4.86 -1.76
CA VAL A 60 1.42 -5.74 -1.12
C VAL A 60 2.85 -5.14 -1.21
N LYS A 61 2.94 -3.82 -1.51
CA LYS A 61 4.23 -3.10 -1.56
C LYS A 61 4.88 -3.04 -0.16
N GLU A 62 5.84 -3.95 0.08
CA GLU A 62 6.67 -3.97 1.30
C GLU A 62 8.13 -4.22 0.86
N PRO A 63 9.08 -3.23 1.05
CA PRO A 63 8.86 -1.95 1.78
C PRO A 63 7.98 -0.92 1.00
N SER A 64 7.07 -0.27 1.75
CA SER A 64 6.05 0.65 1.20
C SER A 64 6.62 2.08 1.01
N GLN A 65 7.88 2.29 1.42
CA GLN A 65 8.59 3.58 1.26
C GLN A 65 8.76 3.89 -0.25
N ASP A 66 8.64 5.18 -0.59
CA ASP A 66 8.68 5.65 -1.99
C ASP A 66 10.10 5.50 -2.57
N THR A 67 10.27 4.52 -3.48
CA THR A 67 11.53 4.30 -4.22
C THR A 67 11.72 5.37 -5.31
N VAL A 68 12.89 5.37 -5.97
CA VAL A 68 13.19 6.25 -7.11
C VAL A 68 12.59 5.67 -8.42
N ALA A 69 11.25 5.53 -8.44
CA ALA A 69 10.50 4.98 -9.58
C ALA A 69 10.32 6.06 -10.67
N THR A 70 11.44 6.42 -11.31
CA THR A 70 11.51 7.43 -12.37
C THR A 70 12.61 7.01 -13.36
N GLU A 71 12.21 6.64 -14.59
CA GLU A 71 13.12 6.14 -15.63
C GLU A 71 13.37 7.23 -16.69
N PRO A 72 14.56 7.21 -17.38
CA PRO A 72 14.86 8.12 -18.51
C PRO A 72 13.82 7.97 -19.65
N SER A 73 13.18 9.08 -20.00
CA SER A 73 12.19 9.14 -21.09
C SER A 73 12.83 9.75 -22.35
N GLU A 74 13.03 8.92 -23.39
CA GLU A 74 13.59 9.35 -24.69
C GLU A 74 12.52 10.01 -25.58
N VAL A 75 11.23 9.80 -25.24
CA VAL A 75 10.09 10.34 -25.98
C VAL A 75 10.04 11.89 -25.87
N GLU A 76 10.34 12.56 -26.99
CA GLU A 76 10.30 14.03 -27.08
C GLU A 76 8.83 14.49 -27.13
N GLY A 77 8.38 15.13 -26.04
CA GLY A 77 7.01 15.67 -25.94
C GLY A 77 6.71 16.74 -26.98
N SER A 78 7.79 17.43 -27.44
CA SER A 78 7.76 18.44 -28.53
C SER A 78 6.63 19.49 -28.32
N ALA A 79 6.51 19.92 -27.04
CA ALA A 79 5.42 20.77 -26.55
C ALA A 79 5.83 22.24 -26.67
N ALA A 80 5.87 22.71 -27.91
CA ALA A 80 6.23 24.10 -28.25
C ALA A 80 5.05 24.79 -28.95
N ASN A 81 4.48 25.84 -28.29
CA ASN A 81 3.35 26.62 -28.84
C ASN A 81 3.66 28.12 -28.74
N LYS A 82 4.02 28.72 -29.88
CA LYS A 82 4.28 30.17 -29.99
C LYS A 82 3.13 30.85 -30.73
N GLU A 83 2.28 31.56 -29.97
CA GLU A 83 1.14 32.32 -30.52
C GLU A 83 0.94 33.60 -29.68
N VAL A 84 0.96 34.77 -30.34
CA VAL A 84 0.54 36.04 -29.71
C VAL A 84 -1.00 36.15 -29.75
N LEU A 85 -1.60 36.65 -28.66
CA LEU A 85 -3.07 36.84 -28.57
C LEU A 85 -3.41 38.31 -28.93
N ALA A 86 -2.79 38.76 -30.04
CA ALA A 86 -2.91 40.13 -30.54
C ALA A 86 -3.21 40.11 -32.05
N LYS A 87 -3.95 41.13 -32.50
CA LYS A 87 -4.36 41.26 -33.90
C LYS A 87 -3.16 41.74 -34.75
N VAL A 88 -2.95 41.10 -35.90
CA VAL A 88 -1.76 41.34 -36.75
C VAL A 88 -2.13 42.20 -37.98
N ILE A 89 -2.79 43.35 -37.70
CA ILE A 89 -3.16 44.36 -38.73
C ILE A 89 -1.88 44.98 -39.38
N ASP A 90 -0.80 45.07 -38.58
CA ASP A 90 0.52 45.53 -39.01
C ASP A 90 1.01 44.71 -40.22
N LEU A 91 0.90 45.32 -41.40
CA LEU A 91 1.11 44.69 -42.71
C LEU A 91 1.01 45.77 -43.80
N THR A 92 0.15 46.79 -43.53
CA THR A 92 -0.12 47.91 -44.46
C THR A 92 1.19 48.67 -44.84
N HIS A 93 1.80 48.25 -45.97
CA HIS A 93 3.06 48.83 -46.48
C HIS A 93 2.79 50.25 -47.02
N ASP A 94 1.64 50.37 -47.71
CA ASP A 94 1.15 51.67 -48.22
C ASP A 94 0.42 52.44 -47.09
N ASN A 95 0.34 53.77 -47.24
CA ASN A 95 -0.32 54.65 -46.26
C ASN A 95 -1.85 54.70 -46.51
N LYS A 96 -2.58 55.34 -45.59
CA LYS A 96 -4.04 55.51 -45.69
C LYS A 96 -4.35 56.96 -46.14
N ASP A 97 -5.50 57.16 -46.79
CA ASP A 97 -6.02 58.50 -47.10
C ASP A 97 -6.79 59.01 -45.86
N ASP A 98 -6.01 59.21 -44.79
CA ASP A 98 -6.52 59.49 -43.44
C ASP A 98 -6.37 60.98 -43.13
N LEU A 99 -5.11 61.40 -42.85
CA LEU A 99 -4.78 62.80 -42.53
C LEU A 99 -4.93 63.71 -43.75
N GLN A 100 -4.90 63.15 -44.98
CA GLN A 100 -5.21 63.90 -46.22
C GLN A 100 -6.64 64.46 -46.13
N ALA A 101 -7.60 63.53 -45.88
CA ALA A 101 -9.04 63.85 -45.79
C ALA A 101 -9.36 64.65 -44.51
N ALA A 102 -8.55 64.43 -43.45
CA ALA A 102 -8.71 65.11 -42.15
C ALA A 102 -8.36 66.60 -42.26
N ILE A 103 -7.18 66.90 -42.83
CA ILE A 103 -6.69 68.29 -43.01
C ILE A 103 -7.57 69.02 -44.05
N ALA A 104 -7.93 68.30 -45.12
CA ALA A 104 -8.79 68.84 -46.19
C ALA A 104 -10.15 69.31 -45.64
N LEU A 105 -10.81 68.44 -44.85
CA LEU A 105 -12.12 68.71 -44.24
C LEU A 105 -12.03 69.81 -43.17
N SER A 106 -10.96 69.77 -42.34
CA SER A 106 -10.78 70.71 -41.20
C SER A 106 -10.57 72.15 -41.72
N LEU A 107 -9.78 72.27 -42.78
CA LEU A 107 -9.49 73.57 -43.42
C LEU A 107 -10.62 73.98 -44.39
N LEU A 108 -11.51 73.02 -44.76
CA LEU A 108 -12.74 73.34 -45.51
C LEU A 108 -13.74 74.04 -44.57
N GLU A 109 -13.92 73.48 -43.36
CA GLU A 109 -14.91 73.95 -42.37
C GLU A 109 -14.38 75.11 -41.51
N SER A 110 -13.09 75.50 -41.71
CA SER A 110 -12.48 76.67 -41.04
C SER A 110 -13.32 77.95 -41.30
N PRO A 111 -13.36 78.93 -40.33
CA PRO A 111 -14.23 80.15 -40.40
C PRO A 111 -14.04 80.93 -41.71
N LYS A 112 -14.84 80.56 -42.72
CA LYS A 112 -14.73 81.12 -44.08
C LYS A 112 -15.29 82.55 -44.10
N ILE A 113 -14.44 83.51 -44.48
CA ILE A 113 -14.81 84.93 -44.50
C ILE A 113 -15.17 85.36 -45.95
N GLN A 114 -16.04 86.37 -46.10
CA GLN A 114 -16.38 86.93 -47.43
C GLN A 114 -15.90 88.39 -47.53
N ALA A 115 -16.04 89.12 -46.41
CA ALA A 115 -15.59 90.51 -46.29
C ALA A 115 -15.76 90.98 -44.84
N ASP A 116 -14.66 91.54 -44.26
CA ASP A 116 -14.65 92.13 -42.90
C ASP A 116 -14.82 91.03 -41.81
N GLY A 117 -13.70 90.61 -41.21
CA GLY A 117 -13.72 89.61 -40.13
C GLY A 117 -12.35 89.01 -39.93
N ARG A 118 -12.23 87.67 -40.08
CA ARG A 118 -10.92 86.97 -39.98
C ARG A 118 -10.04 87.25 -41.23
N ASP A 119 -10.66 87.93 -42.22
CA ASP A 119 -9.97 88.55 -43.37
C ASP A 119 -8.89 89.53 -42.90
N LEU A 120 -9.10 90.13 -41.71
CA LEU A 120 -8.13 91.03 -41.09
C LEU A 120 -6.99 90.18 -40.48
N ASN A 121 -6.07 89.77 -41.35
CA ASN A 121 -4.76 89.21 -40.97
C ASN A 121 -3.71 90.33 -41.11
N ARG A 122 -4.13 91.42 -41.77
CA ARG A 122 -3.31 92.61 -42.04
C ARG A 122 -4.20 93.86 -41.82
N MET A 123 -3.56 95.01 -41.57
CA MET A 123 -4.26 96.29 -41.43
C MET A 123 -3.77 97.26 -42.51
N HIS A 124 -4.45 97.23 -43.68
CA HIS A 124 -4.18 98.15 -44.78
C HIS A 124 -5.05 99.40 -44.62
N GLU A 125 -4.42 100.58 -44.74
CA GLU A 125 -5.09 101.88 -44.56
C GLU A 125 -4.27 102.98 -45.27
N ALA A 126 -4.99 103.90 -45.93
CA ALA A 126 -4.40 105.02 -46.67
C ALA A 126 -4.55 106.32 -45.85
N THR A 127 -3.42 106.87 -45.40
CA THR A 127 -3.40 108.14 -44.65
C THR A 127 -3.12 109.31 -45.63
N SER A 128 -4.15 110.14 -45.86
CA SER A 128 -4.06 111.36 -46.69
C SER A 128 -4.31 112.60 -45.81
N ALA A 129 -3.55 113.67 -46.06
CA ALA A 129 -3.64 114.92 -45.31
C ALA A 129 -3.57 116.13 -46.27
N GLN A 19 -13.04 -9.52 -24.95
CA GLN A 19 -12.40 -8.98 -23.72
C GLN A 19 -11.67 -10.10 -22.97
N MET A 20 -10.98 -10.98 -23.72
CA MET A 20 -10.25 -12.15 -23.15
C MET A 20 -9.24 -11.73 -22.07
N LEU A 21 -8.38 -10.74 -22.39
CA LEU A 21 -7.36 -10.17 -21.49
C LEU A 21 -7.97 -9.49 -20.26
N LEU A 22 -9.15 -8.83 -20.47
CA LEU A 22 -9.92 -8.18 -19.38
C LEU A 22 -10.42 -9.24 -18.39
N ASN A 23 -10.96 -10.35 -18.94
CA ASN A 23 -11.64 -11.39 -18.14
C ASN A 23 -10.62 -12.25 -17.38
N GLN A 24 -9.46 -12.51 -18.03
CA GLN A 24 -8.32 -13.22 -17.42
C GLN A 24 -7.84 -12.46 -16.20
N LEU A 25 -7.55 -11.15 -16.41
CA LEU A 25 -7.07 -10.28 -15.35
C LEU A 25 -8.09 -10.15 -14.22
N ARG A 26 -9.36 -9.95 -14.59
CA ARG A 26 -10.49 -9.78 -13.64
C ARG A 26 -10.64 -10.99 -12.71
N GLU A 27 -10.43 -12.18 -13.30
CA GLU A 27 -10.52 -13.45 -12.56
C GLU A 27 -9.38 -13.56 -11.52
N ILE A 28 -8.15 -13.31 -11.98
CA ILE A 28 -6.92 -13.55 -11.17
C ILE A 28 -6.61 -12.40 -10.18
N THR A 29 -7.16 -11.19 -10.42
CA THR A 29 -6.97 -10.01 -9.51
C THR A 29 -8.20 -9.84 -8.59
N GLY A 30 -9.38 -10.00 -9.18
CA GLY A 30 -10.65 -9.83 -8.47
C GLY A 30 -11.28 -8.47 -8.72
N ILE A 31 -10.59 -7.64 -9.55
CA ILE A 31 -11.05 -6.30 -9.92
C ILE A 31 -12.08 -6.41 -11.04
N GLN A 32 -13.34 -6.08 -10.71
CA GLN A 32 -14.47 -6.15 -11.64
C GLN A 32 -14.43 -4.99 -12.65
N ASP A 33 -13.94 -3.81 -12.16
CA ASP A 33 -13.78 -2.58 -12.98
C ASP A 33 -12.90 -2.84 -14.22
N PRO A 34 -13.50 -2.91 -15.48
CA PRO A 34 -12.75 -3.24 -16.70
C PRO A 34 -11.75 -2.13 -17.10
N SER A 35 -12.00 -0.90 -16.60
CA SER A 35 -11.13 0.26 -16.82
C SER A 35 -9.76 0.06 -16.14
N PHE A 36 -9.80 -0.42 -14.86
CA PHE A 36 -8.58 -0.66 -14.05
C PHE A 36 -7.74 -1.80 -14.67
N LEU A 37 -8.43 -2.73 -15.33
CA LEU A 37 -7.84 -3.86 -16.03
C LEU A 37 -7.14 -3.38 -17.32
N HIS A 38 -7.82 -2.48 -18.06
CA HIS A 38 -7.24 -1.81 -19.26
C HIS A 38 -5.98 -1.02 -18.89
N GLU A 39 -6.04 -0.28 -17.77
CA GLU A 39 -4.93 0.56 -17.29
C GLU A 39 -3.70 -0.28 -16.94
N ALA A 40 -3.93 -1.47 -16.35
CA ALA A 40 -2.86 -2.44 -16.06
C ALA A 40 -2.25 -3.01 -17.34
N LEU A 41 -3.14 -3.40 -18.29
CA LEU A 41 -2.75 -3.99 -19.60
C LEU A 41 -2.02 -2.95 -20.48
N LYS A 42 -2.38 -1.67 -20.30
CA LYS A 42 -1.79 -0.53 -21.02
C LYS A 42 -0.38 -0.23 -20.47
N ALA A 43 -0.26 -0.29 -19.13
CA ALA A 43 1.03 -0.10 -18.41
C ALA A 43 2.01 -1.22 -18.77
N SER A 44 1.45 -2.42 -18.96
CA SER A 44 2.22 -3.64 -19.32
C SER A 44 2.32 -3.81 -20.85
N ASN A 45 1.64 -2.90 -21.60
CA ASN A 45 1.67 -2.82 -23.09
C ASN A 45 1.10 -4.10 -23.76
N GLY A 46 0.29 -4.86 -22.99
CA GLY A 46 -0.42 -6.04 -23.49
C GLY A 46 -0.07 -7.32 -22.76
N ASP A 47 0.90 -7.25 -21.82
CA ASP A 47 1.35 -8.44 -21.07
C ASP A 47 0.48 -8.65 -19.81
N ILE A 48 -0.24 -9.78 -19.80
CA ILE A 48 -1.16 -10.16 -18.71
C ILE A 48 -0.40 -10.43 -17.37
N THR A 49 0.85 -10.95 -17.48
CA THR A 49 1.70 -11.30 -16.33
C THR A 49 2.13 -10.04 -15.52
N GLN A 50 2.60 -9.01 -16.22
CA GLN A 50 2.97 -7.73 -15.58
C GLN A 50 1.73 -7.02 -15.07
N ALA A 51 0.62 -7.10 -15.83
CA ALA A 51 -0.66 -6.47 -15.48
C ALA A 51 -1.15 -6.92 -14.08
N VAL A 52 -1.19 -8.25 -13.87
CA VAL A 52 -1.59 -8.84 -12.57
C VAL A 52 -0.56 -8.53 -11.49
N SER A 53 0.75 -8.58 -11.84
CA SER A 53 1.86 -8.29 -10.91
C SER A 53 1.80 -6.84 -10.37
N LEU A 54 1.29 -5.91 -11.21
CA LEU A 54 1.17 -4.48 -10.89
C LEU A 54 -0.09 -4.18 -10.06
N LEU A 55 -1.19 -4.89 -10.36
CA LEU A 55 -2.46 -4.75 -9.59
C LEU A 55 -2.35 -5.39 -8.19
N THR A 56 -1.52 -6.42 -8.07
CA THR A 56 -1.21 -7.06 -6.78
C THR A 56 -0.20 -6.20 -6.00
N ASP A 57 0.69 -5.47 -6.73
CA ASP A 57 1.72 -4.57 -6.15
C ASP A 57 1.07 -3.49 -5.25
N GLU A 58 -0.16 -3.10 -5.60
CA GLU A 58 -1.01 -2.15 -4.84
C GLU A 58 -1.18 -2.58 -3.36
N ARG A 59 -1.49 -3.88 -3.16
CA ARG A 59 -1.72 -4.46 -1.82
C ARG A 59 -0.43 -5.02 -1.19
N VAL A 60 0.61 -5.25 -2.04
CA VAL A 60 1.97 -5.60 -1.57
C VAL A 60 2.58 -4.38 -0.84
N LYS A 61 2.20 -3.16 -1.30
CA LYS A 61 2.59 -1.89 -0.66
C LYS A 61 2.02 -1.81 0.77
N GLU A 62 2.88 -2.14 1.74
CA GLU A 62 2.57 -2.01 3.18
C GLU A 62 2.64 -0.51 3.61
N PRO A 63 1.85 -0.04 4.64
CA PRO A 63 0.94 -0.88 5.46
C PRO A 63 -0.39 -1.21 4.73
N SER A 64 -0.79 -2.50 4.79
CA SER A 64 -2.08 -2.98 4.29
C SER A 64 -3.08 -2.95 5.47
N GLN A 65 -4.26 -2.36 5.25
CA GLN A 65 -5.33 -2.29 6.27
C GLN A 65 -5.96 -3.67 6.53
N ASP A 66 -6.76 -3.77 7.60
CA ASP A 66 -7.45 -5.02 7.96
C ASP A 66 -8.70 -5.17 7.07
N THR A 67 -8.62 -6.13 6.12
CA THR A 67 -9.73 -6.45 5.22
C THR A 67 -10.90 -7.11 6.01
N VAL A 68 -11.99 -6.34 6.20
CA VAL A 68 -13.20 -6.81 6.90
C VAL A 68 -13.91 -7.95 6.14
N ALA A 69 -14.62 -8.80 6.90
CA ALA A 69 -15.46 -9.89 6.35
C ALA A 69 -16.95 -9.51 6.51
N THR A 70 -17.59 -9.07 5.40
CA THR A 70 -18.99 -8.60 5.42
C THR A 70 -19.97 -9.75 5.07
N GLU A 71 -21.15 -9.72 5.70
CA GLU A 71 -22.21 -10.74 5.52
C GLU A 71 -23.46 -10.10 4.89
N PRO A 72 -24.10 -10.74 3.86
CA PRO A 72 -25.29 -10.20 3.17
C PRO A 72 -26.59 -10.33 4.00
N SER A 73 -27.68 -9.75 3.48
CA SER A 73 -28.99 -9.68 4.16
C SER A 73 -29.61 -11.09 4.36
N GLU A 74 -29.68 -11.52 5.64
CA GLU A 74 -30.14 -12.85 6.04
C GLU A 74 -31.68 -12.91 6.10
N VAL A 75 -32.30 -11.83 6.59
CA VAL A 75 -33.76 -11.74 6.77
C VAL A 75 -34.44 -11.52 5.40
N GLU A 76 -34.88 -12.63 4.77
CA GLU A 76 -35.59 -12.61 3.48
C GLU A 76 -37.08 -12.24 3.67
N GLY A 77 -37.83 -12.21 2.56
CA GLY A 77 -39.26 -11.88 2.58
C GLY A 77 -40.01 -12.69 1.55
N SER A 78 -39.82 -14.01 1.60
CA SER A 78 -40.46 -14.98 0.69
C SER A 78 -41.64 -15.66 1.40
N ALA A 79 -42.84 -15.55 0.81
CA ALA A 79 -44.07 -16.17 1.34
C ALA A 79 -44.99 -16.54 0.15
N ALA A 80 -44.66 -17.66 -0.52
CA ALA A 80 -45.40 -18.17 -1.68
C ALA A 80 -46.09 -19.49 -1.33
N ASN A 81 -47.40 -19.40 -1.01
CA ASN A 81 -48.26 -20.57 -0.76
C ASN A 81 -49.73 -20.14 -0.90
N LYS A 82 -50.32 -20.44 -2.05
CA LYS A 82 -51.72 -20.08 -2.37
C LYS A 82 -52.42 -21.28 -3.02
N GLU A 83 -53.31 -21.92 -2.25
CA GLU A 83 -54.09 -23.09 -2.71
C GLU A 83 -55.53 -22.98 -2.18
N VAL A 84 -56.50 -23.00 -3.11
CA VAL A 84 -57.93 -23.03 -2.78
C VAL A 84 -58.48 -24.45 -3.05
N LEU A 85 -58.96 -25.09 -1.98
CA LEU A 85 -59.55 -26.44 -2.04
C LEU A 85 -61.07 -26.33 -1.83
N ALA A 86 -61.70 -25.61 -2.77
CA ALA A 86 -63.16 -25.40 -2.82
C ALA A 86 -63.68 -25.83 -4.18
N LYS A 87 -64.93 -26.33 -4.22
CA LYS A 87 -65.53 -26.89 -5.44
C LYS A 87 -67.06 -26.92 -5.32
N VAL A 88 -67.74 -27.00 -6.48
CA VAL A 88 -69.19 -27.27 -6.57
C VAL A 88 -69.38 -28.56 -7.41
N ILE A 89 -68.43 -29.51 -7.23
CA ILE A 89 -68.40 -30.81 -7.93
C ILE A 89 -69.33 -31.78 -7.19
N ASP A 90 -70.64 -31.50 -7.30
CA ASP A 90 -71.71 -32.29 -6.72
C ASP A 90 -73.03 -31.91 -7.41
N LEU A 91 -73.49 -32.80 -8.31
CA LEU A 91 -74.74 -32.62 -9.06
C LEU A 91 -75.59 -33.90 -8.86
N THR A 92 -75.72 -34.29 -7.57
CA THR A 92 -76.57 -35.44 -7.17
C THR A 92 -78.05 -35.07 -7.30
N HIS A 93 -78.78 -35.89 -8.07
CA HIS A 93 -80.24 -35.77 -8.27
C HIS A 93 -80.78 -37.07 -8.88
N ASP A 94 -81.99 -37.45 -8.47
CA ASP A 94 -82.65 -38.68 -8.95
C ASP A 94 -84.15 -38.40 -9.15
N ASN A 95 -84.75 -39.10 -10.13
CA ASN A 95 -86.19 -38.94 -10.46
C ASN A 95 -86.92 -40.24 -10.07
N LYS A 96 -87.99 -40.11 -9.27
CA LYS A 96 -88.83 -41.24 -8.81
C LYS A 96 -89.55 -41.90 -10.01
N ASP A 97 -89.96 -43.17 -9.88
CA ASP A 97 -90.62 -43.92 -10.97
C ASP A 97 -92.14 -43.62 -11.04
N ASP A 98 -92.68 -43.04 -9.95
CA ASP A 98 -94.14 -42.87 -9.79
C ASP A 98 -94.71 -41.77 -10.68
N LEU A 99 -94.10 -40.56 -10.68
CA LEU A 99 -94.55 -39.44 -11.58
C LEU A 99 -94.37 -39.82 -13.05
N GLN A 100 -93.31 -40.60 -13.34
CA GLN A 100 -93.03 -41.12 -14.69
C GLN A 100 -94.17 -42.01 -15.15
N ALA A 101 -94.53 -42.98 -14.27
CA ALA A 101 -95.56 -43.99 -14.54
C ALA A 101 -96.97 -43.36 -14.60
N ALA A 102 -97.18 -42.29 -13.80
CA ALA A 102 -98.48 -41.60 -13.71
C ALA A 102 -98.79 -40.80 -14.98
N ILE A 103 -97.76 -40.03 -15.45
CA ILE A 103 -97.85 -39.25 -16.70
C ILE A 103 -97.93 -40.20 -17.91
N ALA A 104 -97.15 -41.29 -17.83
CA ALA A 104 -97.08 -42.33 -18.87
C ALA A 104 -98.44 -43.05 -19.05
N LEU A 105 -99.07 -43.37 -17.90
CA LEU A 105 -100.40 -44.04 -17.84
C LEU A 105 -101.47 -43.08 -18.37
N SER A 106 -101.35 -41.79 -18.00
CA SER A 106 -102.29 -40.73 -18.40
C SER A 106 -102.24 -40.48 -19.92
N LEU A 107 -101.01 -40.49 -20.48
CA LEU A 107 -100.77 -40.21 -21.91
C LEU A 107 -101.33 -41.36 -22.77
N LEU A 108 -100.93 -42.60 -22.42
CA LEU A 108 -101.35 -43.81 -23.13
C LEU A 108 -102.84 -44.09 -22.91
N GLU A 109 -103.34 -43.69 -21.71
CA GLU A 109 -104.70 -44.00 -21.18
C GLU A 109 -105.13 -45.45 -21.50
N SER A 110 -104.16 -46.36 -21.32
CA SER A 110 -104.30 -47.79 -21.60
C SER A 110 -105.51 -48.40 -20.85
N PRO A 111 -106.41 -49.18 -21.56
CA PRO A 111 -107.63 -49.77 -20.95
C PRO A 111 -107.28 -50.63 -19.72
N LYS A 112 -107.93 -50.33 -18.58
CA LYS A 112 -107.65 -50.97 -17.28
C LYS A 112 -108.47 -52.27 -17.13
N ILE A 113 -108.50 -53.08 -18.21
CA ILE A 113 -109.09 -54.42 -18.23
C ILE A 113 -108.18 -55.35 -17.43
N GLN A 114 -108.48 -55.47 -16.13
CA GLN A 114 -107.77 -56.37 -15.21
C GLN A 114 -108.69 -57.54 -14.89
N ALA A 115 -108.76 -58.49 -15.86
CA ALA A 115 -109.64 -59.70 -15.83
C ALA A 115 -111.14 -59.32 -15.95
N ASP A 116 -111.70 -58.73 -14.87
CA ASP A 116 -113.15 -58.40 -14.76
C ASP A 116 -113.61 -57.30 -15.75
N GLY A 117 -112.65 -56.60 -16.40
CA GLY A 117 -112.97 -55.53 -17.36
C GLY A 117 -113.25 -56.03 -18.78
N ARG A 118 -113.68 -57.31 -18.90
CA ARG A 118 -114.02 -58.02 -20.18
C ARG A 118 -114.92 -57.20 -21.12
N ASP A 119 -115.64 -56.23 -20.55
CA ASP A 119 -116.62 -55.38 -21.24
C ASP A 119 -116.04 -54.68 -22.48
N LEU A 120 -114.79 -54.21 -22.36
CA LEU A 120 -114.11 -53.39 -23.40
C LEU A 120 -113.19 -54.27 -24.29
N ASN A 121 -113.59 -55.55 -24.49
CA ASN A 121 -112.85 -56.53 -25.32
C ASN A 121 -112.77 -56.06 -26.79
N ARG A 122 -111.58 -56.19 -27.40
CA ARG A 122 -111.34 -55.81 -28.80
C ARG A 122 -111.95 -56.87 -29.74
N MET A 123 -113.14 -56.54 -30.26
CA MET A 123 -113.79 -57.30 -31.35
C MET A 123 -113.35 -56.71 -32.69
N HIS A 124 -113.18 -57.58 -33.68
CA HIS A 124 -112.74 -57.23 -35.05
C HIS A 124 -113.09 -58.39 -35.98
N GLU A 125 -114.08 -58.15 -36.90
CA GLU A 125 -114.74 -59.17 -37.77
C GLU A 125 -115.08 -60.51 -37.05
N ALA A 126 -115.21 -60.45 -35.72
CA ALA A 126 -115.50 -61.61 -34.86
C ALA A 126 -116.86 -61.37 -34.19
N THR A 127 -117.92 -61.62 -34.98
CA THR A 127 -119.32 -61.42 -34.56
C THR A 127 -119.68 -62.34 -33.38
N SER A 128 -119.45 -63.65 -33.56
CA SER A 128 -119.62 -64.64 -32.50
C SER A 128 -118.35 -64.68 -31.63
N ALA A 129 -118.47 -64.31 -30.34
CA ALA A 129 -117.35 -64.37 -29.38
C ALA A 129 -117.29 -65.79 -28.75
N GLN A 19 -13.28 -10.10 -25.39
CA GLN A 19 -13.16 -9.51 -24.04
C GLN A 19 -12.17 -10.33 -23.16
N MET A 20 -11.37 -11.22 -23.82
CA MET A 20 -10.51 -12.23 -23.14
C MET A 20 -9.56 -11.61 -22.10
N LEU A 21 -8.91 -10.47 -22.45
CA LEU A 21 -7.97 -9.78 -21.54
C LEU A 21 -8.67 -9.29 -20.25
N LEU A 22 -9.93 -8.79 -20.38
CA LEU A 22 -10.73 -8.35 -19.21
C LEU A 22 -11.05 -9.55 -18.31
N ASN A 23 -11.49 -10.63 -18.95
CA ASN A 23 -11.96 -11.86 -18.28
C ASN A 23 -10.83 -12.52 -17.49
N GLN A 24 -9.71 -12.71 -18.18
CA GLN A 24 -8.50 -13.37 -17.65
C GLN A 24 -7.84 -12.56 -16.53
N LEU A 25 -7.66 -11.24 -16.78
CA LEU A 25 -6.98 -10.35 -15.84
C LEU A 25 -7.83 -10.16 -14.57
N ARG A 26 -9.18 -10.07 -14.73
CA ARG A 26 -10.13 -10.04 -13.61
C ARG A 26 -10.11 -11.37 -12.84
N GLU A 27 -9.93 -12.49 -13.58
CA GLU A 27 -9.89 -13.84 -12.99
C GLU A 27 -8.72 -13.98 -12.01
N ILE A 28 -7.57 -13.38 -12.38
CA ILE A 28 -6.32 -13.49 -11.62
C ILE A 28 -6.07 -12.29 -10.65
N THR A 29 -6.83 -11.17 -10.79
CA THR A 29 -6.74 -10.03 -9.82
C THR A 29 -7.95 -10.04 -8.86
N GLY A 30 -9.14 -10.10 -9.45
CA GLY A 30 -10.42 -10.04 -8.72
C GLY A 30 -11.10 -8.68 -8.85
N ILE A 31 -10.54 -7.81 -9.72
CA ILE A 31 -11.00 -6.43 -9.89
C ILE A 31 -12.15 -6.36 -10.93
N GLN A 32 -13.29 -5.81 -10.48
CA GLN A 32 -14.52 -5.68 -11.30
C GLN A 32 -14.54 -4.36 -12.10
N ASP A 33 -13.62 -3.43 -11.78
CA ASP A 33 -13.47 -2.16 -12.51
C ASP A 33 -12.87 -2.44 -13.90
N PRO A 34 -13.66 -2.23 -15.02
CA PRO A 34 -13.19 -2.52 -16.41
C PRO A 34 -11.94 -1.69 -16.79
N SER A 35 -11.92 -0.42 -16.33
CA SER A 35 -10.82 0.52 -16.62
C SER A 35 -9.51 0.00 -16.05
N PHE A 36 -9.51 -0.41 -14.74
CA PHE A 36 -8.30 -0.94 -14.03
C PHE A 36 -7.63 -2.08 -14.80
N LEU A 37 -8.45 -2.95 -15.37
CA LEU A 37 -8.00 -4.13 -16.14
C LEU A 37 -7.28 -3.65 -17.43
N HIS A 38 -7.94 -2.71 -18.15
CA HIS A 38 -7.37 -2.06 -19.36
C HIS A 38 -6.08 -1.29 -19.05
N GLU A 39 -6.05 -0.55 -17.91
CA GLU A 39 -4.94 0.34 -17.53
C GLU A 39 -3.70 -0.47 -17.14
N ALA A 40 -3.93 -1.67 -16.57
CA ALA A 40 -2.88 -2.63 -16.22
C ALA A 40 -2.24 -3.21 -17.50
N LEU A 41 -3.12 -3.62 -18.45
CA LEU A 41 -2.70 -4.16 -19.77
C LEU A 41 -1.97 -3.08 -20.59
N LYS A 42 -2.41 -1.83 -20.41
CA LYS A 42 -1.84 -0.64 -21.07
C LYS A 42 -0.44 -0.34 -20.49
N ALA A 43 -0.32 -0.44 -19.16
CA ALA A 43 0.92 -0.15 -18.41
C ALA A 43 1.97 -1.25 -18.62
N SER A 44 1.50 -2.46 -19.00
CA SER A 44 2.37 -3.62 -19.23
C SER A 44 2.56 -3.90 -20.74
N ASN A 45 2.01 -3.00 -21.60
CA ASN A 45 2.18 -3.05 -23.09
C ASN A 45 1.49 -4.31 -23.70
N GLY A 46 0.57 -4.93 -22.93
CA GLY A 46 -0.19 -6.11 -23.37
C GLY A 46 0.16 -7.37 -22.58
N ASP A 47 1.14 -7.25 -21.65
CA ASP A 47 1.63 -8.37 -20.83
C ASP A 47 0.70 -8.57 -19.61
N ILE A 48 -0.03 -9.69 -19.59
CA ILE A 48 -1.05 -9.97 -18.55
C ILE A 48 -0.40 -10.35 -17.19
N THR A 49 0.84 -10.89 -17.26
CA THR A 49 1.61 -11.32 -16.06
C THR A 49 2.09 -10.10 -15.24
N GLN A 50 2.61 -9.08 -15.94
CA GLN A 50 3.03 -7.82 -15.33
C GLN A 50 1.80 -7.01 -14.89
N ALA A 51 0.71 -7.11 -15.68
CA ALA A 51 -0.57 -6.42 -15.41
C ALA A 51 -1.15 -6.80 -14.03
N VAL A 52 -1.27 -8.12 -13.77
CA VAL A 52 -1.70 -8.63 -12.45
C VAL A 52 -0.69 -8.27 -11.35
N SER A 53 0.63 -8.34 -11.69
CA SER A 53 1.71 -7.98 -10.74
C SER A 53 1.61 -6.50 -10.28
N LEU A 54 1.08 -5.63 -11.18
CA LEU A 54 0.89 -4.19 -10.88
C LEU A 54 -0.36 -3.96 -10.02
N LEU A 55 -1.46 -4.67 -10.33
CA LEU A 55 -2.74 -4.49 -9.61
C LEU A 55 -2.73 -5.15 -8.21
N THR A 56 -1.83 -6.13 -8.00
CA THR A 56 -1.65 -6.80 -6.70
C THR A 56 -0.71 -5.99 -5.77
N ASP A 57 -0.15 -4.87 -6.29
CA ASP A 57 0.79 -3.97 -5.56
C ASP A 57 0.26 -3.56 -4.18
N GLU A 58 -1.08 -3.50 -4.04
CA GLU A 58 -1.77 -3.22 -2.77
C GLU A 58 -1.21 -4.05 -1.60
N ARG A 59 -1.08 -5.38 -1.84
CA ARG A 59 -0.62 -6.36 -0.83
C ARG A 59 0.87 -6.74 -1.03
N VAL A 60 1.49 -6.29 -2.15
CA VAL A 60 2.94 -6.49 -2.37
C VAL A 60 3.75 -5.54 -1.47
N LYS A 61 3.45 -4.22 -1.55
CA LYS A 61 4.15 -3.22 -0.73
C LYS A 61 3.68 -3.32 0.75
N GLU A 62 4.53 -3.95 1.57
CA GLU A 62 4.28 -4.11 3.02
C GLU A 62 4.84 -2.87 3.81
N PRO A 63 4.29 -2.50 5.02
CA PRO A 63 3.07 -3.10 5.62
C PRO A 63 1.78 -2.62 4.90
N SER A 64 1.12 -3.56 4.21
CA SER A 64 -0.09 -3.29 3.41
C SER A 64 -1.24 -2.87 4.33
N GLN A 65 -1.55 -3.72 5.32
CA GLN A 65 -2.55 -3.44 6.36
C GLN A 65 -1.80 -3.14 7.67
N ASP A 66 -1.95 -1.89 8.17
CA ASP A 66 -1.33 -1.45 9.42
C ASP A 66 -2.12 -2.00 10.61
N THR A 67 -1.47 -2.89 11.38
CA THR A 67 -2.04 -3.50 12.59
C THR A 67 -1.52 -2.77 13.85
N VAL A 68 -2.10 -3.09 15.02
CA VAL A 68 -1.64 -2.60 16.33
C VAL A 68 -0.63 -3.59 16.95
N ALA A 69 0.06 -3.18 18.02
CA ALA A 69 1.03 -4.03 18.74
C ALA A 69 0.91 -3.78 20.25
N THR A 70 0.40 -4.79 20.97
CA THR A 70 0.19 -4.72 22.42
C THR A 70 1.30 -5.50 23.14
N GLU A 71 2.41 -4.80 23.43
CA GLU A 71 3.56 -5.39 24.12
C GLU A 71 3.34 -5.35 25.65
N PRO A 72 3.51 -6.51 26.38
CA PRO A 72 3.44 -6.57 27.86
C PRO A 72 4.76 -6.10 28.52
N SER A 73 4.91 -6.38 29.82
CA SER A 73 6.11 -6.00 30.60
C SER A 73 7.38 -6.74 30.08
N GLU A 74 8.44 -5.97 29.79
CA GLU A 74 9.71 -6.50 29.26
C GLU A 74 10.77 -6.61 30.37
N VAL A 75 10.55 -5.92 31.52
CA VAL A 75 11.45 -5.99 32.68
C VAL A 75 11.40 -7.38 33.35
N GLU A 76 12.43 -7.67 34.17
CA GLU A 76 12.60 -8.97 34.85
C GLU A 76 11.70 -9.08 36.09
N GLY A 77 11.51 -10.32 36.57
CA GLY A 77 10.73 -10.59 37.77
C GLY A 77 11.15 -11.88 38.47
N SER A 78 12.43 -12.25 38.33
CA SER A 78 13.02 -13.44 38.97
C SER A 78 14.52 -13.22 39.26
N ALA A 79 15.18 -14.29 39.78
CA ALA A 79 16.63 -14.29 40.15
C ALA A 79 16.86 -13.48 41.43
N ALA A 80 15.76 -13.23 42.18
CA ALA A 80 15.82 -12.54 43.45
C ALA A 80 16.30 -13.51 44.54
N ASN A 81 17.65 -13.60 44.68
CA ASN A 81 18.33 -14.54 45.59
C ASN A 81 18.43 -14.02 47.03
N LYS A 82 17.57 -13.01 47.38
CA LYS A 82 17.47 -12.35 48.71
C LYS A 82 18.85 -12.00 49.33
N GLU A 83 19.79 -11.63 48.46
CA GLU A 83 21.15 -11.25 48.84
C GLU A 83 21.43 -9.82 48.33
N VAL A 84 21.37 -8.84 49.24
CA VAL A 84 21.64 -7.44 48.93
C VAL A 84 23.17 -7.21 48.97
N LEU A 85 23.73 -6.63 47.88
CA LEU A 85 25.17 -6.35 47.77
C LEU A 85 25.53 -5.19 48.70
N ALA A 86 24.61 -4.21 48.81
CA ALA A 86 24.73 -3.09 49.73
C ALA A 86 24.55 -3.56 51.18
N LYS A 87 25.28 -2.94 52.12
CA LYS A 87 25.24 -3.32 53.53
C LYS A 87 23.95 -2.83 54.21
N VAL A 88 23.43 -3.64 55.15
CA VAL A 88 22.21 -3.33 55.91
C VAL A 88 22.64 -2.73 57.27
N ILE A 89 23.69 -1.90 57.22
CA ILE A 89 24.38 -1.33 58.39
C ILE A 89 24.89 -2.45 59.34
N ASP A 90 25.99 -3.08 58.94
CA ASP A 90 26.67 -4.10 59.76
C ASP A 90 28.02 -3.55 60.24
N LEU A 91 27.98 -2.90 61.41
CA LEU A 91 29.18 -2.44 62.14
C LEU A 91 29.34 -3.28 63.43
N THR A 92 28.81 -4.53 63.39
CA THR A 92 28.76 -5.45 64.53
C THR A 92 30.18 -5.77 65.06
N HIS A 93 30.60 -4.97 66.07
CA HIS A 93 31.86 -5.13 66.80
C HIS A 93 31.56 -4.95 68.29
N ASP A 94 31.17 -6.06 68.95
CA ASP A 94 30.85 -6.06 70.38
C ASP A 94 32.09 -5.70 71.23
N ASN A 95 31.86 -4.93 72.30
CA ASN A 95 32.92 -4.39 73.16
C ASN A 95 33.60 -5.52 73.96
N LYS A 96 34.91 -5.71 73.72
CA LYS A 96 35.72 -6.71 74.43
C LYS A 96 36.39 -6.06 75.65
N ASP A 97 36.59 -6.85 76.71
CA ASP A 97 37.15 -6.39 77.97
C ASP A 97 38.68 -6.40 77.90
N ASP A 98 39.28 -5.21 77.70
CA ASP A 98 40.76 -5.03 77.67
C ASP A 98 41.10 -3.88 78.62
N LEU A 99 40.69 -2.67 78.20
CA LEU A 99 40.95 -1.43 78.93
C LEU A 99 40.22 -1.39 80.28
N GLN A 100 39.09 -2.11 80.41
CA GLN A 100 38.35 -2.22 81.70
C GLN A 100 39.23 -2.90 82.75
N ALA A 101 39.71 -4.12 82.42
CA ALA A 101 40.60 -4.90 83.31
C ALA A 101 41.90 -4.14 83.64
N ALA A 102 42.44 -3.42 82.62
CA ALA A 102 43.67 -2.61 82.75
C ALA A 102 43.51 -1.47 83.78
N ILE A 103 42.46 -0.63 83.57
CA ILE A 103 42.15 0.53 84.43
C ILE A 103 41.83 0.07 85.87
N ALA A 104 41.01 -1.00 85.97
CA ALA A 104 40.53 -1.53 87.25
C ALA A 104 41.68 -2.05 88.12
N LEU A 105 42.56 -2.87 87.51
CA LEU A 105 43.72 -3.50 88.20
C LEU A 105 44.75 -2.42 88.59
N SER A 106 44.97 -1.43 87.70
CA SER A 106 45.97 -0.36 87.92
C SER A 106 45.54 0.56 89.07
N LEU A 107 44.25 0.96 89.07
CA LEU A 107 43.67 1.85 90.09
C LEU A 107 43.35 1.07 91.38
N LEU A 108 43.31 -0.28 91.30
CA LEU A 108 43.18 -1.14 92.48
C LEU A 108 44.53 -1.16 93.22
N GLU A 109 45.58 -1.52 92.47
CA GLU A 109 46.95 -1.65 92.99
C GLU A 109 47.74 -0.36 92.73
N SER A 110 47.27 0.71 93.39
CA SER A 110 47.92 2.04 93.34
C SER A 110 48.79 2.24 94.59
N PRO A 111 49.87 3.09 94.52
CA PRO A 111 50.66 3.48 95.71
C PRO A 111 49.83 4.37 96.67
N LYS A 112 49.76 3.95 97.94
CA LYS A 112 49.13 4.75 99.01
C LYS A 112 50.06 5.91 99.41
N ILE A 113 51.39 5.68 99.23
CA ILE A 113 52.43 6.71 99.47
C ILE A 113 52.12 7.99 98.67
N GLN A 114 51.63 9.01 99.38
CA GLN A 114 51.16 10.29 98.79
C GLN A 114 52.35 11.15 98.30
N ALA A 115 53.57 10.81 98.75
CA ALA A 115 54.81 11.51 98.35
C ALA A 115 55.75 10.52 97.61
N ASP A 116 57.07 10.76 97.66
CA ASP A 116 58.08 9.90 97.01
C ASP A 116 58.13 8.49 97.64
N GLY A 117 58.55 8.40 98.91
CA GLY A 117 58.72 7.12 99.61
C GLY A 117 58.28 7.20 101.05
N ARG A 118 57.33 8.10 101.31
CA ARG A 118 56.74 8.36 102.64
C ARG A 118 55.40 9.10 102.47
N ASP A 119 54.73 9.38 103.58
CA ASP A 119 53.50 10.21 103.57
C ASP A 119 53.82 11.59 104.13
N LEU A 120 54.18 11.63 105.42
CA LEU A 120 54.57 12.88 106.11
C LEU A 120 56.09 12.94 106.29
N ASN A 121 56.60 14.15 106.53
CA ASN A 121 58.02 14.42 106.77
C ASN A 121 58.16 15.63 107.71
N ARG A 122 59.32 15.73 108.37
CA ARG A 122 59.61 16.81 109.33
C ARG A 122 60.13 18.06 108.59
N MET A 123 59.16 18.88 108.13
CA MET A 123 59.42 20.24 107.63
C MET A 123 58.76 21.25 108.59
N HIS A 124 59.26 22.51 108.56
CA HIS A 124 58.81 23.60 109.45
C HIS A 124 59.00 23.21 110.94
N GLU A 125 60.26 23.21 111.35
CA GLU A 125 60.70 22.88 112.71
C GLU A 125 61.83 23.84 113.15
N ALA A 126 62.08 24.86 112.29
CA ALA A 126 63.20 25.81 112.44
C ALA A 126 62.91 26.87 113.52
N THR A 127 63.93 27.67 113.85
CA THR A 127 63.83 28.69 114.91
C THR A 127 64.68 29.91 114.54
N SER A 128 64.19 31.10 114.94
CA SER A 128 64.80 32.40 114.62
C SER A 128 65.73 32.86 115.76
N ALA A 129 67.06 32.73 115.54
CA ALA A 129 68.09 33.24 116.47
C ALA A 129 68.29 34.76 116.26
N GLN A 19 -11.96 -8.86 -25.49
CA GLN A 19 -12.71 -9.14 -24.24
C GLN A 19 -11.95 -10.16 -23.37
N MET A 20 -11.17 -11.07 -23.99
CA MET A 20 -10.53 -12.22 -23.30
C MET A 20 -9.52 -11.74 -22.24
N LEU A 21 -8.74 -10.70 -22.58
CA LEU A 21 -7.75 -10.07 -21.67
C LEU A 21 -8.44 -9.41 -20.46
N LEU A 22 -9.65 -8.83 -20.69
CA LEU A 22 -10.49 -8.26 -19.61
C LEU A 22 -10.88 -9.36 -18.63
N ASN A 23 -11.45 -10.44 -19.18
CA ASN A 23 -12.03 -11.57 -18.42
C ASN A 23 -10.94 -12.31 -17.62
N GLN A 24 -9.82 -12.57 -18.30
CA GLN A 24 -8.66 -13.28 -17.76
C GLN A 24 -8.05 -12.52 -16.56
N LEU A 25 -7.68 -11.23 -16.78
CA LEU A 25 -7.07 -10.39 -15.74
C LEU A 25 -8.02 -10.25 -14.52
N ARG A 26 -9.29 -9.95 -14.82
CA ARG A 26 -10.39 -9.80 -13.82
C ARG A 26 -10.49 -11.03 -12.90
N GLU A 27 -10.34 -12.21 -13.51
CA GLU A 27 -10.41 -13.49 -12.80
C GLU A 27 -9.18 -13.69 -11.89
N ILE A 28 -7.97 -13.42 -12.44
CA ILE A 28 -6.69 -13.72 -11.76
C ILE A 28 -6.18 -12.56 -10.87
N THR A 29 -6.93 -11.44 -10.83
CA THR A 29 -6.70 -10.31 -9.89
C THR A 29 -7.82 -10.30 -8.83
N GLY A 30 -9.06 -10.41 -9.33
CA GLY A 30 -10.28 -10.35 -8.51
C GLY A 30 -11.01 -9.02 -8.69
N ILE A 31 -10.36 -8.10 -9.41
CA ILE A 31 -10.86 -6.74 -9.64
C ILE A 31 -11.91 -6.72 -10.76
N GLN A 32 -13.13 -6.33 -10.39
CA GLN A 32 -14.29 -6.26 -11.31
C GLN A 32 -14.29 -4.93 -12.10
N ASP A 33 -13.52 -3.94 -11.59
CA ASP A 33 -13.41 -2.59 -12.19
C ASP A 33 -12.74 -2.69 -13.58
N PRO A 34 -13.50 -2.48 -14.71
CA PRO A 34 -12.97 -2.68 -16.08
C PRO A 34 -11.84 -1.71 -16.43
N SER A 35 -11.88 -0.49 -15.84
CA SER A 35 -10.84 0.54 -16.05
C SER A 35 -9.46 0.01 -15.63
N PHE A 36 -9.39 -0.52 -14.38
CA PHE A 36 -8.16 -1.11 -13.79
C PHE A 36 -7.53 -2.16 -14.72
N LEU A 37 -8.39 -2.91 -15.42
CA LEU A 37 -7.97 -4.00 -16.30
C LEU A 37 -7.26 -3.43 -17.56
N HIS A 38 -7.87 -2.40 -18.17
CA HIS A 38 -7.28 -1.72 -19.35
C HIS A 38 -5.97 -0.97 -18.98
N GLU A 39 -5.95 -0.37 -17.78
CA GLU A 39 -4.78 0.38 -17.25
C GLU A 39 -3.58 -0.54 -17.04
N ALA A 40 -3.86 -1.70 -16.44
CA ALA A 40 -2.84 -2.71 -16.17
C ALA A 40 -2.27 -3.28 -17.48
N LEU A 41 -3.16 -3.51 -18.47
CA LEU A 41 -2.80 -4.06 -19.78
C LEU A 41 -1.97 -3.05 -20.62
N LYS A 42 -2.33 -1.75 -20.52
CA LYS A 42 -1.67 -0.69 -21.32
C LYS A 42 -0.26 -0.39 -20.77
N ALA A 43 -0.11 -0.45 -19.42
CA ALA A 43 1.17 -0.15 -18.73
C ALA A 43 2.16 -1.33 -18.83
N SER A 44 1.63 -2.53 -19.08
CA SER A 44 2.44 -3.76 -19.22
C SER A 44 2.76 -4.06 -20.70
N ASN A 45 2.33 -3.14 -21.62
CA ASN A 45 2.45 -3.29 -23.11
C ASN A 45 1.42 -4.30 -23.69
N GLY A 46 0.85 -5.16 -22.83
CA GLY A 46 -0.02 -6.27 -23.25
C GLY A 46 0.24 -7.54 -22.44
N ASP A 47 1.29 -7.51 -21.60
CA ASP A 47 1.70 -8.66 -20.78
C ASP A 47 0.77 -8.80 -19.55
N ILE A 48 -0.10 -9.81 -19.59
CA ILE A 48 -1.14 -10.01 -18.57
C ILE A 48 -0.56 -10.37 -17.17
N THR A 49 0.65 -10.98 -17.13
CA THR A 49 1.33 -11.33 -15.87
C THR A 49 1.76 -10.05 -15.11
N GLN A 50 2.43 -9.14 -15.86
CA GLN A 50 2.85 -7.82 -15.35
C GLN A 50 1.65 -6.97 -14.95
N ALA A 51 0.55 -7.12 -15.72
CA ALA A 51 -0.71 -6.43 -15.47
C ALA A 51 -1.30 -6.79 -14.08
N VAL A 52 -1.29 -8.11 -13.74
CA VAL A 52 -1.69 -8.57 -12.39
C VAL A 52 -0.78 -7.96 -11.32
N SER A 53 0.54 -7.97 -11.59
CA SER A 53 1.58 -7.44 -10.67
C SER A 53 1.35 -5.94 -10.38
N LEU A 54 0.87 -5.19 -11.39
CA LEU A 54 0.57 -3.75 -11.26
C LEU A 54 -0.68 -3.52 -10.39
N LEU A 55 -1.70 -4.38 -10.57
CA LEU A 55 -2.97 -4.29 -9.81
C LEU A 55 -2.83 -4.80 -8.36
N THR A 56 -1.86 -5.68 -8.12
CA THR A 56 -1.55 -6.16 -6.76
C THR A 56 -0.60 -5.18 -6.05
N ASP A 57 0.09 -4.32 -6.84
CA ASP A 57 0.94 -3.23 -6.32
C ASP A 57 0.07 -2.15 -5.65
N GLU A 58 -1.13 -1.94 -6.25
CA GLU A 58 -2.13 -0.95 -5.81
C GLU A 58 -2.51 -1.06 -4.32
N ARG A 59 -2.73 -2.30 -3.85
CA ARG A 59 -3.23 -2.58 -2.48
C ARG A 59 -2.11 -2.52 -1.42
N VAL A 60 -0.86 -2.30 -1.87
CA VAL A 60 0.32 -2.25 -0.97
C VAL A 60 1.27 -1.11 -1.42
N LYS A 61 0.67 -0.06 -2.00
CA LYS A 61 1.37 1.05 -2.69
C LYS A 61 1.85 2.16 -1.69
N GLU A 62 1.66 1.92 -0.39
CA GLU A 62 2.07 2.83 0.70
C GLU A 62 3.33 2.29 1.44
N PRO A 63 4.14 3.13 2.19
CA PRO A 63 3.97 4.60 2.29
C PRO A 63 4.54 5.33 1.05
N SER A 64 5.74 4.94 0.62
CA SER A 64 6.44 5.51 -0.53
C SER A 64 6.96 4.35 -1.39
N GLN A 65 6.05 3.81 -2.21
CA GLN A 65 6.36 2.79 -3.23
C GLN A 65 6.27 3.46 -4.60
N ASP A 66 7.10 4.51 -4.78
CA ASP A 66 7.03 5.46 -5.90
C ASP A 66 7.12 4.74 -7.26
N THR A 67 5.97 4.67 -7.96
CA THR A 67 5.87 4.09 -9.31
C THR A 67 5.95 5.21 -10.37
N VAL A 68 5.74 4.84 -11.64
CA VAL A 68 5.55 5.79 -12.73
C VAL A 68 4.10 6.35 -12.63
N ALA A 69 3.96 7.51 -11.96
CA ALA A 69 2.64 8.15 -11.70
C ALA A 69 2.04 8.79 -12.97
N THR A 70 2.86 8.92 -14.02
CA THR A 70 2.38 9.33 -15.35
C THR A 70 2.08 8.07 -16.19
N GLU A 71 1.26 8.24 -17.24
CA GLU A 71 0.82 7.13 -18.11
C GLU A 71 1.83 6.90 -19.25
N PRO A 72 1.98 5.61 -19.74
CA PRO A 72 2.72 5.32 -21.00
C PRO A 72 1.95 5.95 -22.19
N SER A 73 2.68 6.72 -23.04
CA SER A 73 2.09 7.43 -24.18
C SER A 73 1.64 6.44 -25.28
N GLU A 74 0.43 5.88 -25.08
CA GLU A 74 -0.22 4.99 -26.07
C GLU A 74 -0.64 5.79 -27.31
N VAL A 75 -0.87 7.10 -27.11
CA VAL A 75 -1.21 8.06 -28.17
C VAL A 75 -0.09 9.12 -28.27
N GLU A 76 0.18 9.56 -29.50
CA GLU A 76 1.17 10.61 -29.80
C GLU A 76 0.44 11.90 -30.21
N GLY A 77 1.01 13.06 -29.86
CA GLY A 77 0.36 14.35 -30.06
C GLY A 77 -0.64 14.65 -28.96
N SER A 78 -0.24 14.34 -27.71
CA SER A 78 -1.07 14.52 -26.51
C SER A 78 -1.33 16.03 -26.24
N ALA A 79 -2.59 16.46 -26.46
CA ALA A 79 -3.02 17.85 -26.23
C ALA A 79 -3.43 18.01 -24.76
N ALA A 80 -2.46 17.82 -23.85
CA ALA A 80 -2.65 17.98 -22.41
C ALA A 80 -2.41 19.45 -22.02
N ASN A 81 -3.36 20.05 -21.29
CA ASN A 81 -3.32 21.48 -20.88
C ASN A 81 -2.12 21.70 -19.94
N LYS A 82 -1.02 22.25 -20.47
CA LYS A 82 0.23 22.48 -19.73
C LYS A 82 0.63 23.96 -19.93
N GLU A 83 0.40 24.78 -18.89
CA GLU A 83 0.76 26.22 -18.88
C GLU A 83 2.10 26.43 -18.18
N VAL A 84 2.70 27.62 -18.39
CA VAL A 84 3.92 28.06 -17.71
C VAL A 84 3.54 28.78 -16.41
N LEU A 85 3.76 28.12 -15.26
CA LEU A 85 3.50 28.69 -13.93
C LEU A 85 4.76 29.47 -13.51
N ALA A 86 4.89 30.69 -14.05
CA ALA A 86 6.01 31.59 -13.78
C ALA A 86 5.57 32.71 -12.81
N LYS A 87 6.41 33.75 -12.66
CA LYS A 87 6.10 34.92 -11.81
C LYS A 87 6.98 36.11 -12.21
N VAL A 88 6.42 37.33 -12.19
CA VAL A 88 7.15 38.57 -12.56
C VAL A 88 7.56 39.37 -11.31
N ILE A 89 7.06 38.94 -10.16
CA ILE A 89 7.33 39.59 -8.85
C ILE A 89 8.79 39.29 -8.40
N ASP A 90 9.32 38.14 -8.84
CA ASP A 90 10.72 37.75 -8.64
C ASP A 90 11.65 38.82 -9.26
N LEU A 91 12.40 39.52 -8.39
CA LEU A 91 13.31 40.60 -8.80
C LEU A 91 14.65 40.05 -9.35
N THR A 92 14.72 38.72 -9.55
CA THR A 92 15.92 38.02 -10.07
C THR A 92 16.40 38.55 -11.44
N HIS A 93 17.25 39.59 -11.36
CA HIS A 93 17.93 40.24 -12.49
C HIS A 93 18.79 41.37 -11.94
N ASP A 94 19.90 41.68 -12.62
CA ASP A 94 20.77 42.81 -12.28
C ASP A 94 20.24 44.07 -13.00
N ASN A 95 20.67 45.26 -12.53
CA ASN A 95 20.35 46.55 -13.18
C ASN A 95 21.19 46.70 -14.46
N LYS A 96 20.68 47.53 -15.39
CA LYS A 96 21.43 47.90 -16.61
C LYS A 96 22.57 48.88 -16.26
N ASP A 97 23.47 49.10 -17.23
CA ASP A 97 24.67 49.94 -17.04
C ASP A 97 24.35 51.44 -17.16
N ASP A 98 23.17 51.77 -17.70
CA ASP A 98 22.77 53.16 -18.00
C ASP A 98 22.65 54.01 -16.72
N LEU A 99 21.67 53.68 -15.85
CA LEU A 99 21.44 54.41 -14.57
C LEU A 99 22.64 54.27 -13.62
N GLN A 100 23.38 53.14 -13.71
CA GLN A 100 24.58 52.89 -12.92
C GLN A 100 25.68 53.89 -13.25
N ALA A 101 26.00 54.02 -14.55
CA ALA A 101 27.06 54.92 -15.04
C ALA A 101 26.68 56.40 -14.85
N ALA A 102 25.37 56.68 -14.93
CA ALA A 102 24.80 58.03 -14.71
C ALA A 102 25.07 58.52 -13.27
N ILE A 103 24.64 57.69 -12.28
CA ILE A 103 24.77 58.01 -10.84
C ILE A 103 26.25 57.92 -10.41
N ALA A 104 26.98 56.95 -10.97
CA ALA A 104 28.42 56.72 -10.68
C ALA A 104 29.27 57.93 -11.14
N LEU A 105 28.92 58.50 -12.31
CA LEU A 105 29.56 59.72 -12.83
C LEU A 105 29.17 60.92 -11.98
N SER A 106 27.87 60.99 -11.59
CA SER A 106 27.37 62.05 -10.69
C SER A 106 28.03 61.98 -9.30
N LEU A 107 28.41 60.76 -8.89
CA LEU A 107 29.08 60.48 -7.61
C LEU A 107 30.54 60.95 -7.66
N LEU A 108 31.18 60.69 -8.81
CA LEU A 108 32.58 61.10 -9.08
C LEU A 108 32.66 62.65 -9.19
N GLU A 109 31.64 63.23 -9.84
CA GLU A 109 31.57 64.69 -10.11
C GLU A 109 30.73 65.42 -9.05
N SER A 110 30.44 64.73 -7.92
CA SER A 110 29.67 65.30 -6.80
C SER A 110 30.48 66.43 -6.13
N PRO A 111 29.86 67.65 -5.90
CA PRO A 111 30.59 68.83 -5.37
C PRO A 111 31.16 68.57 -3.95
N LYS A 112 32.34 69.16 -3.66
CA LYS A 112 33.05 68.97 -2.39
C LYS A 112 32.47 69.92 -1.34
N ILE A 113 31.23 69.62 -0.94
CA ILE A 113 30.45 70.41 0.02
C ILE A 113 30.62 69.80 1.41
N GLN A 114 31.21 70.58 2.32
CA GLN A 114 31.46 70.19 3.70
C GLN A 114 30.28 70.64 4.60
N ALA A 115 29.04 70.39 4.10
CA ALA A 115 27.78 70.81 4.73
C ALA A 115 26.58 70.16 4.01
N ASP A 116 25.36 70.61 4.35
CA ASP A 116 24.10 70.11 3.75
C ASP A 116 23.76 70.89 2.45
N GLY A 117 24.33 72.10 2.28
CA GLY A 117 24.05 72.95 1.12
C GLY A 117 24.98 74.15 1.07
N ARG A 118 26.24 73.89 0.65
CA ARG A 118 27.37 74.86 0.62
C ARG A 118 27.76 75.34 2.04
N ASP A 119 29.03 75.74 2.18
CA ASP A 119 29.57 76.34 3.42
C ASP A 119 30.92 76.99 3.12
N LEU A 120 31.94 76.15 2.84
CA LEU A 120 33.31 76.60 2.60
C LEU A 120 33.43 77.24 1.21
N ASN A 121 33.58 78.56 1.19
CA ASN A 121 33.83 79.35 -0.01
C ASN A 121 34.86 80.42 0.35
N ARG A 122 35.88 80.58 -0.51
CA ARG A 122 36.96 81.55 -0.29
C ARG A 122 37.05 82.51 -1.49
N MET A 123 36.12 83.48 -1.50
CA MET A 123 36.16 84.72 -2.32
C MET A 123 36.52 84.49 -3.81
N HIS A 124 35.49 84.45 -4.68
CA HIS A 124 35.66 84.35 -6.15
C HIS A 124 36.53 85.53 -6.66
N GLU A 125 36.32 86.70 -6.05
CA GLU A 125 37.17 87.87 -6.25
C GLU A 125 38.52 87.64 -5.54
N ALA A 126 39.50 87.12 -6.29
CA ALA A 126 40.87 86.91 -5.79
C ALA A 126 41.61 88.26 -5.76
N THR A 127 41.96 88.73 -4.56
CA THR A 127 42.71 89.99 -4.38
C THR A 127 44.16 89.81 -4.84
N SER A 128 44.64 90.71 -5.71
CA SER A 128 46.02 90.72 -6.20
C SER A 128 46.99 91.15 -5.07
N ALA A 129 47.39 90.15 -4.26
CA ALA A 129 48.24 90.34 -3.09
C ALA A 129 49.32 89.25 -3.08
N GLN A 19 -11.70 -10.36 -26.14
CA GLN A 19 -11.88 -9.81 -24.77
C GLN A 19 -11.13 -10.69 -23.73
N MET A 20 -10.30 -11.65 -24.22
CA MET A 20 -9.67 -12.69 -23.38
C MET A 20 -8.77 -12.08 -22.27
N LEU A 21 -8.07 -10.98 -22.60
CA LEU A 21 -7.18 -10.26 -21.68
C LEU A 21 -7.96 -9.64 -20.51
N LEU A 22 -9.17 -9.08 -20.81
CA LEU A 22 -10.06 -8.48 -19.79
C LEU A 22 -10.60 -9.58 -18.87
N ASN A 23 -11.07 -10.68 -19.49
CA ASN A 23 -11.70 -11.83 -18.78
C ASN A 23 -10.70 -12.48 -17.81
N GLN A 24 -9.51 -12.83 -18.33
CA GLN A 24 -8.43 -13.45 -17.55
C GLN A 24 -8.00 -12.55 -16.39
N LEU A 25 -7.67 -11.27 -16.70
CA LEU A 25 -7.18 -10.29 -15.71
C LEU A 25 -8.21 -10.15 -14.56
N ARG A 26 -9.47 -9.93 -14.93
CA ARG A 26 -10.60 -9.74 -13.99
C ARG A 26 -10.81 -10.99 -13.11
N GLU A 27 -10.55 -12.17 -13.69
CA GLU A 27 -10.73 -13.47 -13.03
C GLU A 27 -9.61 -13.70 -11.99
N ILE A 28 -8.37 -13.32 -12.36
CA ILE A 28 -7.14 -13.67 -11.61
C ILE A 28 -6.72 -12.55 -10.62
N THR A 29 -7.27 -11.34 -10.79
CA THR A 29 -7.10 -10.24 -9.82
C THR A 29 -8.31 -10.21 -8.88
N GLY A 30 -9.50 -10.37 -9.49
CA GLY A 30 -10.79 -10.32 -8.80
C GLY A 30 -11.45 -8.95 -8.92
N ILE A 31 -10.71 -8.00 -9.55
CA ILE A 31 -11.18 -6.62 -9.76
C ILE A 31 -12.23 -6.59 -10.88
N GLN A 32 -13.44 -6.12 -10.54
CA GLN A 32 -14.56 -6.00 -11.49
C GLN A 32 -14.51 -4.66 -12.24
N ASP A 33 -13.74 -3.68 -11.69
CA ASP A 33 -13.61 -2.32 -12.27
C ASP A 33 -12.82 -2.37 -13.60
N PRO A 34 -13.49 -2.15 -14.79
CA PRO A 34 -12.83 -2.27 -16.12
C PRO A 34 -11.65 -1.29 -16.32
N SER A 35 -11.68 -0.15 -15.59
CA SER A 35 -10.60 0.86 -15.64
C SER A 35 -9.25 0.23 -15.24
N PHE A 36 -9.24 -0.45 -14.08
CA PHE A 36 -8.01 -1.09 -13.52
C PHE A 36 -7.46 -2.17 -14.46
N LEU A 37 -8.38 -2.88 -15.13
CA LEU A 37 -8.05 -4.02 -15.99
C LEU A 37 -7.31 -3.51 -17.25
N HIS A 38 -7.97 -2.58 -17.97
CA HIS A 38 -7.39 -1.95 -19.18
C HIS A 38 -6.07 -1.22 -18.86
N GLU A 39 -6.09 -0.35 -17.81
CA GLU A 39 -4.93 0.50 -17.42
C GLU A 39 -3.66 -0.35 -17.14
N ALA A 40 -3.86 -1.51 -16.48
CA ALA A 40 -2.77 -2.46 -16.21
C ALA A 40 -2.25 -3.09 -17.52
N LEU A 41 -3.20 -3.46 -18.42
CA LEU A 41 -2.89 -4.03 -19.76
C LEU A 41 -2.26 -2.98 -20.70
N LYS A 42 -2.51 -1.68 -20.44
CA LYS A 42 -1.93 -0.57 -21.24
C LYS A 42 -0.47 -0.35 -20.83
N ALA A 43 -0.24 -0.29 -19.50
CA ALA A 43 1.09 -0.09 -18.89
C ALA A 43 2.03 -1.25 -19.23
N SER A 44 1.46 -2.47 -19.26
CA SER A 44 2.20 -3.72 -19.55
C SER A 44 2.20 -4.03 -21.07
N ASN A 45 1.51 -3.19 -21.88
CA ASN A 45 1.46 -3.29 -23.36
C ASN A 45 0.80 -4.59 -23.86
N GLY A 46 -0.02 -5.21 -22.99
CA GLY A 46 -0.74 -6.45 -23.31
C GLY A 46 -0.27 -7.65 -22.49
N ASP A 47 0.83 -7.49 -21.73
CA ASP A 47 1.40 -8.57 -20.91
C ASP A 47 0.56 -8.76 -19.62
N ILE A 48 -0.12 -9.92 -19.53
CA ILE A 48 -1.07 -10.20 -18.44
C ILE A 48 -0.34 -10.33 -17.07
N THR A 49 0.89 -10.86 -17.11
CA THR A 49 1.68 -11.17 -15.91
C THR A 49 2.08 -9.89 -15.16
N GLN A 50 2.64 -8.93 -15.92
CA GLN A 50 3.02 -7.62 -15.39
C GLN A 50 1.77 -6.85 -14.91
N ALA A 51 0.68 -6.96 -15.69
CA ALA A 51 -0.61 -6.31 -15.37
C ALA A 51 -1.10 -6.67 -13.95
N VAL A 52 -1.18 -7.99 -13.65
CA VAL A 52 -1.61 -8.51 -12.33
C VAL A 52 -0.62 -8.07 -11.24
N SER A 53 0.68 -8.19 -11.55
CA SER A 53 1.78 -7.88 -10.61
C SER A 53 1.70 -6.41 -10.13
N LEU A 54 1.45 -5.51 -11.09
CA LEU A 54 1.40 -4.06 -10.86
C LEU A 54 0.12 -3.66 -10.10
N LEU A 55 -0.99 -4.41 -10.32
CA LEU A 55 -2.24 -4.22 -9.57
C LEU A 55 -2.12 -4.71 -8.11
N THR A 56 -1.45 -5.85 -7.90
CA THR A 56 -1.31 -6.45 -6.56
C THR A 56 -0.15 -5.77 -5.76
N ASP A 57 0.66 -4.94 -6.45
CA ASP A 57 1.81 -4.24 -5.86
C ASP A 57 1.39 -3.09 -4.91
N GLU A 58 0.15 -2.59 -5.08
CA GLU A 58 -0.40 -1.44 -4.30
C GLU A 58 -0.38 -1.71 -2.76
N ARG A 59 -0.68 -2.96 -2.39
CA ARG A 59 -0.77 -3.40 -0.98
C ARG A 59 0.62 -3.84 -0.47
N VAL A 60 1.53 -4.16 -1.40
CA VAL A 60 2.92 -4.54 -1.09
C VAL A 60 3.75 -3.28 -0.79
N LYS A 61 3.35 -2.18 -1.44
CA LYS A 61 3.97 -0.88 -1.27
C LYS A 61 3.71 -0.34 0.16
N GLU A 62 4.75 -0.45 1.02
CA GLU A 62 4.72 0.04 2.41
C GLU A 62 4.59 1.59 2.48
N PRO A 63 3.95 2.19 3.56
CA PRO A 63 3.44 1.49 4.78
C PRO A 63 2.20 0.59 4.51
N SER A 64 2.43 -0.73 4.57
CA SER A 64 1.40 -1.74 4.33
C SER A 64 0.48 -1.86 5.56
N GLN A 65 -0.75 -1.36 5.41
CA GLN A 65 -1.80 -1.41 6.43
C GLN A 65 -3.16 -1.42 5.74
N ASP A 66 -4.16 -2.08 6.37
CA ASP A 66 -5.53 -2.23 5.82
C ASP A 66 -5.50 -2.95 4.44
N THR A 67 -4.44 -3.77 4.23
CA THR A 67 -4.13 -4.41 2.95
C THR A 67 -5.11 -5.57 2.69
N VAL A 68 -6.06 -5.32 1.78
CA VAL A 68 -7.05 -6.33 1.34
C VAL A 68 -6.36 -7.56 0.72
N ALA A 69 -6.91 -8.75 1.01
CA ALA A 69 -6.36 -10.04 0.57
C ALA A 69 -6.50 -10.19 -0.95
N THR A 70 -5.48 -9.73 -1.67
CA THR A 70 -5.41 -9.77 -3.15
C THR A 70 -4.11 -10.51 -3.55
N GLU A 71 -3.96 -11.73 -3.01
CA GLU A 71 -2.77 -12.55 -3.19
C GLU A 71 -3.03 -13.64 -4.27
N PRO A 72 -2.00 -14.01 -5.10
CA PRO A 72 -2.12 -15.15 -6.05
C PRO A 72 -2.01 -16.51 -5.31
N SER A 73 -2.10 -17.62 -6.07
CA SER A 73 -1.92 -18.97 -5.52
C SER A 73 -0.40 -19.26 -5.40
N GLU A 74 0.25 -18.57 -4.44
CA GLU A 74 1.71 -18.65 -4.25
C GLU A 74 2.04 -19.89 -3.40
N VAL A 75 2.09 -21.04 -4.08
CA VAL A 75 2.37 -22.34 -3.45
C VAL A 75 3.87 -22.66 -3.50
N GLU A 76 4.27 -23.79 -2.90
CA GLU A 76 5.63 -24.33 -3.05
C GLU A 76 5.77 -24.94 -4.46
N GLY A 77 6.56 -24.26 -5.31
CA GLY A 77 6.77 -24.67 -6.70
C GLY A 77 7.52 -25.99 -6.80
N SER A 78 6.77 -27.10 -6.75
CA SER A 78 7.31 -28.48 -6.79
C SER A 78 8.10 -28.71 -8.10
N ALA A 79 9.42 -28.49 -8.02
CA ALA A 79 10.34 -28.54 -9.16
C ALA A 79 10.87 -29.96 -9.33
N ALA A 80 9.99 -30.81 -9.87
CA ALA A 80 10.32 -32.20 -10.23
C ALA A 80 11.46 -32.22 -11.29
N ASN A 81 12.37 -33.21 -11.14
CA ASN A 81 13.59 -33.36 -11.97
C ASN A 81 13.28 -33.57 -13.47
N LYS A 82 12.03 -34.00 -13.77
CA LYS A 82 11.57 -34.19 -15.15
C LYS A 82 10.91 -32.89 -15.67
N GLU A 83 11.75 -31.89 -15.95
CA GLU A 83 11.34 -30.62 -16.56
C GLU A 83 12.33 -30.27 -17.70
N VAL A 84 11.83 -30.31 -18.94
CA VAL A 84 12.60 -29.92 -20.14
C VAL A 84 12.67 -28.38 -20.21
N LEU A 85 13.89 -27.83 -20.19
CA LEU A 85 14.10 -26.37 -20.21
C LEU A 85 13.97 -25.84 -21.65
N ALA A 86 14.31 -26.69 -22.63
CA ALA A 86 14.19 -26.37 -24.06
C ALA A 86 12.71 -26.27 -24.47
N LYS A 87 12.33 -25.15 -25.10
CA LYS A 87 10.92 -24.83 -25.40
C LYS A 87 10.42 -25.65 -26.61
N VAL A 88 9.21 -26.21 -26.48
CA VAL A 88 8.57 -27.01 -27.54
C VAL A 88 7.38 -26.22 -28.14
N ILE A 89 7.49 -24.89 -28.07
CA ILE A 89 6.51 -23.93 -28.64
C ILE A 89 7.21 -23.16 -29.80
N ASP A 90 8.15 -23.87 -30.45
CA ASP A 90 8.96 -23.35 -31.57
C ASP A 90 8.08 -23.10 -32.80
N LEU A 91 7.74 -21.81 -33.02
CA LEU A 91 6.95 -21.37 -34.20
C LEU A 91 7.86 -20.72 -35.25
N THR A 92 9.09 -20.35 -34.83
CA THR A 92 10.08 -19.65 -35.67
C THR A 92 10.84 -20.64 -36.58
N HIS A 93 10.12 -21.18 -37.56
CA HIS A 93 10.65 -22.16 -38.54
C HIS A 93 11.17 -21.42 -39.77
N ASP A 94 10.25 -20.68 -40.44
CA ASP A 94 10.56 -19.85 -41.62
C ASP A 94 10.79 -18.39 -41.16
N ASN A 95 11.54 -18.25 -40.05
CA ASN A 95 11.89 -16.96 -39.46
C ASN A 95 13.42 -16.92 -39.31
N LYS A 96 14.06 -15.93 -39.94
CA LYS A 96 15.50 -15.69 -39.81
C LYS A 96 15.81 -15.14 -38.40
N ASP A 97 17.07 -15.32 -37.93
CA ASP A 97 17.51 -14.78 -36.62
C ASP A 97 17.81 -13.28 -36.78
N ASP A 98 16.72 -12.51 -36.87
CA ASP A 98 16.75 -11.07 -37.13
C ASP A 98 15.66 -10.41 -36.28
N LEU A 99 14.37 -10.62 -36.66
CA LEU A 99 13.19 -10.15 -35.88
C LEU A 99 13.16 -10.82 -34.51
N GLN A 100 13.64 -12.08 -34.45
CA GLN A 100 13.70 -12.86 -33.22
C GLN A 100 14.61 -12.19 -32.21
N ALA A 101 15.87 -11.95 -32.61
CA ALA A 101 16.89 -11.37 -31.75
C ALA A 101 16.55 -9.92 -31.37
N ALA A 102 15.90 -9.19 -32.30
CA ALA A 102 15.49 -7.79 -32.09
C ALA A 102 14.44 -7.67 -30.96
N ILE A 103 13.30 -8.36 -31.15
CA ILE A 103 12.16 -8.30 -30.20
C ILE A 103 12.52 -8.98 -28.87
N ALA A 104 13.23 -10.13 -28.94
CA ALA A 104 13.60 -10.93 -27.75
C ALA A 104 14.59 -10.17 -26.85
N LEU A 105 15.60 -9.50 -27.47
CA LEU A 105 16.61 -8.71 -26.72
C LEU A 105 15.93 -7.47 -26.10
N SER A 106 15.04 -6.82 -26.88
CA SER A 106 14.29 -5.63 -26.45
C SER A 106 13.37 -5.95 -25.24
N LEU A 107 12.68 -7.09 -25.31
CA LEU A 107 11.70 -7.53 -24.29
C LEU A 107 12.44 -7.98 -23.02
N LEU A 108 13.48 -8.82 -23.20
CA LEU A 108 14.32 -9.35 -22.11
C LEU A 108 15.23 -8.24 -21.53
N GLU A 109 15.41 -7.13 -22.32
CA GLU A 109 16.28 -5.96 -22.01
C GLU A 109 17.69 -6.40 -21.54
N SER A 110 18.15 -7.50 -22.15
CA SER A 110 19.43 -8.16 -21.83
C SER A 110 20.05 -8.69 -23.13
N PRO A 111 21.42 -8.57 -23.30
CA PRO A 111 22.14 -9.10 -24.49
C PRO A 111 21.85 -10.58 -24.81
N LYS A 112 22.18 -10.98 -26.05
CA LYS A 112 21.94 -12.35 -26.56
C LYS A 112 22.83 -13.38 -25.84
N ILE A 113 23.91 -12.88 -25.20
CA ILE A 113 24.82 -13.68 -24.36
C ILE A 113 24.40 -13.53 -22.88
N GLN A 114 24.44 -14.63 -22.12
CA GLN A 114 24.46 -14.58 -20.64
C GLN A 114 25.91 -14.83 -20.22
N ALA A 115 26.45 -15.98 -20.71
CA ALA A 115 27.87 -16.36 -20.58
C ALA A 115 28.11 -17.63 -21.40
N ASP A 116 27.35 -18.67 -21.05
CA ASP A 116 27.46 -20.03 -21.62
C ASP A 116 27.10 -20.08 -23.13
N GLY A 117 26.41 -19.03 -23.63
CA GLY A 117 25.97 -18.95 -25.03
C GLY A 117 27.12 -18.85 -26.02
N ARG A 118 28.25 -18.26 -25.57
CA ARG A 118 29.49 -18.12 -26.34
C ARG A 118 29.29 -17.32 -27.65
N ASP A 119 28.25 -16.48 -27.67
CA ASP A 119 27.81 -15.71 -28.86
C ASP A 119 28.54 -14.34 -28.89
N LEU A 120 29.86 -14.37 -28.64
CA LEU A 120 30.72 -13.17 -28.57
C LEU A 120 30.83 -12.54 -29.97
N ASN A 121 30.02 -11.52 -30.20
CA ASN A 121 29.98 -10.76 -31.45
C ASN A 121 29.19 -9.46 -31.20
N ARG A 122 29.81 -8.33 -31.50
CA ARG A 122 29.21 -6.99 -31.37
C ARG A 122 29.81 -6.08 -32.46
N MET A 123 30.18 -6.74 -33.58
CA MET A 123 30.85 -6.11 -34.73
C MET A 123 29.80 -5.64 -35.75
N HIS A 124 30.17 -4.67 -36.61
CA HIS A 124 29.31 -4.21 -37.72
C HIS A 124 29.25 -5.29 -38.82
N GLU A 125 28.06 -5.43 -39.44
CA GLU A 125 27.85 -6.32 -40.60
C GLU A 125 28.60 -5.78 -41.85
N ALA A 126 28.89 -4.47 -41.83
CA ALA A 126 29.78 -3.81 -42.80
C ALA A 126 31.24 -3.97 -42.34
N THR A 127 32.05 -4.68 -43.13
CA THR A 127 33.50 -4.86 -42.87
C THR A 127 34.25 -3.51 -43.03
N SER A 128 33.88 -2.75 -44.07
CA SER A 128 34.41 -1.39 -44.28
C SER A 128 33.69 -0.38 -43.37
N ALA A 129 34.44 0.39 -42.58
CA ALA A 129 33.91 1.42 -41.67
C ALA A 129 33.85 2.77 -42.42
N GLN A 19 -12.59 -10.58 -25.35
CA GLN A 19 -12.44 -9.78 -24.11
C GLN A 19 -11.56 -10.51 -23.08
N MET A 20 -10.73 -11.47 -23.58
CA MET A 20 -9.89 -12.37 -22.76
C MET A 20 -8.95 -11.62 -21.80
N LEU A 21 -8.46 -10.44 -22.22
CA LEU A 21 -7.51 -9.63 -21.42
C LEU A 21 -8.15 -9.22 -20.07
N LEU A 22 -9.40 -8.72 -20.14
CA LEU A 22 -10.14 -8.23 -18.98
C LEU A 22 -10.60 -9.41 -18.12
N ASN A 23 -11.09 -10.47 -18.79
CA ASN A 23 -11.62 -11.66 -18.12
C ASN A 23 -10.52 -12.39 -17.31
N GLN A 24 -9.31 -12.49 -17.91
CA GLN A 24 -8.14 -13.13 -17.28
C GLN A 24 -7.74 -12.34 -16.02
N LEU A 25 -7.43 -11.00 -16.20
CA LEU A 25 -7.09 -10.14 -15.05
C LEU A 25 -8.16 -10.22 -13.94
N ARG A 26 -9.43 -10.00 -14.32
CA ARG A 26 -10.59 -9.95 -13.41
C ARG A 26 -10.68 -11.19 -12.52
N GLU A 27 -10.37 -12.36 -13.11
CA GLU A 27 -10.36 -13.63 -12.40
C GLU A 27 -9.20 -13.69 -11.38
N ILE A 28 -7.98 -13.40 -11.86
CA ILE A 28 -6.73 -13.58 -11.06
C ILE A 28 -6.32 -12.31 -10.25
N THR A 29 -7.16 -11.24 -10.29
CA THR A 29 -6.95 -10.01 -9.50
C THR A 29 -8.17 -9.75 -8.58
N GLY A 30 -9.37 -10.01 -9.14
CA GLY A 30 -10.63 -9.85 -8.40
C GLY A 30 -11.30 -8.51 -8.69
N ILE A 31 -10.64 -7.67 -9.51
CA ILE A 31 -11.11 -6.33 -9.86
C ILE A 31 -12.19 -6.43 -10.96
N GLN A 32 -13.40 -5.98 -10.61
CA GLN A 32 -14.55 -5.96 -11.55
C GLN A 32 -14.48 -4.73 -12.47
N ASP A 33 -13.70 -3.70 -12.04
CA ASP A 33 -13.52 -2.44 -12.79
C ASP A 33 -12.74 -2.70 -14.10
N PRO A 34 -13.40 -2.70 -15.30
CA PRO A 34 -12.75 -3.07 -16.57
C PRO A 34 -11.71 -2.01 -17.01
N SER A 35 -11.92 -0.77 -16.53
CA SER A 35 -11.01 0.37 -16.79
C SER A 35 -9.66 0.14 -16.09
N PHE A 36 -9.70 -0.35 -14.83
CA PHE A 36 -8.49 -0.62 -14.01
C PHE A 36 -7.67 -1.77 -14.64
N LEU A 37 -8.41 -2.76 -15.17
CA LEU A 37 -7.85 -3.90 -15.90
C LEU A 37 -7.17 -3.43 -17.21
N HIS A 38 -7.83 -2.47 -17.92
CA HIS A 38 -7.28 -1.86 -19.14
C HIS A 38 -5.97 -1.11 -18.84
N GLU A 39 -5.95 -0.32 -17.75
CA GLU A 39 -4.78 0.49 -17.34
C GLU A 39 -3.56 -0.39 -17.07
N ALA A 40 -3.80 -1.55 -16.46
CA ALA A 40 -2.74 -2.52 -16.14
C ALA A 40 -2.17 -3.16 -17.41
N LEU A 41 -3.10 -3.62 -18.28
CA LEU A 41 -2.79 -4.26 -19.58
C LEU A 41 -1.95 -3.31 -20.46
N LYS A 42 -2.31 -2.02 -20.42
CA LYS A 42 -1.64 -0.94 -21.19
C LYS A 42 -0.30 -0.55 -20.58
N ALA A 43 -0.23 -0.55 -19.22
CA ALA A 43 1.01 -0.21 -18.50
C ALA A 43 2.08 -1.31 -18.65
N SER A 44 1.64 -2.49 -19.10
CA SER A 44 2.51 -3.64 -19.37
C SER A 44 2.69 -3.86 -20.89
N ASN A 45 2.24 -2.88 -21.70
CA ASN A 45 2.41 -2.86 -23.19
C ASN A 45 1.62 -4.00 -23.89
N GLY A 46 0.67 -4.61 -23.16
CA GLY A 46 -0.14 -5.72 -23.67
C GLY A 46 0.17 -7.03 -22.98
N ASP A 47 1.14 -6.99 -22.04
CA ASP A 47 1.57 -8.18 -21.28
C ASP A 47 0.64 -8.46 -20.08
N ILE A 48 -0.14 -9.57 -20.19
CA ILE A 48 -1.09 -10.00 -19.13
C ILE A 48 -0.35 -10.19 -17.78
N THR A 49 0.89 -10.73 -17.84
CA THR A 49 1.68 -11.13 -16.66
C THR A 49 1.95 -9.95 -15.71
N GLN A 50 2.62 -8.90 -16.23
CA GLN A 50 2.93 -7.67 -15.46
C GLN A 50 1.66 -6.91 -15.10
N ALA A 51 0.61 -7.01 -15.94
CA ALA A 51 -0.70 -6.42 -15.64
C ALA A 51 -1.27 -7.00 -14.31
N VAL A 52 -1.17 -8.35 -14.16
CA VAL A 52 -1.57 -9.05 -12.93
C VAL A 52 -0.76 -8.52 -11.75
N SER A 53 0.57 -8.42 -11.96
CA SER A 53 1.53 -7.93 -10.95
C SER A 53 1.12 -6.56 -10.40
N LEU A 54 0.84 -5.61 -11.30
CA LEU A 54 0.49 -4.23 -10.94
C LEU A 54 -0.78 -4.19 -10.07
N LEU A 55 -1.80 -4.97 -10.48
CA LEU A 55 -3.10 -5.02 -9.77
C LEU A 55 -3.03 -5.77 -8.43
N THR A 56 -2.14 -6.76 -8.34
CA THR A 56 -1.91 -7.51 -7.09
C THR A 56 -1.03 -6.68 -6.13
N ASP A 57 -0.21 -5.79 -6.70
CA ASP A 57 0.65 -4.87 -5.90
C ASP A 57 -0.17 -3.70 -5.35
N GLU A 58 -1.41 -3.51 -5.85
CA GLU A 58 -2.34 -2.50 -5.30
C GLU A 58 -2.89 -2.95 -3.95
N ARG A 59 -3.33 -4.23 -3.85
CA ARG A 59 -3.99 -4.76 -2.64
C ARG A 59 -2.97 -4.91 -1.48
N VAL A 60 -1.75 -5.34 -1.80
CA VAL A 60 -0.65 -5.54 -0.82
C VAL A 60 0.45 -4.49 -1.08
N LYS A 61 0.01 -3.23 -1.19
CA LYS A 61 0.90 -2.11 -1.51
C LYS A 61 1.75 -1.73 -0.28
N GLU A 62 2.94 -2.34 -0.20
CA GLU A 62 3.87 -2.15 0.92
C GLU A 62 4.42 -0.69 0.98
N PRO A 63 4.43 -0.02 2.19
CA PRO A 63 3.87 -0.55 3.45
C PRO A 63 2.36 -0.23 3.61
N SER A 64 1.59 -1.18 4.18
CA SER A 64 0.15 -0.99 4.47
C SER A 64 -0.08 -0.87 6.00
N GLN A 65 0.96 -0.35 6.70
CA GLN A 65 1.01 -0.20 8.18
C GLN A 65 1.01 -1.56 8.92
N ASP A 66 1.24 -2.65 8.18
CA ASP A 66 1.17 -4.02 8.70
C ASP A 66 2.60 -4.61 8.82
N THR A 67 2.73 -5.95 8.87
CA THR A 67 4.01 -6.64 9.09
C THR A 67 4.69 -7.07 7.77
N VAL A 68 4.55 -6.24 6.71
CA VAL A 68 5.25 -6.46 5.43
C VAL A 68 6.75 -6.11 5.58
N ALA A 69 7.59 -7.15 5.79
CA ALA A 69 9.05 -6.99 5.87
C ALA A 69 9.62 -6.86 4.45
N THR A 70 9.41 -5.68 3.85
CA THR A 70 9.84 -5.37 2.48
C THR A 70 11.28 -4.84 2.46
N GLU A 71 11.96 -5.10 1.35
CA GLU A 71 13.36 -4.68 1.11
C GLU A 71 13.37 -3.37 0.32
N PRO A 72 14.40 -2.48 0.49
CA PRO A 72 14.53 -1.25 -0.33
C PRO A 72 14.90 -1.63 -1.78
N SER A 73 13.98 -1.33 -2.73
CA SER A 73 14.14 -1.68 -4.15
C SER A 73 15.51 -1.21 -4.70
N GLU A 74 16.34 -2.18 -5.15
CA GLU A 74 17.73 -1.91 -5.56
C GLU A 74 17.75 -1.17 -6.91
N VAL A 75 17.58 0.14 -6.81
CA VAL A 75 17.61 1.08 -7.92
C VAL A 75 17.78 2.49 -7.32
N GLU A 76 18.95 3.10 -7.57
CA GLU A 76 19.27 4.44 -7.07
C GLU A 76 18.49 5.50 -7.87
N GLY A 77 17.28 5.82 -7.38
CA GLY A 77 16.42 6.84 -7.99
C GLY A 77 16.67 8.22 -7.38
N SER A 78 17.95 8.61 -7.34
CA SER A 78 18.42 9.86 -6.72
C SER A 78 19.64 10.39 -7.49
N ALA A 79 19.56 11.66 -7.92
CA ALA A 79 20.68 12.36 -8.59
C ALA A 79 20.63 13.88 -8.32
N ALA A 80 19.71 14.30 -7.42
CA ALA A 80 19.52 15.72 -7.07
C ALA A 80 20.62 16.19 -6.10
N ASN A 81 21.63 16.87 -6.64
CA ASN A 81 22.74 17.44 -5.85
C ASN A 81 22.26 18.67 -5.06
N LYS A 82 22.77 18.81 -3.83
CA LYS A 82 22.44 19.94 -2.95
C LYS A 82 23.70 20.36 -2.16
N GLU A 83 24.28 21.51 -2.52
CA GLU A 83 25.46 22.06 -1.86
C GLU A 83 25.29 23.57 -1.63
N VAL A 84 25.47 24.01 -0.38
CA VAL A 84 25.45 25.43 0.00
C VAL A 84 26.80 26.06 -0.42
N LEU A 85 26.74 27.13 -1.20
CA LEU A 85 27.95 27.79 -1.77
C LEU A 85 28.52 28.87 -0.82
N ALA A 86 28.02 28.91 0.42
CA ALA A 86 28.53 29.80 1.49
C ALA A 86 29.77 29.19 2.18
N LYS A 87 30.29 29.89 3.20
CA LYS A 87 31.46 29.45 3.98
C LYS A 87 31.55 30.25 5.30
N VAL A 88 32.21 29.66 6.31
CA VAL A 88 32.42 30.28 7.65
C VAL A 88 33.90 30.67 7.84
N ILE A 89 34.54 31.08 6.73
CA ILE A 89 35.97 31.42 6.70
C ILE A 89 36.16 32.90 7.09
N ASP A 90 36.04 33.15 8.40
CA ASP A 90 36.28 34.49 8.97
C ASP A 90 37.74 34.58 9.45
N LEU A 91 38.38 35.70 9.08
CA LEU A 91 39.78 36.01 9.46
C LEU A 91 39.89 37.41 10.11
N THR A 92 38.77 38.15 10.13
CA THR A 92 38.73 39.52 10.64
C THR A 92 38.72 39.52 12.18
N HIS A 93 39.87 39.90 12.75
CA HIS A 93 40.02 40.19 14.18
C HIS A 93 40.38 41.68 14.33
N ASP A 94 39.69 42.38 15.24
CA ASP A 94 39.84 43.83 15.43
C ASP A 94 41.06 44.16 16.31
N ASN A 95 41.43 45.46 16.35
CA ASN A 95 42.54 45.95 17.18
C ASN A 95 42.10 46.08 18.65
N LYS A 96 43.06 45.88 19.57
CA LYS A 96 42.81 45.98 21.01
C LYS A 96 43.70 47.08 21.62
N ASP A 97 43.26 47.60 22.78
CA ASP A 97 43.81 48.78 23.46
C ASP A 97 45.26 48.61 23.96
N ASP A 98 45.90 47.44 23.73
CA ASP A 98 47.27 47.15 24.21
C ASP A 98 48.27 48.21 23.72
N LEU A 99 48.51 48.20 22.39
CA LEU A 99 49.50 49.11 21.75
C LEU A 99 48.92 50.53 21.54
N GLN A 100 47.58 50.64 21.49
CA GLN A 100 46.89 51.96 21.43
C GLN A 100 47.24 52.78 22.69
N ALA A 101 46.99 52.17 23.87
CA ALA A 101 47.26 52.81 25.18
C ALA A 101 48.77 52.89 25.45
N ALA A 102 49.54 51.92 24.93
CA ALA A 102 51.02 51.90 25.08
C ALA A 102 51.64 53.18 24.48
N ILE A 103 51.37 53.41 23.18
CA ILE A 103 51.91 54.57 22.44
C ILE A 103 51.31 55.89 22.98
N ALA A 104 49.98 55.88 23.23
CA ALA A 104 49.22 57.06 23.72
C ALA A 104 49.80 57.59 25.05
N LEU A 105 49.95 56.67 26.03
CA LEU A 105 50.45 57.01 27.38
C LEU A 105 51.93 57.38 27.35
N SER A 106 52.75 56.64 26.58
CA SER A 106 54.19 56.92 26.46
C SER A 106 54.46 58.30 25.80
N LEU A 107 53.55 58.72 24.91
CA LEU A 107 53.60 60.03 24.24
C LEU A 107 53.05 61.13 25.18
N LEU A 108 52.06 60.75 25.99
CA LEU A 108 51.34 61.66 26.92
C LEU A 108 52.23 62.01 28.14
N GLU A 109 53.01 61.03 28.61
CA GLU A 109 53.85 61.15 29.82
C GLU A 109 55.23 61.73 29.47
N SER A 110 56.06 61.80 30.50
CA SER A 110 57.48 62.13 30.41
C SER A 110 58.19 61.03 31.22
N PRO A 111 58.79 59.99 30.53
CA PRO A 111 59.37 58.79 31.19
C PRO A 111 60.26 59.12 32.41
N LYS A 112 60.24 58.21 33.42
CA LYS A 112 60.84 58.42 34.75
C LYS A 112 62.32 58.86 34.70
N ILE A 113 62.99 58.52 33.58
CA ILE A 113 64.39 58.88 33.31
C ILE A 113 64.43 60.38 32.84
N GLN A 114 65.37 60.76 31.93
CA GLN A 114 65.62 62.16 31.48
C GLN A 114 66.13 63.05 32.63
N ALA A 115 65.25 63.35 33.59
CA ALA A 115 65.55 64.22 34.75
C ALA A 115 65.62 63.40 36.06
N ASP A 116 64.44 62.89 36.51
CA ASP A 116 64.25 62.34 37.87
C ASP A 116 64.52 60.83 37.95
N GLY A 117 65.26 60.27 36.97
CA GLY A 117 65.56 58.83 36.95
C GLY A 117 67.04 58.56 36.76
N ARG A 118 67.53 58.91 35.55
CA ARG A 118 68.95 58.75 35.14
C ARG A 118 69.42 57.29 35.34
N ASP A 119 68.99 56.42 34.43
CA ASP A 119 69.21 54.98 34.50
C ASP A 119 69.25 54.41 33.08
N LEU A 120 70.46 54.12 32.60
CA LEU A 120 70.72 53.48 31.30
C LEU A 120 71.66 52.29 31.50
N ASN A 121 71.20 51.34 32.36
CA ASN A 121 71.96 50.13 32.70
C ASN A 121 72.08 49.21 31.47
N ARG A 122 73.21 49.41 30.77
CA ARG A 122 73.55 48.72 29.52
C ARG A 122 75.00 48.23 29.67
N MET A 123 75.85 49.18 30.11
CA MET A 123 77.24 48.92 30.48
C MET A 123 77.27 48.35 31.93
N HIS A 124 77.41 47.03 32.06
CA HIS A 124 77.41 46.35 33.36
C HIS A 124 78.83 46.29 33.94
N GLU A 125 78.93 46.40 35.26
CA GLU A 125 80.23 46.37 35.96
C GLU A 125 80.57 44.92 36.39
N ALA A 126 81.89 44.60 36.40
CA ALA A 126 82.44 43.29 36.83
C ALA A 126 81.96 42.12 35.93
N THR A 127 81.63 42.45 34.66
CA THR A 127 81.11 41.49 33.69
C THR A 127 82.21 40.48 33.27
N SER A 128 82.10 39.25 33.78
CA SER A 128 83.01 38.14 33.47
C SER A 128 82.19 36.84 33.42
N ALA A 129 82.88 35.68 33.28
CA ALA A 129 82.24 34.36 33.15
C ALA A 129 81.52 33.97 34.47
#